data_5B7B
#
_entry.id   5B7B
#
_cell.length_a   129.021
_cell.length_b   121.557
_cell.length_c   195.541
_cell.angle_alpha   90.000
_cell.angle_beta   89.790
_cell.angle_gamma   90.000
#
_symmetry.space_group_name_H-M   'C 1 2 1'
#
loop_
_entity.id
_entity.type
_entity.pdbx_description
1 polymer Nucleoprotein
2 non-polymer [4-(2-chloro-4-nitrophenyl)piperazin-1-yl](5-methyl-3-phenyl-1,2-oxazol-4-yl)methanone
#
_entity_poly.entity_id   1
_entity_poly.type   'polypeptide(L)'
_entity_poly.pdbx_seq_one_letter_code
;MATKGTKRSYEQMETDGERQNATEIRASVGKMIDGIGRFYIQMCTELKLSDYEGRLIQNSLTIERMVLSAFDERRNKYLE
EHPSAGKDPKKTGGPIYRRVDGKWRRELILYDKEEIRRIWRQANNGDDATAGLTHMMIWHSNLNDATYQRTRALVRTGMD
PRMCSLMQGSTLPRRSGAAGAAVKGVGTMVMELIRMIKRGINDRNFWRGENGRRTRIAYERMCNILKGKFQTAAQRTMVD
QVRESRNPGNAEFEDLIFLARSALILRGSVAHKSCLPACVYGSAVASGYDFEREGYSLVGIDPFRLLQNSQVYSLIRPNE
NPAHKSQLVWMACHSAAFEDLRVSSFIRGTKVVPRGKLSTRGVQIASNENMETMESSTLELRSRYWAIRTRSGGNTNQQR
ASSGQISIQPTFSVQRNLPFDRPTIMAAFTGNTEGRTSDMRTEIIRLMESARPEDVSFQGRGVFELSDEKATSPIVPSFD
MSNEGSYFFGDNAEEYDN
;
_entity_poly.pdbx_strand_id   A,B,C,D,E,F
#
# COMPACT_ATOMS: atom_id res chain seq x y z
N ASN A 21 15.04 25.18 32.77
CA ASN A 21 15.40 23.84 33.34
C ASN A 21 15.09 22.68 32.41
N ALA A 22 13.95 22.76 31.70
CA ALA A 22 13.64 21.85 30.58
C ALA A 22 14.70 22.00 29.47
N THR A 23 15.08 23.25 29.19
CA THR A 23 16.22 23.57 28.35
C THR A 23 17.58 23.11 28.93
N GLU A 24 17.70 23.09 30.27
CA GLU A 24 18.91 22.59 30.94
C GLU A 24 19.05 21.08 30.69
N ILE A 25 18.01 20.31 31.05
CA ILE A 25 17.95 18.86 30.75
C ILE A 25 18.43 18.56 29.32
N ARG A 26 17.76 19.14 28.31
CA ARG A 26 18.07 18.90 26.88
C ARG A 26 19.53 19.13 26.55
N ALA A 27 20.15 20.10 27.24
CA ALA A 27 21.57 20.39 27.05
C ALA A 27 22.48 19.26 27.54
N SER A 28 22.17 18.65 28.68
CA SER A 28 23.08 17.61 29.21
C SER A 28 22.78 16.23 28.65
N VAL A 29 21.51 16.00 28.33
CA VAL A 29 21.08 14.82 27.56
C VAL A 29 21.80 14.85 26.20
N GLY A 30 21.80 16.04 25.59
CA GLY A 30 22.44 16.29 24.31
C GLY A 30 23.94 16.09 24.34
N LYS A 31 24.57 16.51 25.44
CA LYS A 31 26.02 16.33 25.63
C LYS A 31 26.32 14.84 25.79
N MET A 32 25.44 14.13 26.51
CA MET A 32 25.53 12.68 26.66
C MET A 32 25.58 11.97 25.30
N ILE A 33 24.62 12.31 24.43
CA ILE A 33 24.51 11.82 23.04
C ILE A 33 25.77 12.14 22.19
N ASP A 34 26.12 13.44 22.15
CA ASP A 34 27.30 13.97 21.48
C ASP A 34 28.55 13.16 21.84
N GLY A 35 28.64 12.76 23.10
CA GLY A 35 29.74 11.95 23.62
C GLY A 35 29.78 10.58 23.00
N ILE A 36 28.66 9.85 23.05
CA ILE A 36 28.59 8.49 22.49
C ILE A 36 28.97 8.58 21.02
N GLY A 37 28.29 9.50 20.32
CA GLY A 37 28.58 9.81 18.94
C GLY A 37 30.05 10.03 18.66
N ARG A 38 30.67 10.97 19.39
CA ARG A 38 32.11 11.30 19.21
C ARG A 38 33.00 10.07 19.40
N PHE A 39 32.69 9.29 20.44
CA PHE A 39 33.34 8.02 20.71
C PHE A 39 33.25 7.06 19.53
N TYR A 40 32.02 6.87 19.03
CA TYR A 40 31.78 5.96 17.91
C TYR A 40 32.60 6.30 16.66
N ILE A 41 32.65 7.60 16.30
CA ILE A 41 33.47 8.09 15.18
C ILE A 41 34.95 7.72 15.39
N GLN A 42 35.42 7.81 16.64
CA GLN A 42 36.81 7.49 16.93
C GLN A 42 37.07 6.01 16.77
N MET A 43 36.06 5.19 17.03
CA MET A 43 36.17 3.74 16.84
C MET A 43 36.13 3.34 15.36
N CYS A 44 35.40 4.11 14.56
CA CYS A 44 35.40 3.93 13.10
C CYS A 44 36.67 4.42 12.39
N THR A 45 37.45 5.29 13.06
CA THR A 45 38.73 5.79 12.56
C THR A 45 39.83 4.77 12.83
N GLU A 46 39.92 4.30 14.09
CA GLU A 46 40.81 3.23 14.52
C GLU A 46 40.66 2.00 13.64
N LEU A 47 39.44 1.47 13.59
CA LEU A 47 39.14 0.23 12.86
C LEU A 47 39.07 0.42 11.33
N LYS A 48 39.23 1.66 10.89
CA LYS A 48 39.24 2.00 9.45
C LYS A 48 38.04 1.35 8.73
N LEU A 49 36.86 1.49 9.34
CA LEU A 49 35.62 1.02 8.73
C LEU A 49 35.14 2.06 7.76
N SER A 50 34.55 1.62 6.65
CA SER A 50 33.92 2.54 5.70
C SER A 50 32.63 3.06 6.32
N ASP A 51 32.03 4.06 5.67
CA ASP A 51 30.81 4.63 6.19
C ASP A 51 29.71 3.59 6.24
N TYR A 52 29.63 2.76 5.21
CA TYR A 52 28.74 1.58 5.20
C TYR A 52 28.93 0.68 6.45
N GLU A 53 30.17 0.23 6.68
CA GLU A 53 30.51 -0.70 7.77
C GLU A 53 30.20 -0.14 9.14
N GLY A 54 30.51 1.15 9.34
CA GLY A 54 30.18 1.86 10.57
C GLY A 54 28.68 1.89 10.86
N ARG A 55 27.87 1.83 9.81
CA ARG A 55 26.42 1.82 9.93
C ARG A 55 25.84 0.39 9.98
N LEU A 56 26.71 -0.62 10.16
CA LEU A 56 26.23 -1.97 10.40
C LEU A 56 25.95 -2.16 11.90
N ILE A 57 24.69 -2.41 12.23
CA ILE A 57 24.26 -2.58 13.63
C ILE A 57 25.12 -3.63 14.36
N GLN A 58 25.48 -4.69 13.65
CA GLN A 58 26.31 -5.72 14.27
C GLN A 58 27.67 -5.15 14.72
N ASN A 59 28.24 -4.27 13.89
CA ASN A 59 29.48 -3.59 14.23
C ASN A 59 29.24 -2.62 15.36
N SER A 60 28.12 -1.91 15.28
CA SER A 60 27.72 -0.99 16.33
C SER A 60 27.71 -1.70 17.67
N LEU A 61 27.07 -2.88 17.67
CA LEU A 61 26.89 -3.71 18.87
C LEU A 61 28.17 -4.19 19.53
N THR A 62 29.16 -4.55 18.71
CA THR A 62 30.44 -4.99 19.22
C THR A 62 31.21 -3.81 19.86
N ILE A 63 31.31 -2.69 19.14
CA ILE A 63 31.86 -1.43 19.66
C ILE A 63 31.24 -1.03 21.01
N GLU A 64 29.91 -1.02 21.10
CA GLU A 64 29.18 -0.78 22.37
C GLU A 64 29.55 -1.78 23.48
N ARG A 65 29.51 -3.08 23.15
CA ARG A 65 29.87 -4.17 24.05
C ARG A 65 31.34 -4.13 24.48
N MET A 66 32.19 -3.47 23.68
CA MET A 66 33.61 -3.29 24.03
C MET A 66 33.83 -2.26 25.13
N VAL A 67 33.25 -1.06 24.95
CA VAL A 67 33.34 0.04 25.93
C VAL A 67 32.62 -0.29 27.25
N LEU A 68 31.51 -1.02 27.16
CA LEU A 68 30.83 -1.46 28.36
C LEU A 68 31.69 -2.45 29.13
N SER A 69 32.34 -3.38 28.41
CA SER A 69 33.27 -4.33 29.02
C SER A 69 34.51 -3.67 29.64
N ALA A 70 35.08 -2.69 28.90
CA ALA A 70 36.21 -1.87 29.35
C ALA A 70 36.06 -1.22 30.71
N PHE A 71 34.83 -0.87 31.10
CA PHE A 71 34.55 -0.20 32.37
C PHE A 71 33.91 -1.10 33.41
N ASP A 72 33.83 -2.40 33.13
CA ASP A 72 33.32 -3.36 34.12
C ASP A 72 34.40 -3.69 35.15
N THR A 92 39.77 -6.77 25.91
CA THR A 92 38.39 -6.84 25.38
C THR A 92 38.28 -6.70 23.86
N GLY A 93 37.17 -7.18 23.30
CA GLY A 93 36.93 -7.12 21.84
C GLY A 93 35.65 -7.77 21.35
N GLY A 94 35.75 -8.40 20.17
CA GLY A 94 34.63 -9.10 19.54
C GLY A 94 34.59 -8.94 18.02
N PRO A 95 33.54 -9.49 17.36
CA PRO A 95 33.51 -9.61 15.90
C PRO A 95 33.24 -8.28 15.20
N ILE A 96 34.10 -7.91 14.26
CA ILE A 96 33.90 -6.73 13.41
C ILE A 96 33.75 -7.19 11.98
N TYR A 97 32.72 -6.70 11.30
CA TYR A 97 32.38 -7.19 9.96
C TYR A 97 32.75 -6.22 8.84
N ARG A 98 33.65 -6.64 7.96
CA ARG A 98 34.02 -5.84 6.79
C ARG A 98 33.42 -6.43 5.52
N ARG A 99 33.09 -5.55 4.56
CA ARG A 99 32.64 -5.98 3.22
C ARG A 99 33.85 -6.01 2.27
N VAL A 100 34.28 -7.21 1.88
CA VAL A 100 35.47 -7.38 1.03
C VAL A 100 35.18 -8.29 -0.18
N ASP A 101 35.40 -7.75 -1.39
CA ASP A 101 35.08 -8.41 -2.67
C ASP A 101 33.61 -8.82 -2.74
N GLY A 102 32.74 -7.91 -2.28
CA GLY A 102 31.28 -8.13 -2.28
C GLY A 102 30.72 -9.10 -1.25
N LYS A 103 31.60 -9.69 -0.43
CA LYS A 103 31.21 -10.62 0.63
C LYS A 103 31.45 -10.05 2.04
N TRP A 104 30.79 -10.64 3.02
CA TRP A 104 30.90 -10.19 4.41
C TRP A 104 31.87 -11.02 5.21
N ARG A 105 32.97 -10.39 5.59
CA ARG A 105 34.02 -11.07 6.35
C ARG A 105 33.88 -10.74 7.81
N ARG A 106 33.74 -11.77 8.64
CA ARG A 106 33.95 -11.60 10.09
C ARG A 106 35.42 -11.74 10.48
N GLU A 107 35.94 -10.73 11.16
CA GLU A 107 37.17 -10.87 11.93
C GLU A 107 36.86 -10.74 13.42
N LEU A 108 37.85 -11.06 14.25
CA LEU A 108 37.70 -11.06 15.71
C LEU A 108 38.81 -10.20 16.32
N ILE A 109 38.52 -8.93 16.58
CA ILE A 109 39.53 -7.95 17.07
C ILE A 109 39.69 -7.94 18.59
N LEU A 110 40.87 -7.49 19.04
CA LEU A 110 41.17 -7.32 20.48
C LEU A 110 41.82 -5.98 20.78
N TYR A 111 41.59 -5.51 22.01
CA TYR A 111 42.03 -4.18 22.47
C TYR A 111 42.22 -4.20 23.97
N ASP A 112 43.04 -3.26 24.44
CA ASP A 112 43.25 -3.06 25.87
C ASP A 112 42.06 -2.29 26.37
N LYS A 113 41.54 -2.72 27.52
CA LYS A 113 40.49 -1.96 28.18
C LYS A 113 40.98 -0.56 28.48
N GLU A 114 42.27 -0.43 28.79
CA GLU A 114 42.91 0.85 29.07
C GLU A 114 42.85 1.83 27.91
N GLU A 115 43.01 1.35 26.67
CA GLU A 115 42.99 2.25 25.50
C GLU A 115 41.57 2.76 25.24
N ILE A 116 40.62 1.82 25.24
CA ILE A 116 39.20 2.12 25.08
C ILE A 116 38.70 3.10 26.15
N ARG A 117 39.04 2.83 27.41
CA ARG A 117 38.68 3.71 28.52
C ARG A 117 39.23 5.14 28.35
N ARG A 118 40.38 5.28 27.70
CA ARG A 118 40.95 6.58 27.41
C ARG A 118 40.22 7.24 26.24
N ILE A 119 39.86 6.45 25.23
CA ILE A 119 39.17 6.98 24.03
C ILE A 119 37.81 7.52 24.47
N TRP A 120 37.16 6.78 25.38
CA TRP A 120 35.86 7.15 25.94
C TRP A 120 35.92 8.48 26.64
N ARG A 121 36.93 8.64 27.49
CA ARG A 121 37.17 9.90 28.19
C ARG A 121 37.47 11.05 27.20
N GLN A 122 38.27 10.76 26.17
CA GLN A 122 38.64 11.76 25.17
C GLN A 122 37.42 12.27 24.41
N ALA A 123 36.54 11.34 24.06
CA ALA A 123 35.36 11.67 23.32
C ALA A 123 34.32 12.38 24.18
N ASN A 124 34.24 11.98 25.46
CA ASN A 124 33.38 12.67 26.44
C ASN A 124 34.07 13.84 27.14
N ASN A 125 35.19 14.28 26.56
CA ASN A 125 35.86 15.52 26.91
C ASN A 125 36.34 15.49 28.36
N GLY A 126 37.29 14.59 28.62
CA GLY A 126 37.86 14.42 29.95
C GLY A 126 37.06 13.48 30.85
N ASP A 127 35.76 13.74 30.96
CA ASP A 127 34.84 13.00 31.85
C ASP A 127 34.74 11.48 31.60
N ASP A 128 34.52 10.74 32.69
CA ASP A 128 34.16 9.32 32.61
C ASP A 128 32.71 9.15 32.12
N ALA A 129 31.85 10.15 32.40
CA ALA A 129 30.49 10.29 31.81
C ALA A 129 29.65 8.99 31.77
N THR A 130 29.31 8.54 32.98
CA THR A 130 28.63 7.27 33.20
C THR A 130 27.21 7.21 32.61
N ALA A 131 26.60 8.39 32.40
CA ALA A 131 25.28 8.51 31.78
C ALA A 131 25.29 7.84 30.41
N GLY A 132 26.31 8.15 29.62
CA GLY A 132 26.51 7.60 28.29
C GLY A 132 26.61 6.09 28.30
N LEU A 133 27.30 5.53 29.31
CA LEU A 133 27.46 4.08 29.44
C LEU A 133 26.10 3.43 29.68
N THR A 134 25.40 3.93 30.70
CA THR A 134 24.02 3.56 31.03
C THR A 134 23.06 3.63 29.83
N HIS A 135 23.15 4.70 29.04
CA HIS A 135 22.33 4.84 27.82
C HIS A 135 22.43 3.62 26.91
N MET A 136 23.66 3.21 26.63
CA MET A 136 23.95 2.06 25.82
C MET A 136 23.49 0.75 26.45
N MET A 137 23.56 0.68 27.79
CA MET A 137 23.07 -0.46 28.55
C MET A 137 21.57 -0.59 28.39
N ILE A 138 20.86 0.54 28.41
CA ILE A 138 19.41 0.53 28.22
C ILE A 138 19.04 0.09 26.79
N TRP A 139 19.73 0.61 25.78
CA TRP A 139 19.52 0.18 24.40
C TRP A 139 19.67 -1.34 24.30
N HIS A 140 20.73 -1.87 24.92
CA HIS A 140 20.98 -3.30 24.98
C HIS A 140 19.81 -4.08 25.61
N SER A 141 19.38 -3.66 26.81
CA SER A 141 18.24 -4.29 27.48
C SER A 141 16.98 -4.23 26.66
N ASN A 142 16.70 -3.08 26.06
CA ASN A 142 15.56 -2.90 25.18
C ASN A 142 15.61 -3.91 24.03
N LEU A 143 16.79 -4.07 23.42
CA LEU A 143 17.05 -5.09 22.40
C LEU A 143 16.82 -6.51 22.92
N ASN A 144 17.34 -6.82 24.12
CA ASN A 144 17.02 -8.09 24.79
C ASN A 144 15.55 -8.35 24.99
N ASP A 145 14.83 -7.39 25.61
CA ASP A 145 13.41 -7.51 25.95
C ASP A 145 12.58 -7.88 24.72
N ALA A 146 13.04 -7.46 23.55
CA ALA A 146 12.37 -7.71 22.26
C ALA A 146 12.87 -8.97 21.55
N THR A 147 14.07 -9.41 21.89
CA THR A 147 14.65 -10.58 21.27
C THR A 147 14.27 -11.88 22.00
N TYR A 148 14.62 -11.96 23.29
CA TYR A 148 14.45 -13.19 24.06
C TYR A 148 13.24 -13.18 24.97
N GLN A 149 12.46 -14.28 24.92
CA GLN A 149 11.42 -14.57 25.90
C GLN A 149 12.12 -15.11 27.14
N ARG A 150 11.79 -14.55 28.31
CA ARG A 150 12.52 -14.85 29.56
C ARG A 150 11.85 -15.92 30.44
N THR A 151 11.17 -16.85 29.77
CA THR A 151 10.28 -17.86 30.40
C THR A 151 11.01 -18.85 31.29
N ARG A 152 12.06 -19.48 30.77
CA ARG A 152 12.86 -20.45 31.56
C ARG A 152 13.40 -19.83 32.87
N ALA A 153 13.78 -18.56 32.83
CA ALA A 153 14.30 -17.81 33.98
C ALA A 153 13.20 -17.44 34.97
N LEU A 154 11.97 -17.36 34.48
CA LEU A 154 10.81 -17.10 35.32
C LEU A 154 10.39 -18.29 36.19
N VAL A 155 10.32 -19.49 35.60
CA VAL A 155 9.97 -20.70 36.36
C VAL A 155 11.06 -21.03 37.36
N ARG A 156 12.30 -20.77 36.96
CA ARG A 156 13.46 -20.90 37.84
C ARG A 156 13.31 -20.08 39.12
N THR A 157 12.58 -18.96 39.05
CA THR A 157 12.32 -18.08 40.22
C THR A 157 10.99 -18.40 40.91
N GLY A 158 10.29 -19.42 40.42
CA GLY A 158 8.97 -19.75 40.95
C GLY A 158 7.94 -18.65 40.71
N MET A 159 8.01 -18.03 39.54
CA MET A 159 7.05 -17.03 39.11
C MET A 159 6.25 -17.57 37.91
N ASP A 160 5.18 -16.86 37.54
CA ASP A 160 4.30 -17.29 36.46
C ASP A 160 4.98 -17.06 35.11
N PRO A 161 5.17 -18.13 34.30
CA PRO A 161 5.82 -17.99 32.98
C PRO A 161 5.16 -17.02 31.98
N ARG A 162 3.95 -16.55 32.30
CA ARG A 162 3.16 -15.65 31.43
C ARG A 162 3.25 -14.19 31.85
N MET A 163 4.19 -13.89 32.75
CA MET A 163 4.34 -12.55 33.29
C MET A 163 5.28 -11.65 32.48
N CYS A 164 5.63 -12.06 31.26
CA CYS A 164 6.77 -11.41 30.57
C CYS A 164 6.58 -9.93 30.21
N SER A 165 5.33 -9.46 30.25
CA SER A 165 5.04 -8.02 30.06
C SER A 165 5.56 -7.14 31.21
N LEU A 166 5.78 -7.74 32.38
CA LEU A 166 6.28 -7.04 33.56
C LEU A 166 7.81 -7.04 33.62
N MET A 167 8.43 -7.68 32.63
CA MET A 167 9.85 -8.03 32.66
C MET A 167 10.84 -7.14 31.95
N GLN A 168 10.38 -5.97 31.50
CA GLN A 168 11.25 -4.99 30.86
C GLN A 168 12.41 -4.71 31.78
N GLY A 169 13.63 -4.83 31.27
CA GLY A 169 14.80 -4.46 32.05
C GLY A 169 15.44 -5.59 32.82
N SER A 170 14.87 -6.79 32.70
CA SER A 170 15.37 -7.97 33.40
C SER A 170 16.85 -8.33 33.13
N THR A 171 17.33 -8.17 31.90
CA THR A 171 18.73 -8.51 31.61
C THR A 171 19.69 -7.40 31.97
N LEU A 172 19.18 -6.27 32.46
CA LEU A 172 20.01 -5.15 32.91
C LEU A 172 20.71 -5.52 34.22
N PRO A 173 21.94 -5.02 34.45
CA PRO A 173 22.57 -5.29 35.76
C PRO A 173 22.01 -4.43 36.89
N ARG A 174 22.08 -4.93 38.14
CA ARG A 174 21.79 -4.14 39.35
C ARG A 174 22.78 -2.97 39.54
N ARG A 175 23.91 -3.04 38.83
CA ARG A 175 24.92 -1.99 38.78
C ARG A 175 24.60 -0.90 37.72
N SER A 176 23.29 -0.68 37.49
CA SER A 176 22.78 0.42 36.63
C SER A 176 22.31 1.63 37.46
N GLY A 177 22.21 2.79 36.83
CA GLY A 177 22.01 4.04 37.55
C GLY A 177 20.62 4.24 38.10
N ALA A 178 20.28 5.50 38.40
CA ALA A 178 18.88 5.87 38.63
C ALA A 178 18.06 5.54 37.37
N ALA A 179 18.65 5.85 36.20
CA ALA A 179 18.03 5.61 34.89
C ALA A 179 17.76 4.13 34.64
N GLY A 180 18.68 3.29 35.15
CA GLY A 180 18.52 1.84 35.13
C GLY A 180 17.25 1.44 35.87
N ALA A 181 17.14 1.82 37.14
CA ALA A 181 15.98 1.47 37.94
C ALA A 181 14.67 1.99 37.35
N ALA A 182 14.69 3.22 36.83
CA ALA A 182 13.52 3.79 36.16
C ALA A 182 12.95 2.82 35.14
N VAL A 183 13.85 2.26 34.34
CA VAL A 183 13.50 1.43 33.20
C VAL A 183 13.07 0.00 33.57
N LYS A 184 13.45 -0.50 34.75
CA LYS A 184 13.10 -1.87 35.15
C LYS A 184 11.60 -1.96 35.45
N GLY A 185 10.97 -3.02 34.95
CA GLY A 185 9.56 -3.28 35.18
C GLY A 185 9.32 -3.90 36.54
N VAL A 186 8.07 -3.85 36.99
CA VAL A 186 7.64 -4.41 38.27
C VAL A 186 8.18 -5.85 38.44
N GLY A 187 8.01 -6.66 37.38
CA GLY A 187 8.40 -8.07 37.39
C GLY A 187 9.87 -8.26 37.68
N THR A 188 10.70 -7.54 36.93
CA THR A 188 12.14 -7.47 37.14
C THR A 188 12.49 -7.17 38.60
N MET A 189 11.84 -6.16 39.15
CA MET A 189 11.98 -5.82 40.56
C MET A 189 11.58 -6.98 41.47
N VAL A 190 10.46 -7.63 41.16
CA VAL A 190 9.92 -8.74 42.00
C VAL A 190 10.84 -9.97 41.97
N MET A 191 11.31 -10.29 40.77
CA MET A 191 12.28 -11.35 40.54
C MET A 191 13.57 -11.14 41.35
N GLU A 192 14.06 -9.90 41.40
CA GLU A 192 15.31 -9.54 42.08
C GLU A 192 15.18 -9.69 43.60
N LEU A 193 14.04 -9.28 44.15
CA LEU A 193 13.73 -9.46 45.57
C LEU A 193 13.46 -10.92 45.94
N ILE A 194 12.89 -11.70 45.01
CA ILE A 194 12.65 -13.12 45.25
C ILE A 194 13.98 -13.85 45.31
N ARG A 195 14.84 -13.64 44.31
CA ARG A 195 16.21 -14.17 44.33
C ARG A 195 16.90 -13.97 45.69
N MET A 196 16.68 -12.81 46.30
CA MET A 196 17.24 -12.50 47.62
C MET A 196 16.58 -13.26 48.79
N ILE A 197 15.25 -13.35 48.78
CA ILE A 197 14.51 -14.15 49.75
C ILE A 197 14.86 -15.65 49.62
N LYS A 198 14.88 -16.16 48.39
CA LYS A 198 15.25 -17.58 48.08
C LYS A 198 16.67 -17.94 48.54
N ARG A 199 17.60 -16.98 48.40
CA ARG A 199 18.94 -17.07 49.00
C ARG A 199 18.92 -16.90 50.52
N GLY A 200 17.86 -16.29 51.05
CA GLY A 200 17.67 -16.11 52.50
C GLY A 200 17.55 -17.39 53.29
N ILE A 201 16.84 -18.38 52.74
CA ILE A 201 16.87 -19.76 53.26
C ILE A 201 17.86 -20.65 52.50
N ASN A 202 18.54 -20.06 51.52
CA ASN A 202 19.65 -20.68 50.77
C ASN A 202 19.22 -21.73 49.73
N ARG A 213 23.26 -7.15 57.25
CA ARG A 213 24.44 -6.31 57.13
C ARG A 213 24.23 -5.18 56.14
N ARG A 214 24.89 -5.27 54.99
CA ARG A 214 24.81 -4.28 53.92
C ARG A 214 23.76 -4.68 52.88
N THR A 215 23.46 -5.98 52.82
CA THR A 215 22.43 -6.51 51.92
C THR A 215 20.99 -6.30 52.46
N ARG A 216 20.90 -5.70 53.66
CA ARG A 216 19.63 -5.32 54.25
C ARG A 216 19.12 -4.04 53.63
N ILE A 217 20.02 -3.09 53.39
CA ILE A 217 19.68 -1.86 52.66
C ILE A 217 19.40 -2.20 51.20
N ALA A 218 20.21 -3.09 50.61
CA ALA A 218 20.02 -3.58 49.24
C ALA A 218 18.62 -4.21 48.99
N TYR A 219 18.04 -4.80 50.03
CA TYR A 219 16.71 -5.41 49.98
C TYR A 219 15.63 -4.36 50.23
N GLU A 220 15.96 -3.38 51.05
CA GLU A 220 15.01 -2.34 51.41
C GLU A 220 14.92 -1.27 50.32
N ARG A 221 16.05 -0.95 49.70
CA ARG A 221 16.12 0.03 48.61
C ARG A 221 15.37 -0.50 47.38
N MET A 222 15.62 -1.75 47.04
CA MET A 222 14.88 -2.43 45.96
C MET A 222 13.39 -2.51 46.28
N CYS A 223 13.05 -2.81 47.53
CA CYS A 223 11.66 -2.67 48.01
C CYS A 223 11.06 -1.27 47.73
N ASN A 224 11.81 -0.24 48.12
CA ASN A 224 11.44 1.14 47.87
C ASN A 224 11.19 1.39 46.40
N ILE A 225 12.17 1.07 45.54
CA ILE A 225 12.03 1.28 44.09
C ILE A 225 10.71 0.68 43.61
N LEU A 226 10.42 -0.56 44.01
CA LEU A 226 9.20 -1.27 43.63
C LEU A 226 7.95 -0.53 44.09
N LYS A 227 7.95 -0.05 45.33
CA LYS A 227 6.82 0.74 45.88
C LYS A 227 6.62 1.97 45.00
N GLY A 228 7.74 2.58 44.61
CA GLY A 228 7.79 3.77 43.76
C GLY A 228 7.17 3.57 42.40
N LYS A 229 7.06 2.30 41.99
CA LYS A 229 6.46 1.97 40.70
C LYS A 229 4.94 1.88 40.76
N PHE A 230 4.41 1.43 41.90
CA PHE A 230 2.96 1.27 42.05
C PHE A 230 2.19 2.58 42.17
N GLN A 231 1.02 2.61 41.53
CA GLN A 231 0.13 3.79 41.54
C GLN A 231 -0.92 3.76 42.68
N THR A 232 -1.58 2.62 42.86
CA THR A 232 -2.63 2.48 43.90
C THR A 232 -2.07 2.55 45.32
N ALA A 233 -2.85 3.19 46.19
CA ALA A 233 -2.59 3.27 47.63
C ALA A 233 -2.28 1.89 48.20
N ALA A 234 -3.16 0.92 47.89
CA ALA A 234 -3.12 -0.43 48.43
C ALA A 234 -1.82 -1.19 48.11
N GLN A 235 -1.50 -1.26 46.81
CA GLN A 235 -0.26 -1.90 46.36
C GLN A 235 0.96 -1.30 47.06
N ARG A 236 1.03 0.03 47.19
CA ARG A 236 2.15 0.71 47.87
C ARG A 236 2.31 0.23 49.32
N THR A 237 1.20 0.16 50.05
CA THR A 237 1.19 -0.35 51.43
C THR A 237 1.68 -1.79 51.55
N MET A 238 1.24 -2.65 50.64
CA MET A 238 1.68 -4.04 50.62
C MET A 238 3.20 -4.15 50.53
N VAL A 239 3.81 -3.26 49.75
CA VAL A 239 5.26 -3.28 49.57
C VAL A 239 5.95 -2.98 50.91
N ASP A 240 5.40 -2.01 51.68
CA ASP A 240 5.88 -1.69 53.04
C ASP A 240 5.94 -2.92 53.95
N GLN A 241 4.84 -3.67 54.05
CA GLN A 241 4.77 -4.94 54.81
C GLN A 241 5.90 -5.90 54.42
N VAL A 242 6.22 -5.97 53.13
CA VAL A 242 7.31 -6.82 52.64
C VAL A 242 8.66 -6.21 53.02
N ARG A 243 8.78 -4.88 52.95
CA ARG A 243 10.01 -4.19 53.35
C ARG A 243 10.29 -4.37 54.85
N GLU A 244 9.27 -4.15 55.67
CA GLU A 244 9.37 -4.13 57.14
C GLU A 244 9.63 -5.49 57.80
N SER A 245 9.36 -6.57 57.07
CA SER A 245 9.65 -7.93 57.53
C SER A 245 11.14 -8.17 57.77
N ARG A 246 11.48 -8.42 59.05
CA ARG A 246 12.88 -8.67 59.49
C ARG A 246 13.44 -10.05 59.13
N ASN A 247 12.57 -11.06 59.02
CA ASN A 247 12.94 -12.40 58.52
C ASN A 247 12.08 -12.80 57.29
N PRO A 248 12.52 -12.45 56.06
CA PRO A 248 11.67 -12.61 54.88
C PRO A 248 11.49 -14.06 54.43
N GLY A 249 10.39 -14.67 54.86
CA GLY A 249 10.14 -16.09 54.70
C GLY A 249 9.44 -16.42 53.39
N ASN A 250 8.58 -17.43 53.45
CA ASN A 250 7.79 -17.85 52.30
C ASN A 250 6.63 -16.89 52.05
N ALA A 251 6.04 -16.35 53.12
CA ALA A 251 4.87 -15.46 53.04
C ALA A 251 5.21 -14.19 52.26
N GLU A 252 6.40 -13.64 52.52
CA GLU A 252 6.93 -12.49 51.80
C GLU A 252 7.03 -12.79 50.31
N PHE A 253 7.46 -14.00 49.99
CA PHE A 253 7.56 -14.49 48.61
C PHE A 253 6.20 -14.47 47.93
N GLU A 254 5.19 -14.97 48.65
CA GLU A 254 3.80 -15.06 48.14
C GLU A 254 3.22 -13.68 47.82
N ASP A 255 3.48 -12.73 48.72
CA ASP A 255 3.03 -11.36 48.57
C ASP A 255 3.62 -10.74 47.31
N LEU A 256 4.91 -10.99 47.08
CA LEU A 256 5.59 -10.50 45.88
C LEU A 256 5.01 -11.13 44.62
N ILE A 257 4.78 -12.45 44.67
CA ILE A 257 4.15 -13.16 43.57
C ILE A 257 2.77 -12.56 43.32
N PHE A 258 2.04 -12.31 44.41
CA PHE A 258 0.71 -11.69 44.35
C PHE A 258 0.75 -10.30 43.77
N LEU A 259 1.75 -9.49 44.16
CA LEU A 259 1.90 -8.10 43.69
C LEU A 259 2.24 -8.07 42.21
N ALA A 260 3.14 -8.96 41.82
CA ALA A 260 3.51 -9.17 40.43
C ALA A 260 2.27 -9.40 39.57
N ARG A 261 1.43 -10.35 39.99
CA ARG A 261 0.20 -10.68 39.28
C ARG A 261 -0.75 -9.47 39.22
N SER A 262 -0.87 -8.74 40.35
CA SER A 262 -1.72 -7.54 40.40
C SER A 262 -1.30 -6.49 39.38
N ALA A 263 0.01 -6.39 39.18
CA ALA A 263 0.59 -5.43 38.25
C ALA A 263 0.31 -5.77 36.77
N LEU A 264 -0.33 -6.90 36.48
CA LEU A 264 -0.80 -7.13 35.13
C LEU A 264 -2.06 -6.31 34.90
N ILE A 265 -2.84 -6.07 35.95
CA ILE A 265 -4.13 -5.36 35.81
C ILE A 265 -3.98 -3.95 36.33
N LEU A 266 -3.60 -3.81 37.60
CA LEU A 266 -3.23 -2.51 38.17
C LEU A 266 -1.74 -2.25 37.90
N ARG A 267 -1.46 -1.78 36.68
CA ARG A 267 -0.11 -1.74 36.10
C ARG A 267 0.86 -0.80 36.83
N GLY A 268 2.16 -1.06 36.67
CA GLY A 268 3.20 -0.22 37.30
C GLY A 268 3.70 0.94 36.46
N SER A 269 4.10 2.03 37.12
CA SER A 269 4.74 3.14 36.45
C SER A 269 6.15 2.68 36.14
N VAL A 270 6.47 2.62 34.85
CA VAL A 270 7.76 2.13 34.33
C VAL A 270 8.27 3.05 33.22
N ALA A 271 9.50 3.55 33.35
CA ALA A 271 10.09 4.45 32.32
C ALA A 271 10.30 3.79 30.96
N HIS A 272 10.01 4.55 29.90
CA HIS A 272 10.30 4.13 28.52
C HIS A 272 11.16 5.17 27.85
N LYS A 273 12.34 4.71 27.42
CA LYS A 273 13.31 5.59 26.81
C LYS A 273 13.72 5.05 25.45
N SER A 274 13.74 5.93 24.45
CA SER A 274 14.23 5.60 23.12
C SER A 274 15.76 5.75 23.05
N CYS A 275 16.42 4.60 23.19
CA CYS A 275 17.86 4.54 23.16
C CYS A 275 18.25 3.74 21.92
N LEU A 276 19.00 4.41 21.04
CA LEU A 276 19.34 3.92 19.69
C LEU A 276 20.77 3.39 19.61
N PRO A 277 21.08 2.51 18.61
CA PRO A 277 22.47 2.04 18.52
C PRO A 277 23.44 3.21 18.35
N ALA A 278 24.59 3.11 19.01
CA ALA A 278 25.61 4.15 18.99
C ALA A 278 25.91 4.69 17.58
N CYS A 279 25.90 3.77 16.60
CA CYS A 279 26.16 4.13 15.22
C CYS A 279 25.20 5.18 14.71
N VAL A 280 24.02 5.27 15.30
CA VAL A 280 23.03 6.25 14.85
C VAL A 280 23.55 7.62 15.20
N TYR A 281 23.99 7.73 16.45
CA TYR A 281 24.50 8.96 17.03
C TYR A 281 25.80 9.43 16.35
N GLY A 282 26.72 8.47 16.17
CA GLY A 282 28.02 8.69 15.52
C GLY A 282 27.86 9.25 14.12
N SER A 283 26.86 8.72 13.40
CA SER A 283 26.50 9.21 12.09
C SER A 283 26.00 10.64 12.15
N ALA A 284 25.16 10.96 13.12
CA ALA A 284 24.65 12.31 13.28
C ALA A 284 25.77 13.31 13.63
N VAL A 285 26.67 12.88 14.53
CA VAL A 285 27.78 13.72 14.99
C VAL A 285 28.75 13.99 13.82
N ALA A 286 29.15 12.94 13.12
CA ALA A 286 29.91 13.05 11.87
C ALA A 286 29.28 13.98 10.77
N SER A 287 27.95 14.10 10.76
CA SER A 287 27.25 15.03 9.86
C SER A 287 27.34 16.48 10.31
N GLY A 288 28.03 16.70 11.43
CA GLY A 288 28.25 18.03 11.96
C GLY A 288 27.21 18.45 12.98
N TYR A 289 26.25 17.58 13.29
CA TYR A 289 25.11 17.92 14.18
C TYR A 289 25.50 18.28 15.62
N ASP A 290 25.00 19.43 16.10
CA ASP A 290 25.33 19.88 17.45
C ASP A 290 24.29 19.46 18.51
N PHE A 291 24.55 18.31 19.16
CA PHE A 291 23.59 17.75 20.11
C PHE A 291 23.49 18.55 21.37
N GLU A 292 24.63 19.06 21.84
CA GLU A 292 24.61 20.01 22.96
C GLU A 292 23.85 21.30 22.66
N ARG A 293 24.25 22.04 21.61
CA ARG A 293 23.54 23.30 21.23
C ARG A 293 22.06 23.10 20.82
N GLU A 294 21.75 22.00 20.13
CA GLU A 294 20.36 21.70 19.72
C GLU A 294 19.51 21.15 20.85
N GLY A 295 20.18 20.53 21.81
CA GLY A 295 19.49 19.76 22.85
C GLY A 295 18.88 18.47 22.31
N TYR A 296 18.45 17.60 23.22
CA TYR A 296 17.92 16.27 22.87
C TYR A 296 17.13 15.66 24.04
N SER A 297 16.15 14.84 23.71
CA SER A 297 15.23 14.22 24.68
C SER A 297 15.04 12.74 24.34
N LEU A 298 14.97 11.88 25.35
CA LEU A 298 14.79 10.44 25.12
C LEU A 298 13.34 10.01 24.90
N VAL A 299 12.41 10.87 25.30
CA VAL A 299 10.98 10.56 25.36
C VAL A 299 10.12 11.39 24.41
N GLY A 300 10.74 12.37 23.75
CA GLY A 300 10.06 13.29 22.83
C GLY A 300 10.26 12.92 21.37
N ILE A 301 10.30 13.93 20.50
CA ILE A 301 10.35 13.73 19.05
C ILE A 301 11.75 13.38 18.56
N ASP A 302 12.76 13.90 19.25
CA ASP A 302 14.17 13.77 18.87
C ASP A 302 14.52 12.40 18.30
N PRO A 303 14.32 11.29 19.06
CA PRO A 303 14.70 9.96 18.55
C PRO A 303 13.97 9.51 17.28
N PHE A 304 12.67 9.85 17.18
CA PHE A 304 11.87 9.64 15.95
C PHE A 304 12.43 10.44 14.76
N ARG A 305 12.74 11.71 15.03
CA ARG A 305 13.27 12.63 14.04
C ARG A 305 14.64 12.15 13.56
N LEU A 306 15.40 11.60 14.49
CA LEU A 306 16.74 11.15 14.22
C LEU A 306 16.71 9.87 13.42
N LEU A 307 15.71 9.02 13.66
CA LEU A 307 15.58 7.76 12.89
C LEU A 307 15.02 7.95 11.48
N GLN A 308 14.38 9.10 11.23
CA GLN A 308 13.82 9.39 9.91
C GLN A 308 14.85 9.56 8.81
N ASN A 309 16.03 10.03 9.19
CA ASN A 309 17.08 10.45 8.25
C ASN A 309 18.33 9.64 8.48
N SER A 310 18.27 8.76 9.46
CA SER A 310 19.39 7.88 9.72
C SER A 310 19.40 6.73 8.73
N GLN A 311 20.43 5.88 8.85
CA GLN A 311 20.61 4.76 7.97
C GLN A 311 21.45 3.72 8.70
N VAL A 312 20.80 2.59 8.98
CA VAL A 312 21.46 1.46 9.60
C VAL A 312 21.22 0.25 8.72
N TYR A 313 22.25 -0.58 8.61
CA TYR A 313 22.16 -1.85 7.89
C TYR A 313 22.37 -3.01 8.88
N SER A 314 21.78 -4.15 8.59
CA SER A 314 21.98 -5.38 9.35
C SER A 314 22.42 -6.55 8.48
N LEU A 315 23.35 -7.37 8.98
CA LEU A 315 23.57 -8.69 8.42
C LEU A 315 22.29 -9.52 8.60
N ILE A 316 21.89 -10.22 7.54
CA ILE A 316 20.67 -11.01 7.54
C ILE A 316 20.95 -12.45 7.04
N ARG A 317 20.56 -13.44 7.85
CA ARG A 317 20.68 -14.87 7.52
C ARG A 317 19.80 -15.29 6.35
N PRO A 318 20.30 -16.20 5.48
CA PRO A 318 19.62 -16.52 4.21
C PRO A 318 18.11 -16.76 4.35
N ASN A 319 17.73 -17.60 5.31
CA ASN A 319 16.33 -17.94 5.59
C ASN A 319 15.44 -16.77 6.04
N GLU A 320 16.05 -15.70 6.59
CA GLU A 320 15.34 -14.57 7.25
C GLU A 320 14.67 -13.55 6.30
N ASN A 321 13.55 -12.98 6.76
CA ASN A 321 12.85 -11.88 6.07
C ASN A 321 13.31 -10.51 6.64
N PRO A 322 13.95 -9.65 5.79
CA PRO A 322 14.47 -8.33 6.25
C PRO A 322 13.46 -7.47 6.97
N ALA A 323 12.31 -7.21 6.39
CA ALA A 323 11.27 -6.37 7.03
C ALA A 323 10.93 -6.77 8.47
N HIS A 324 11.24 -8.03 8.82
CA HIS A 324 11.05 -8.56 10.15
C HIS A 324 12.21 -8.16 11.10
N LYS A 325 13.44 -8.26 10.60
CA LYS A 325 14.64 -7.85 11.34
C LYS A 325 14.52 -6.37 11.58
N SER A 326 13.94 -5.68 10.62
CA SER A 326 13.63 -4.26 10.75
C SER A 326 12.73 -4.01 11.92
N GLN A 327 11.69 -4.83 12.06
CA GLN A 327 10.65 -4.70 13.08
C GLN A 327 11.24 -4.93 14.49
N LEU A 328 12.11 -5.94 14.59
CA LEU A 328 12.76 -6.29 15.84
C LEU A 328 13.50 -5.08 16.37
N VAL A 329 14.44 -4.57 15.57
CA VAL A 329 15.28 -3.43 15.90
C VAL A 329 14.45 -2.19 16.23
N TRP A 330 13.45 -1.91 15.40
CA TRP A 330 12.57 -0.75 15.59
C TRP A 330 11.90 -0.80 16.95
N MET A 331 11.35 -1.96 17.30
CA MET A 331 10.71 -2.15 18.60
C MET A 331 11.69 -1.86 19.74
N ALA A 332 12.91 -2.38 19.62
CA ALA A 332 13.99 -2.16 20.58
C ALA A 332 14.32 -0.67 20.74
N CYS A 333 14.42 0.01 19.60
CA CYS A 333 14.74 1.44 19.53
C CYS A 333 13.78 2.31 20.36
N HIS A 334 12.49 2.04 20.23
CA HIS A 334 11.44 2.78 20.96
C HIS A 334 10.91 2.06 22.19
N SER A 335 11.67 1.07 22.66
CA SER A 335 11.36 0.33 23.89
C SER A 335 9.95 -0.27 23.94
N ALA A 336 9.56 -0.96 22.86
CA ALA A 336 8.14 -1.31 22.69
C ALA A 336 7.78 -2.80 22.58
N ALA A 337 8.64 -3.66 23.16
CA ALA A 337 8.42 -5.12 23.20
C ALA A 337 7.12 -5.55 23.92
N PHE A 338 6.76 -4.89 25.01
CA PHE A 338 5.51 -5.27 25.69
C PHE A 338 4.39 -4.23 25.55
N GLU A 339 4.43 -3.49 24.43
CA GLU A 339 3.40 -2.54 24.02
C GLU A 339 2.33 -3.24 23.16
N ASP A 340 1.16 -2.62 23.10
CA ASP A 340 0.01 -2.99 22.30
C ASP A 340 0.47 -3.05 20.83
N LEU A 341 0.48 -4.26 20.24
CA LEU A 341 0.93 -4.44 18.83
C LEU A 341 0.12 -3.60 17.84
N ARG A 342 -1.14 -3.37 18.16
CA ARG A 342 -2.01 -2.48 17.39
C ARG A 342 -1.48 -1.05 17.44
N VAL A 343 -1.04 -0.61 18.63
CA VAL A 343 -0.48 0.76 18.84
C VAL A 343 0.84 0.97 18.07
N SER A 344 1.74 -0.02 18.21
CA SER A 344 2.99 -0.10 17.45
C SER A 344 2.72 0.04 15.97
N SER A 345 1.88 -0.85 15.43
CA SER A 345 1.55 -0.91 14.00
C SER A 345 1.03 0.42 13.47
N PHE A 346 0.17 1.06 14.27
CA PHE A 346 -0.32 2.40 13.99
C PHE A 346 0.85 3.41 13.81
N ILE A 347 1.61 3.63 14.89
CA ILE A 347 2.74 4.59 14.92
C ILE A 347 3.71 4.36 13.76
N ARG A 348 4.07 3.09 13.53
CA ARG A 348 4.99 2.70 12.45
C ARG A 348 4.40 2.90 11.04
N GLY A 349 3.12 2.55 10.87
CA GLY A 349 2.48 2.62 9.56
C GLY A 349 2.60 1.37 8.70
N THR A 350 3.22 0.31 9.24
CA THR A 350 3.03 -1.05 8.72
C THR A 350 2.68 -1.97 9.90
N LYS A 351 2.25 -3.21 9.61
CA LYS A 351 1.86 -4.14 10.66
C LYS A 351 3.03 -4.77 11.42
N VAL A 352 3.01 -4.56 12.73
CA VAL A 352 3.93 -5.17 13.67
C VAL A 352 3.29 -6.48 14.11
N VAL A 353 3.98 -7.59 13.86
CA VAL A 353 3.40 -8.93 14.05
C VAL A 353 4.14 -9.72 15.17
N PRO A 354 3.43 -10.63 15.91
CA PRO A 354 3.97 -11.35 17.08
C PRO A 354 5.34 -12.01 16.93
N ARG A 355 6.02 -12.25 18.04
CA ARG A 355 7.37 -12.86 18.09
C ARG A 355 7.42 -14.24 17.44
N GLY A 356 6.29 -14.94 17.45
CA GLY A 356 6.16 -16.25 16.81
C GLY A 356 5.84 -16.21 15.31
N LYS A 357 5.62 -15.01 14.76
CA LYS A 357 5.38 -14.83 13.32
C LYS A 357 6.61 -14.29 12.60
N LEU A 358 7.63 -13.92 13.36
CA LEU A 358 8.85 -13.32 12.81
C LEU A 358 9.79 -14.35 12.20
N SER A 359 10.44 -13.97 11.11
CA SER A 359 11.37 -14.85 10.41
C SER A 359 12.78 -14.73 10.96
N THR A 360 12.94 -13.92 12.00
CA THR A 360 14.25 -13.45 12.45
C THR A 360 14.81 -14.23 13.61
N ARG A 361 16.07 -14.63 13.48
CA ARG A 361 16.77 -15.42 14.49
C ARG A 361 17.51 -14.53 15.52
N GLY A 362 17.47 -13.20 15.36
CA GLY A 362 18.04 -12.27 16.34
C GLY A 362 19.35 -11.59 15.96
N VAL A 363 19.40 -10.28 16.19
CA VAL A 363 20.40 -9.32 15.61
C VAL A 363 21.87 -9.75 15.62
N GLN A 364 22.41 -10.04 16.82
CA GLN A 364 23.81 -10.45 16.99
C GLN A 364 24.09 -11.77 16.27
N ILE A 365 25.31 -11.91 15.73
CA ILE A 365 25.69 -13.13 14.99
C ILE A 365 26.69 -14.03 15.72
N ALA A 366 26.29 -15.30 15.84
CA ALA A 366 27.04 -16.36 16.55
C ALA A 366 28.38 -16.71 15.88
N SER A 367 29.36 -17.06 16.70
CA SER A 367 30.73 -17.32 16.26
C SER A 367 30.81 -18.48 15.27
N ASN A 368 30.00 -19.50 15.49
CA ASN A 368 29.98 -20.71 14.65
C ASN A 368 29.13 -20.59 13.38
N GLU A 369 28.46 -19.46 13.17
CA GLU A 369 27.59 -19.26 12.02
C GLU A 369 28.41 -19.01 10.77
N ASN A 370 27.84 -19.39 9.63
CA ASN A 370 28.52 -19.30 8.34
C ASN A 370 28.45 -17.92 7.69
N MET A 371 29.63 -17.34 7.47
CA MET A 371 29.77 -16.03 6.84
C MET A 371 29.52 -15.99 5.31
N GLU A 372 29.56 -17.18 4.68
CA GLU A 372 29.36 -17.34 3.24
C GLU A 372 27.91 -17.04 2.77
N THR A 373 26.92 -17.53 3.52
CA THR A 373 25.49 -17.30 3.24
C THR A 373 24.96 -15.96 3.79
N MET A 374 25.82 -15.26 4.53
CA MET A 374 25.44 -13.98 5.12
C MET A 374 25.41 -12.84 4.10
N GLU A 375 24.20 -12.43 3.74
CA GLU A 375 23.96 -11.16 3.06
C GLU A 375 23.51 -10.11 4.09
N SER A 376 23.30 -8.87 3.64
CA SER A 376 22.90 -7.79 4.53
C SER A 376 21.91 -6.86 3.85
N SER A 377 21.10 -6.14 4.62
CA SER A 377 20.21 -5.14 4.03
C SER A 377 19.98 -3.89 4.89
N THR A 378 19.19 -2.96 4.36
CA THR A 378 18.72 -1.78 5.08
C THR A 378 17.81 -2.20 6.20
N LEU A 379 18.09 -1.74 7.43
CA LEU A 379 17.05 -1.73 8.45
C LEU A 379 16.18 -0.51 8.19
N GLU A 380 14.90 -0.78 7.90
CA GLU A 380 13.86 0.23 7.69
C GLU A 380 13.33 0.66 9.06
N LEU A 381 13.76 1.85 9.48
CA LEU A 381 13.53 2.31 10.87
C LEU A 381 12.62 3.55 11.02
N ARG A 382 12.15 4.05 9.89
CA ARG A 382 11.19 5.14 9.83
C ARG A 382 9.83 4.70 10.37
N SER A 383 8.92 5.65 10.54
CA SER A 383 7.58 5.38 11.05
C SER A 383 6.62 6.49 10.63
N ARG A 384 5.38 6.12 10.30
CA ARG A 384 4.34 7.09 9.88
C ARG A 384 4.18 8.26 10.86
N TYR A 385 4.00 7.94 12.13
CA TYR A 385 3.84 8.94 13.18
C TYR A 385 4.94 8.84 14.24
N TRP A 386 4.90 9.77 15.19
CA TRP A 386 5.63 9.62 16.42
C TRP A 386 4.69 9.74 17.59
N ALA A 387 5.12 9.25 18.75
CA ALA A 387 4.36 9.39 19.97
C ALA A 387 5.30 9.70 21.10
N ILE A 388 4.83 10.48 22.07
CA ILE A 388 5.55 10.66 23.33
C ILE A 388 5.61 9.28 24.04
N ARG A 389 6.75 8.93 24.64
CA ARG A 389 6.70 7.84 25.61
C ARG A 389 6.50 8.28 27.05
N THR A 390 5.63 7.54 27.77
CA THR A 390 5.35 7.81 29.20
C THR A 390 6.03 6.86 30.19
N ARG A 391 6.05 7.33 31.44
CA ARG A 391 6.37 6.52 32.61
C ARG A 391 5.15 5.71 33.03
N SER A 392 3.95 6.23 32.84
CA SER A 392 2.78 5.62 33.48
C SER A 392 2.28 4.29 32.86
N GLY A 393 1.54 3.53 33.67
CA GLY A 393 0.71 2.42 33.21
C GLY A 393 -0.74 2.85 33.00
N GLY A 394 -1.14 3.99 33.56
CA GLY A 394 -2.41 4.68 33.24
C GLY A 394 -3.63 4.30 34.06
N ASN A 395 -3.68 4.75 35.31
CA ASN A 395 -4.73 4.29 36.26
C ASN A 395 -6.10 4.95 36.07
N THR A 396 -7.14 4.10 36.00
CA THR A 396 -8.57 4.52 36.03
C THR A 396 -9.24 4.07 37.35
N SER A 403 -14.06 16.88 35.74
CA SER A 403 -14.51 17.65 34.58
C SER A 403 -14.47 16.85 33.26
N GLY A 404 -15.26 17.29 32.27
CA GLY A 404 -15.26 16.67 30.94
C GLY A 404 -16.17 15.48 30.78
N GLN A 405 -16.69 15.27 29.56
CA GLN A 405 -17.75 14.27 29.35
C GLN A 405 -17.32 12.78 29.40
N ILE A 406 -18.17 12.01 30.05
CA ILE A 406 -17.96 10.62 30.43
C ILE A 406 -18.75 9.70 29.49
N SER A 407 -19.72 10.27 28.78
CA SER A 407 -20.59 9.49 27.93
C SER A 407 -20.91 10.17 26.61
N ILE A 408 -21.61 9.41 25.76
CA ILE A 408 -22.19 9.97 24.55
C ILE A 408 -23.71 10.06 24.67
N GLN A 409 -24.31 10.84 23.77
CA GLN A 409 -25.77 10.87 23.61
C GLN A 409 -26.06 10.85 22.11
N PRO A 410 -26.55 9.70 21.60
CA PRO A 410 -26.66 9.54 20.14
C PRO A 410 -27.48 10.67 19.47
N THR A 411 -26.96 11.22 18.38
CA THR A 411 -27.69 12.20 17.61
C THR A 411 -28.28 11.48 16.38
N PHE A 412 -27.52 10.56 15.80
CA PHE A 412 -27.96 9.91 14.56
C PHE A 412 -28.29 8.44 14.73
N SER A 413 -29.31 8.01 13.97
CA SER A 413 -29.71 6.61 13.90
C SER A 413 -28.76 5.84 13.00
N VAL A 414 -27.74 5.24 13.61
CA VAL A 414 -26.64 4.63 12.88
C VAL A 414 -26.07 3.49 13.74
N GLN A 415 -25.90 2.30 13.18
CA GLN A 415 -25.25 1.18 13.88
C GLN A 415 -23.82 1.49 14.35
N ARG A 416 -23.61 1.29 15.64
CA ARG A 416 -22.35 1.60 16.33
C ARG A 416 -22.50 1.24 17.80
N ASN A 417 -21.37 1.10 18.50
CA ASN A 417 -21.41 1.06 19.97
C ASN A 417 -21.53 2.47 20.57
N LEU A 418 -22.13 2.56 21.75
CA LEU A 418 -22.33 3.85 22.39
C LEU A 418 -21.39 4.00 23.61
N PRO A 419 -20.26 4.72 23.42
CA PRO A 419 -19.26 4.86 24.48
C PRO A 419 -19.79 5.45 25.77
N PHE A 420 -19.18 4.99 26.86
CA PHE A 420 -19.17 5.65 28.15
C PHE A 420 -17.89 5.24 28.88
N ASP A 421 -17.49 6.02 29.88
CA ASP A 421 -16.36 5.69 30.72
C ASP A 421 -16.80 4.83 31.91
N ARG A 422 -16.78 3.52 31.71
CA ARG A 422 -17.17 2.51 32.72
C ARG A 422 -16.59 2.75 34.13
N PRO A 423 -15.26 2.84 34.29
CA PRO A 423 -14.73 3.03 35.65
C PRO A 423 -15.31 4.25 36.36
N THR A 424 -15.18 5.42 35.74
CA THR A 424 -15.57 6.67 36.37
C THR A 424 -17.03 6.64 36.82
N ILE A 425 -17.90 6.09 35.97
CA ILE A 425 -19.31 5.97 36.31
C ILE A 425 -19.50 4.90 37.39
N MET A 426 -18.83 3.76 37.26
CA MET A 426 -19.02 2.67 38.24
C MET A 426 -18.50 2.92 39.66
N ALA A 427 -18.04 4.13 39.95
CA ALA A 427 -17.87 4.55 41.34
C ALA A 427 -19.22 4.75 42.09
N ALA A 428 -20.33 4.25 41.54
CA ALA A 428 -21.63 4.13 42.23
C ALA A 428 -21.78 2.75 42.88
N SER A 438 -10.70 -6.45 56.87
CA SER A 438 -10.07 -5.34 56.17
C SER A 438 -8.60 -5.66 55.82
N ASP A 439 -8.41 -6.40 54.72
CA ASP A 439 -7.10 -6.93 54.29
C ASP A 439 -6.60 -6.27 53.00
N MET A 440 -5.28 -6.13 52.89
CA MET A 440 -4.65 -5.53 51.71
C MET A 440 -4.80 -6.36 50.44
N ARG A 441 -4.77 -7.69 50.59
CA ARG A 441 -4.97 -8.63 49.47
C ARG A 441 -6.36 -8.52 48.85
N THR A 442 -7.38 -8.28 49.68
CA THR A 442 -8.77 -8.22 49.19
C THR A 442 -9.08 -6.89 48.53
N GLU A 443 -8.55 -5.80 49.11
CA GLU A 443 -8.66 -4.44 48.52
C GLU A 443 -8.09 -4.37 47.09
N ILE A 444 -6.91 -4.95 46.89
CA ILE A 444 -6.28 -5.10 45.58
C ILE A 444 -7.16 -5.97 44.67
N ILE A 445 -7.67 -7.10 45.20
CA ILE A 445 -8.63 -7.95 44.46
C ILE A 445 -9.91 -7.19 44.06
N ARG A 446 -10.40 -6.31 44.95
CA ARG A 446 -11.60 -5.49 44.71
C ARG A 446 -11.46 -4.65 43.44
N LEU A 447 -10.29 -4.00 43.30
CA LEU A 447 -9.98 -3.19 42.13
C LEU A 447 -9.78 -3.98 40.82
N MET A 448 -9.22 -5.19 40.88
CA MET A 448 -8.92 -5.96 39.67
C MET A 448 -10.18 -6.46 38.98
N GLU A 449 -11.21 -6.74 39.77
CA GLU A 449 -12.54 -7.07 39.25
C GLU A 449 -13.17 -5.80 38.68
N SER A 450 -13.00 -4.68 39.39
CA SER A 450 -13.42 -3.34 38.95
C SER A 450 -12.84 -2.89 37.61
N ALA A 451 -11.82 -3.59 37.14
CA ALA A 451 -11.21 -3.29 35.86
C ALA A 451 -11.67 -4.27 34.78
N ARG A 452 -11.85 -3.75 33.57
CA ARG A 452 -12.12 -4.54 32.35
C ARG A 452 -11.14 -4.13 31.25
N PRO A 453 -10.72 -5.11 30.40
CA PRO A 453 -9.75 -4.80 29.35
C PRO A 453 -10.19 -3.68 28.39
N GLU A 454 -11.39 -3.14 28.55
CA GLU A 454 -11.95 -2.17 27.61
C GLU A 454 -11.76 -0.76 28.12
N ASP A 455 -11.34 -0.62 29.39
CA ASP A 455 -11.13 0.72 30.01
C ASP A 455 -10.08 1.51 29.21
N VAL A 456 -10.42 2.74 28.80
CA VAL A 456 -9.44 3.62 28.14
C VAL A 456 -8.57 4.34 29.15
N SER A 457 -7.25 4.27 28.91
CA SER A 457 -6.27 5.11 29.61
C SER A 457 -5.73 6.15 28.62
N PHE A 458 -5.04 7.15 29.16
CA PHE A 458 -4.46 8.24 28.36
C PHE A 458 -5.53 8.96 27.53
N GLN A 459 -6.67 9.26 28.17
CA GLN A 459 -7.77 9.99 27.52
C GLN A 459 -7.24 11.31 26.97
N GLY A 460 -7.43 11.52 25.67
CA GLY A 460 -7.06 12.77 25.01
C GLY A 460 -5.57 12.87 24.74
N ARG A 461 -5.00 11.77 24.26
CA ARG A 461 -3.61 11.70 23.87
C ARG A 461 -3.54 10.96 22.57
N GLY A 462 -2.64 11.40 21.70
CA GLY A 462 -2.50 10.77 20.40
C GLY A 462 -1.10 10.78 19.86
N VAL A 463 -0.96 10.21 18.68
CA VAL A 463 0.27 10.27 17.92
C VAL A 463 0.33 11.60 17.17
N PHE A 464 1.50 11.93 16.63
CA PHE A 464 1.67 13.20 15.88
C PHE A 464 2.30 12.96 14.52
N GLU A 465 1.99 13.85 13.57
CA GLU A 465 2.72 13.96 12.31
C GLU A 465 4.18 14.31 12.60
N LEU A 466 5.11 13.76 11.81
CA LEU A 466 6.53 14.09 11.99
C LEU A 466 6.80 15.59 11.76
N SER A 467 6.06 16.18 10.83
CA SER A 467 5.97 17.63 10.65
C SER A 467 5.50 18.45 11.88
N ASP A 468 4.93 17.77 12.89
CA ASP A 468 4.45 18.46 14.09
C ASP A 468 5.52 18.47 15.18
N GLU A 469 6.43 19.42 15.08
CA GLU A 469 7.60 19.47 15.96
C GLU A 469 7.23 19.70 17.43
N LYS A 470 6.45 20.74 17.72
CA LYS A 470 5.80 20.91 19.04
C LYS A 470 4.44 20.26 18.91
N ALA A 471 4.10 19.42 19.88
CA ALA A 471 3.13 18.35 19.66
C ALA A 471 1.67 18.83 19.79
N THR A 472 1.20 19.57 18.78
CA THR A 472 -0.06 20.35 18.92
C THR A 472 -1.36 19.70 18.46
N SER A 473 -1.33 18.89 17.40
CA SER A 473 -2.56 18.19 16.98
C SER A 473 -2.47 16.64 17.04
N PRO A 474 -3.00 16.05 18.14
CA PRO A 474 -3.02 14.60 18.40
C PRO A 474 -3.78 13.79 17.36
N ILE A 475 -3.53 12.49 17.30
CA ILE A 475 -4.29 11.55 16.46
C ILE A 475 -4.56 10.27 17.27
N VAL A 476 -5.82 10.07 17.60
CA VAL A 476 -6.26 8.89 18.31
C VAL A 476 -6.63 7.80 17.30
N PRO A 477 -6.10 6.56 17.46
CA PRO A 477 -6.50 5.46 16.56
C PRO A 477 -7.78 4.74 16.97
N SER A 478 -8.45 4.13 16.00
CA SER A 478 -9.56 3.18 16.24
C SER A 478 -9.14 1.79 15.75
N PHE A 479 -9.07 0.83 16.66
CA PHE A 479 -8.33 -0.42 16.39
C PHE A 479 -9.02 -1.51 15.57
N ASP A 480 -8.75 -1.41 14.26
CA ASP A 480 -8.83 -2.49 13.28
C ASP A 480 -8.00 -2.05 12.04
N MET A 481 -6.72 -2.44 12.04
CA MET A 481 -5.82 -2.18 10.90
C MET A 481 -5.53 -3.49 10.15
N GLY A 485 -4.05 -11.63 18.58
CA GLY A 485 -4.25 -10.59 19.58
C GLY A 485 -3.45 -9.31 19.31
N SER A 486 -2.74 -8.86 20.35
CA SER A 486 -1.95 -7.62 20.36
C SER A 486 -0.76 -7.75 21.32
N TYR A 487 -0.47 -8.99 21.70
CA TYR A 487 0.63 -9.35 22.58
C TYR A 487 1.81 -9.88 21.76
N PHE A 488 2.96 -9.22 21.83
CA PHE A 488 4.18 -9.69 21.14
C PHE A 488 4.59 -11.14 21.49
N PHE A 489 4.48 -11.51 22.77
CA PHE A 489 4.83 -12.86 23.25
C PHE A 489 3.63 -13.72 23.70
N ASN B 21 50.23 16.89 -2.65
CA ASN B 21 49.66 18.14 -3.24
C ASN B 21 48.18 18.37 -2.86
N ALA B 22 47.42 17.29 -2.68
CA ALA B 22 45.99 17.35 -2.32
C ALA B 22 45.74 17.86 -0.89
N THR B 23 46.54 17.37 0.06
CA THR B 23 46.48 17.79 1.47
C THR B 23 46.84 19.28 1.71
N GLU B 24 47.52 19.91 0.74
CA GLU B 24 47.94 21.31 0.86
C GLU B 24 47.09 22.33 0.07
N ILE B 25 46.43 21.88 -1.00
CA ILE B 25 45.37 22.67 -1.69
C ILE B 25 44.22 22.90 -0.70
N ARG B 26 43.89 21.86 0.08
CA ARG B 26 42.92 21.98 1.17
C ARG B 26 43.36 23.04 2.15
N ALA B 27 44.62 22.97 2.58
CA ALA B 27 45.18 23.97 3.50
C ALA B 27 44.99 25.42 3.00
N SER B 28 45.14 25.62 1.68
CA SER B 28 45.14 26.96 1.08
C SER B 28 43.74 27.52 0.79
N VAL B 29 42.84 26.66 0.32
CA VAL B 29 41.40 26.96 0.26
C VAL B 29 40.91 27.26 1.71
N GLY B 30 41.32 26.40 2.65
CA GLY B 30 41.13 26.64 4.07
C GLY B 30 41.49 28.05 4.46
N LYS B 31 42.72 28.46 4.10
CA LYS B 31 43.21 29.83 4.30
C LYS B 31 42.32 30.93 3.67
N MET B 32 41.80 30.66 2.46
CA MET B 32 41.00 31.62 1.70
C MET B 32 39.64 31.86 2.33
N ILE B 33 38.96 30.76 2.64
CA ILE B 33 37.64 30.71 3.26
C ILE B 33 37.75 31.46 4.59
N ASP B 34 38.77 31.09 5.36
CA ASP B 34 39.12 31.74 6.62
C ASP B 34 39.10 33.28 6.57
N GLY B 35 39.80 33.83 5.57
CA GLY B 35 39.84 35.28 5.34
C GLY B 35 38.47 35.92 5.13
N ILE B 36 37.64 35.26 4.33
CA ILE B 36 36.29 35.72 4.07
C ILE B 36 35.57 35.80 5.41
N GLY B 37 35.63 34.71 6.16
CA GLY B 37 34.98 34.60 7.46
C GLY B 37 35.46 35.67 8.41
N ARG B 38 36.78 35.83 8.47
CA ARG B 38 37.37 36.88 9.32
C ARG B 38 36.94 38.26 8.86
N PHE B 39 36.94 38.52 7.56
CA PHE B 39 36.51 39.81 7.01
C PHE B 39 35.05 40.09 7.32
N TYR B 40 34.22 39.08 7.12
CA TYR B 40 32.80 39.21 7.38
C TYR B 40 32.54 39.53 8.85
N ILE B 41 33.23 38.81 9.77
CA ILE B 41 33.10 39.04 11.22
C ILE B 41 33.48 40.49 11.53
N GLN B 42 34.54 40.96 10.88
CA GLN B 42 35.04 42.30 11.08
C GLN B 42 33.98 43.31 10.65
N MET B 43 33.38 43.10 9.49
CA MET B 43 32.32 43.97 8.97
C MET B 43 31.05 43.97 9.83
N CYS B 44 30.74 42.83 10.45
CA CYS B 44 29.63 42.75 11.37
C CYS B 44 29.84 43.59 12.62
N THR B 45 31.10 43.65 13.08
CA THR B 45 31.49 44.48 14.21
C THR B 45 31.38 45.93 13.74
N GLU B 46 32.11 46.27 12.68
CA GLU B 46 32.05 47.58 12.02
C GLU B 46 30.66 48.18 11.88
N LEU B 47 29.66 47.31 11.76
CA LEU B 47 28.31 47.75 11.51
C LEU B 47 27.34 47.48 12.66
N LYS B 48 27.86 47.02 13.79
CA LYS B 48 27.07 46.71 15.00
C LYS B 48 25.80 45.91 14.63
N LEU B 49 25.98 44.72 14.11
CA LEU B 49 24.81 43.95 13.69
C LEU B 49 24.51 42.90 14.75
N SER B 50 23.22 42.71 15.02
CA SER B 50 22.76 41.64 15.92
C SER B 50 23.21 40.29 15.39
N ASP B 51 23.11 39.26 16.23
CA ASP B 51 23.37 37.90 15.77
C ASP B 51 22.49 37.56 14.55
N TYR B 52 21.19 37.90 14.63
CA TYR B 52 20.23 37.62 13.56
C TYR B 52 20.58 38.36 12.26
N GLU B 53 20.91 39.64 12.38
CA GLU B 53 21.22 40.50 11.23
C GLU B 53 22.46 40.04 10.45
N GLY B 54 23.55 39.76 11.17
CA GLY B 54 24.77 39.18 10.61
C GLY B 54 24.58 37.89 9.84
N ARG B 55 23.51 37.15 10.12
CA ARG B 55 23.17 35.95 9.34
C ARG B 55 22.11 36.17 8.22
N LEU B 56 21.63 37.40 8.07
CA LEU B 56 20.61 37.69 7.07
C LEU B 56 21.24 37.76 5.68
N ILE B 57 20.88 36.83 4.81
CA ILE B 57 21.49 36.68 3.46
C ILE B 57 21.59 38.01 2.66
N GLN B 58 20.60 38.88 2.86
CA GLN B 58 20.58 40.22 2.27
C GLN B 58 21.71 41.10 2.77
N ASN B 59 22.01 41.02 4.07
CA ASN B 59 23.09 41.81 4.64
C ASN B 59 24.42 41.26 4.17
N SER B 60 24.52 39.93 4.13
CA SER B 60 25.67 39.23 3.57
C SER B 60 25.98 39.77 2.17
N LEU B 61 24.94 39.83 1.32
CA LEU B 61 25.04 40.27 -0.08
C LEU B 61 25.60 41.68 -0.26
N THR B 62 25.13 42.62 0.54
CA THR B 62 25.70 43.98 0.59
C THR B 62 27.17 44.00 1.02
N ILE B 63 27.49 43.31 2.12
CA ILE B 63 28.87 43.25 2.60
C ILE B 63 29.80 42.68 1.52
N GLU B 64 29.39 41.59 0.85
CA GLU B 64 30.17 40.99 -0.25
C GLU B 64 30.34 41.92 -1.44
N ARG B 65 29.22 42.50 -1.87
CA ARG B 65 29.17 43.47 -2.97
C ARG B 65 30.12 44.65 -2.73
N MET B 66 30.26 45.10 -1.48
CA MET B 66 31.11 46.25 -1.14
C MET B 66 32.60 46.00 -1.29
N VAL B 67 33.10 44.84 -0.85
CA VAL B 67 34.53 44.48 -1.03
C VAL B 67 34.90 44.41 -2.50
N LEU B 68 33.97 43.87 -3.29
CA LEU B 68 34.22 43.66 -4.70
C LEU B 68 34.19 45.00 -5.42
N SER B 69 33.31 45.88 -4.97
CA SER B 69 33.26 47.27 -5.43
C SER B 69 34.50 48.08 -5.02
N ALA B 70 35.08 47.77 -3.87
CA ALA B 70 36.23 48.51 -3.35
C ALA B 70 37.54 48.04 -3.98
N PHE B 71 37.48 46.96 -4.75
CA PHE B 71 38.65 46.36 -5.37
C PHE B 71 38.57 46.33 -6.90
N ASP B 72 37.60 47.07 -7.44
CA ASP B 72 37.35 47.16 -8.89
C ASP B 72 38.58 47.58 -9.74
N THR B 92 31.98 53.75 -2.04
CA THR B 92 31.05 52.61 -2.08
C THR B 92 30.16 52.37 -0.85
N GLY B 93 29.18 51.49 -1.04
CA GLY B 93 28.16 51.21 -0.05
C GLY B 93 27.03 50.40 -0.63
N GLY B 94 25.94 50.26 0.15
CA GLY B 94 24.78 49.44 -0.20
C GLY B 94 23.78 49.43 0.95
N PRO B 95 22.69 48.62 0.84
CA PRO B 95 21.64 48.56 1.88
C PRO B 95 21.92 47.56 3.01
N ILE B 96 21.60 47.96 4.24
CA ILE B 96 21.78 47.10 5.39
C ILE B 96 20.48 47.14 6.15
N TYR B 97 20.03 45.95 6.55
CA TYR B 97 18.70 45.72 7.12
C TYR B 97 18.80 45.43 8.61
N ARG B 98 18.00 46.15 9.39
CA ARG B 98 17.97 46.04 10.85
C ARG B 98 16.52 45.95 11.34
N ARG B 99 16.23 44.98 12.20
CA ARG B 99 14.92 44.85 12.85
C ARG B 99 14.83 45.75 14.10
N VAL B 100 14.01 46.80 14.01
CA VAL B 100 13.63 47.64 15.18
C VAL B 100 12.12 47.52 15.47
N ASP B 101 11.78 47.33 16.75
CA ASP B 101 10.39 47.11 17.23
C ASP B 101 9.71 45.86 16.64
N GLY B 102 10.49 44.90 16.17
CA GLY B 102 9.96 43.75 15.44
C GLY B 102 9.92 43.88 13.92
N LYS B 103 9.73 45.11 13.42
CA LYS B 103 9.68 45.38 11.96
C LYS B 103 10.98 45.90 11.34
N TRP B 104 11.33 45.32 10.19
CA TRP B 104 12.61 45.54 9.48
C TRP B 104 12.78 46.93 8.94
N ARG B 105 14.00 47.46 9.09
CA ARG B 105 14.35 48.78 8.59
C ARG B 105 15.66 48.74 7.79
N ARG B 106 15.57 49.14 6.53
CA ARG B 106 16.73 49.25 5.66
C ARG B 106 17.27 50.67 5.61
N GLU B 107 18.58 50.81 5.51
CA GLU B 107 19.26 52.11 5.50
C GLU B 107 20.53 51.96 4.70
N LEU B 108 20.68 52.78 3.66
CA LEU B 108 21.90 52.81 2.82
C LEU B 108 23.07 53.30 3.65
N ILE B 109 24.27 52.79 3.35
CA ILE B 109 25.48 53.14 4.10
C ILE B 109 26.65 53.37 3.14
N LEU B 110 27.45 54.41 3.41
CA LEU B 110 28.60 54.73 2.58
C LEU B 110 29.93 54.57 3.31
N TYR B 111 30.89 53.95 2.62
CA TYR B 111 32.21 53.66 3.17
C TYR B 111 33.30 53.98 2.14
N ASP B 112 34.43 54.52 2.59
CA ASP B 112 35.54 54.80 1.69
C ASP B 112 35.96 53.48 1.13
N LYS B 113 36.04 53.38 -0.18
CA LYS B 113 36.55 52.17 -0.83
C LYS B 113 37.91 51.79 -0.25
N GLU B 114 38.70 52.80 0.08
CA GLU B 114 40.04 52.64 0.65
C GLU B 114 39.99 51.99 2.03
N GLU B 115 38.96 52.33 2.81
CA GLU B 115 38.76 51.79 4.16
C GLU B 115 38.37 50.29 4.16
N ILE B 116 37.45 49.92 3.26
CA ILE B 116 37.02 48.52 3.12
C ILE B 116 38.16 47.64 2.60
N ARG B 117 38.92 48.13 1.62
CA ARG B 117 40.15 47.46 1.18
C ARG B 117 41.09 47.13 2.35
N ARG B 118 41.19 48.07 3.31
CA ARG B 118 42.05 47.94 4.48
C ARG B 118 41.58 46.79 5.36
N ILE B 119 40.29 46.77 5.65
CA ILE B 119 39.67 45.67 6.40
C ILE B 119 39.89 44.29 5.72
N TRP B 120 39.76 44.23 4.39
CA TRP B 120 40.01 43.00 3.64
C TRP B 120 41.43 42.46 3.84
N ARG B 121 42.39 43.36 3.74
CA ARG B 121 43.78 42.98 3.83
C ARG B 121 44.16 42.61 5.28
N GLN B 122 43.53 43.27 6.25
CA GLN B 122 43.78 42.95 7.64
C GLN B 122 43.33 41.52 7.96
N ALA B 123 42.10 41.20 7.56
CA ALA B 123 41.52 39.88 7.81
C ALA B 123 42.21 38.75 7.05
N ASN B 124 43.03 39.11 6.07
CA ASN B 124 43.79 38.16 5.31
C ASN B 124 45.30 38.11 5.62
N ASN B 125 45.68 38.57 6.83
CA ASN B 125 47.06 38.54 7.35
C ASN B 125 48.05 39.33 6.50
N GLY B 126 47.53 40.33 5.79
CA GLY B 126 48.35 41.14 4.91
C GLY B 126 48.22 40.89 3.41
N ASP B 127 48.27 39.62 2.98
CA ASP B 127 48.21 39.24 1.54
C ASP B 127 46.91 39.72 0.90
N ASP B 128 46.89 39.87 -0.42
CA ASP B 128 45.78 40.61 -1.04
C ASP B 128 44.51 39.78 -1.26
N ALA B 129 44.69 38.46 -1.26
CA ALA B 129 43.59 37.48 -1.30
C ALA B 129 42.60 37.72 -2.45
N THR B 130 43.12 37.62 -3.67
CA THR B 130 42.27 37.77 -4.84
C THR B 130 41.43 36.49 -5.05
N ALA B 131 42.00 35.33 -4.69
CA ALA B 131 41.25 34.07 -4.63
C ALA B 131 39.94 34.22 -3.85
N GLY B 132 40.01 34.80 -2.67
CA GLY B 132 38.84 35.07 -1.86
C GLY B 132 37.88 36.11 -2.41
N LEU B 133 38.38 37.04 -3.22
CA LEU B 133 37.46 37.97 -3.91
C LEU B 133 36.78 37.27 -5.06
N THR B 134 37.49 36.30 -5.64
CA THR B 134 36.97 35.55 -6.78
C THR B 134 35.89 34.57 -6.32
N HIS B 135 36.11 33.98 -5.15
CA HIS B 135 35.20 33.02 -4.56
C HIS B 135 33.82 33.66 -4.42
N MET B 136 33.80 34.89 -3.88
CA MET B 136 32.57 35.64 -3.69
C MET B 136 31.94 36.02 -5.03
N MET B 137 32.78 36.36 -6.01
CA MET B 137 32.29 36.65 -7.34
C MET B 137 31.56 35.46 -7.95
N ILE B 138 32.14 34.27 -7.78
CA ILE B 138 31.55 33.01 -8.26
C ILE B 138 30.22 32.78 -7.58
N TRP B 139 30.17 32.86 -6.24
CA TRP B 139 28.91 32.79 -5.46
C TRP B 139 27.84 33.69 -6.05
N HIS B 140 28.20 34.94 -6.32
CA HIS B 140 27.31 35.89 -6.96
C HIS B 140 26.85 35.39 -8.33
N SER B 141 27.79 34.87 -9.11
CA SER B 141 27.51 34.35 -10.46
C SER B 141 26.59 33.13 -10.38
N ASN B 142 26.78 32.29 -9.37
CA ASN B 142 25.90 31.15 -9.13
C ASN B 142 24.49 31.56 -8.76
N LEU B 143 24.37 32.54 -7.88
CA LEU B 143 23.09 33.12 -7.52
C LEU B 143 22.38 33.67 -8.77
N ASN B 144 23.12 34.43 -9.58
CA ASN B 144 22.55 35.01 -10.82
C ASN B 144 22.02 33.93 -11.74
N ASP B 145 22.84 32.92 -12.00
CA ASP B 145 22.51 31.79 -12.86
C ASP B 145 21.16 31.20 -12.47
N ALA B 146 20.92 31.10 -11.16
CA ALA B 146 19.71 30.51 -10.61
C ALA B 146 18.51 31.46 -10.62
N THR B 147 18.76 32.76 -10.61
CA THR B 147 17.68 33.74 -10.52
C THR B 147 17.09 34.18 -11.87
N TYR B 148 17.96 34.56 -12.82
CA TYR B 148 17.51 35.17 -14.11
C TYR B 148 17.78 34.29 -15.32
N GLN B 149 16.82 34.29 -16.25
CA GLN B 149 17.05 33.69 -17.55
C GLN B 149 17.91 34.66 -18.37
N ARG B 150 18.94 34.15 -19.04
CA ARG B 150 19.84 35.02 -19.79
C ARG B 150 19.41 35.21 -21.26
N THR B 151 18.10 35.30 -21.48
CA THR B 151 17.47 35.22 -22.80
C THR B 151 17.69 36.44 -23.70
N ARG B 152 17.40 37.64 -23.19
CA ARG B 152 17.45 38.87 -23.99
C ARG B 152 18.86 39.17 -24.55
N ALA B 153 19.88 39.07 -23.68
CA ALA B 153 21.27 39.19 -24.07
C ALA B 153 21.72 38.09 -25.04
N LEU B 154 21.03 36.94 -25.00
CA LEU B 154 21.28 35.85 -25.95
C LEU B 154 20.87 36.21 -27.38
N VAL B 155 19.63 36.69 -27.58
CA VAL B 155 19.21 37.11 -28.95
C VAL B 155 20.06 38.26 -29.43
N ARG B 156 20.38 39.19 -28.50
CA ARG B 156 21.26 40.34 -28.75
C ARG B 156 22.62 40.03 -29.37
N THR B 157 23.17 38.84 -29.11
CA THR B 157 24.51 38.46 -29.64
C THR B 157 24.42 37.73 -30.97
N GLY B 158 23.35 36.97 -31.17
CA GLY B 158 23.16 36.15 -32.38
C GLY B 158 22.86 34.71 -32.02
N MET B 159 22.66 34.46 -30.72
CA MET B 159 22.50 33.12 -30.19
C MET B 159 21.03 32.74 -29.88
N ASP B 160 20.81 31.43 -29.76
CA ASP B 160 19.51 30.85 -29.43
C ASP B 160 19.19 31.09 -27.94
N PRO B 161 17.97 31.59 -27.64
CA PRO B 161 17.46 31.69 -26.26
C PRO B 161 17.36 30.35 -25.53
N ARG B 162 17.32 29.28 -26.31
CA ARG B 162 17.28 27.91 -25.81
C ARG B 162 18.69 27.34 -25.53
N MET B 163 19.69 28.21 -25.45
CA MET B 163 21.07 27.84 -25.10
C MET B 163 21.48 28.13 -23.62
N CYS B 164 20.49 28.44 -22.77
CA CYS B 164 20.79 28.90 -21.40
C CYS B 164 21.45 27.87 -20.50
N SER B 165 21.28 26.58 -20.79
CA SER B 165 21.99 25.55 -20.04
C SER B 165 23.53 25.59 -20.23
N LEU B 166 24.00 26.51 -21.08
CA LEU B 166 25.43 26.62 -21.41
C LEU B 166 26.03 27.93 -20.90
N MET B 167 25.19 28.69 -20.22
CA MET B 167 25.50 30.03 -19.80
C MET B 167 26.02 30.14 -18.38
N GLN B 168 26.55 29.05 -17.82
CA GLN B 168 27.10 29.12 -16.46
C GLN B 168 28.19 30.17 -16.42
N GLY B 169 28.03 31.16 -15.55
CA GLY B 169 29.01 32.22 -15.37
C GLY B 169 29.04 33.30 -16.43
N SER B 170 27.86 33.67 -16.92
CA SER B 170 27.76 34.68 -17.96
C SER B 170 27.60 36.07 -17.35
N THR B 171 27.48 36.13 -16.03
CA THR B 171 27.44 37.40 -15.27
C THR B 171 28.83 37.83 -14.84
N LEU B 172 29.68 36.84 -14.64
CA LEU B 172 31.06 36.96 -14.20
C LEU B 172 31.90 37.71 -15.23
N PRO B 173 32.79 38.63 -14.78
CA PRO B 173 33.64 39.39 -15.72
C PRO B 173 34.80 38.57 -16.34
N ARG B 174 35.66 39.24 -17.11
CA ARG B 174 36.96 38.66 -17.46
C ARG B 174 37.99 38.86 -16.32
N ARG B 175 37.65 39.72 -15.36
CA ARG B 175 38.50 40.00 -14.16
C ARG B 175 38.49 38.88 -13.10
N SER B 176 37.90 37.74 -13.45
CA SER B 176 38.04 36.48 -12.70
C SER B 176 39.17 35.72 -13.35
N GLY B 177 40.02 35.11 -12.53
CA GLY B 177 41.26 34.49 -13.02
C GLY B 177 41.03 33.13 -13.65
N ALA B 178 41.95 32.21 -13.40
CA ALA B 178 41.84 30.83 -13.89
C ALA B 178 40.60 30.12 -13.30
N ALA B 179 40.32 30.38 -12.02
CA ALA B 179 39.15 29.85 -11.30
C ALA B 179 37.84 30.23 -12.02
N GLY B 180 37.70 31.51 -12.35
CA GLY B 180 36.57 32.02 -13.14
C GLY B 180 36.45 31.42 -14.53
N ALA B 181 37.58 31.17 -15.19
CA ALA B 181 37.56 30.57 -16.51
C ALA B 181 36.95 29.18 -16.43
N ALA B 182 37.36 28.42 -15.42
CA ALA B 182 36.91 27.03 -15.25
C ALA B 182 35.39 26.98 -15.07
N VAL B 183 34.89 27.90 -14.25
CA VAL B 183 33.49 27.99 -13.87
C VAL B 183 32.58 28.46 -15.01
N LYS B 184 33.12 29.24 -15.95
CA LYS B 184 32.42 29.68 -17.16
C LYS B 184 32.05 28.49 -18.05
N GLY B 185 30.79 28.42 -18.43
CA GLY B 185 30.32 27.33 -19.28
C GLY B 185 30.70 27.52 -20.72
N VAL B 186 30.35 26.55 -21.56
CA VAL B 186 30.71 26.56 -22.97
C VAL B 186 30.06 27.72 -23.74
N GLY B 187 28.78 27.95 -23.50
CA GLY B 187 28.07 29.06 -24.13
C GLY B 187 28.51 30.44 -23.70
N THR B 188 28.88 30.60 -22.43
CA THR B 188 29.43 31.88 -21.93
C THR B 188 30.64 32.30 -22.75
N MET B 189 31.63 31.39 -22.81
CA MET B 189 32.78 31.54 -23.69
C MET B 189 32.37 31.95 -25.09
N VAL B 190 31.48 31.17 -25.72
CA VAL B 190 31.02 31.41 -27.08
C VAL B 190 30.50 32.86 -27.22
N MET B 191 29.72 33.33 -26.25
CA MET B 191 29.16 34.69 -26.27
C MET B 191 30.25 35.77 -26.25
N GLU B 192 31.29 35.55 -25.43
CA GLU B 192 32.40 36.49 -25.29
C GLU B 192 33.23 36.59 -26.58
N LEU B 193 33.43 35.48 -27.28
CA LEU B 193 34.13 35.48 -28.57
C LEU B 193 33.31 36.14 -29.69
N ILE B 194 31.99 36.00 -29.63
CA ILE B 194 31.07 36.59 -30.62
C ILE B 194 30.96 38.11 -30.43
N ARG B 195 31.06 38.58 -29.18
CA ARG B 195 31.09 40.02 -28.86
C ARG B 195 32.35 40.70 -29.37
N MET B 196 33.47 39.97 -29.37
CA MET B 196 34.72 40.41 -29.96
C MET B 196 34.66 40.38 -31.48
N ILE B 197 34.11 39.31 -32.07
CA ILE B 197 33.94 39.20 -33.54
C ILE B 197 33.03 40.29 -34.09
N LYS B 198 31.86 40.47 -33.45
CA LYS B 198 30.90 41.53 -33.81
C LYS B 198 31.37 42.96 -33.44
N ARG B 199 32.58 43.07 -32.89
CA ARG B 199 33.32 44.34 -32.83
C ARG B 199 34.47 44.32 -33.86
N GLY B 200 34.26 43.60 -34.97
CA GLY B 200 35.04 43.73 -36.20
C GLY B 200 34.13 44.48 -37.16
N ILE B 201 33.90 45.75 -36.85
CA ILE B 201 32.89 46.59 -37.50
C ILE B 201 33.23 48.07 -37.26
N ARG B 213 45.95 42.83 -32.29
CA ARG B 213 47.12 43.43 -31.70
C ARG B 213 47.51 42.74 -30.38
N ARG B 214 47.63 43.52 -29.31
CA ARG B 214 47.71 42.98 -27.94
C ARG B 214 46.37 42.38 -27.48
N THR B 215 45.25 42.88 -28.00
CA THR B 215 43.91 42.27 -27.78
C THR B 215 43.60 41.09 -28.73
N ARG B 216 44.44 40.87 -29.75
CA ARG B 216 44.35 39.63 -30.56
C ARG B 216 44.68 38.43 -29.69
N ILE B 217 45.75 38.53 -28.90
CA ILE B 217 46.20 37.44 -28.04
C ILE B 217 45.19 37.18 -26.89
N ALA B 218 44.38 38.18 -26.55
CA ALA B 218 43.22 37.98 -25.67
C ALA B 218 42.17 37.03 -26.31
N TYR B 219 41.85 37.25 -27.58
CA TYR B 219 40.98 36.36 -28.38
C TYR B 219 41.53 34.92 -28.48
N GLU B 220 42.84 34.80 -28.72
CA GLU B 220 43.54 33.51 -28.73
C GLU B 220 43.41 32.74 -27.41
N ARG B 221 43.69 33.42 -26.31
CA ARG B 221 43.64 32.87 -24.96
C ARG B 221 42.24 32.33 -24.66
N MET B 222 41.23 33.11 -25.06
CA MET B 222 39.83 32.74 -24.88
C MET B 222 39.43 31.51 -25.72
N CYS B 223 39.94 31.46 -26.95
CA CYS B 223 39.73 30.31 -27.82
C CYS B 223 40.30 29.06 -27.21
N ASN B 224 41.48 29.18 -26.59
CA ASN B 224 42.12 28.05 -25.90
C ASN B 224 41.32 27.50 -24.71
N ILE B 225 40.77 28.42 -23.89
CA ILE B 225 39.87 28.02 -22.79
C ILE B 225 38.67 27.26 -23.38
N LEU B 226 37.99 27.86 -24.38
CA LEU B 226 36.87 27.23 -25.08
C LEU B 226 37.21 25.85 -25.66
N LYS B 227 38.37 25.76 -26.31
CA LYS B 227 38.87 24.50 -26.85
C LYS B 227 39.11 23.52 -25.72
N GLY B 228 39.60 24.03 -24.59
CA GLY B 228 39.98 23.18 -23.46
C GLY B 228 38.79 22.49 -22.83
N LYS B 229 37.60 23.06 -23.04
CA LYS B 229 36.37 22.55 -22.48
C LYS B 229 35.75 21.42 -23.31
N PHE B 230 36.02 21.38 -24.62
CA PHE B 230 35.50 20.30 -25.46
C PHE B 230 36.23 18.97 -25.25
N GLN B 231 35.47 17.88 -25.32
CA GLN B 231 35.97 16.54 -24.95
C GLN B 231 36.19 15.63 -26.16
N THR B 232 35.42 15.87 -27.21
CA THR B 232 35.68 15.30 -28.52
C THR B 232 36.76 16.13 -29.22
N ALA B 233 37.72 15.43 -29.85
CA ALA B 233 38.75 16.07 -30.66
C ALA B 233 38.17 16.82 -31.86
N ALA B 234 37.05 16.30 -32.38
CA ALA B 234 36.33 16.91 -33.50
C ALA B 234 35.89 18.36 -33.20
N GLN B 235 35.38 18.57 -31.98
CA GLN B 235 35.01 19.92 -31.50
C GLN B 235 36.24 20.82 -31.26
N ARG B 236 37.35 20.24 -30.82
CA ARG B 236 38.60 20.97 -30.59
C ARG B 236 39.27 21.44 -31.88
N THR B 237 39.31 20.57 -32.91
CA THR B 237 39.82 20.91 -34.25
C THR B 237 39.07 22.09 -34.85
N MET B 238 37.77 22.19 -34.57
CA MET B 238 36.96 23.26 -35.11
C MET B 238 37.24 24.60 -34.43
N VAL B 239 37.60 24.60 -33.15
CA VAL B 239 38.07 25.81 -32.44
C VAL B 239 39.43 26.24 -32.99
N ASP B 240 40.31 25.25 -33.18
CA ASP B 240 41.58 25.40 -33.90
C ASP B 240 41.38 25.71 -35.39
N GLN B 241 40.20 26.18 -35.76
CA GLN B 241 39.92 26.66 -37.10
C GLN B 241 39.26 28.04 -37.02
N VAL B 242 38.90 28.46 -35.81
CA VAL B 242 38.33 29.78 -35.55
C VAL B 242 39.43 30.74 -35.08
N ARG B 243 40.38 30.19 -34.32
CA ARG B 243 41.40 30.96 -33.61
C ARG B 243 42.42 31.65 -34.52
N GLU B 244 42.99 30.89 -35.47
CA GLU B 244 44.10 31.35 -36.32
C GLU B 244 43.62 32.29 -37.41
N SER B 245 42.29 32.30 -37.63
CA SER B 245 41.63 33.31 -38.47
C SER B 245 41.96 34.72 -37.97
N ARG B 246 42.73 35.44 -38.78
CA ARG B 246 43.30 36.75 -38.39
C ARG B 246 42.26 37.87 -38.40
N ASN B 247 41.45 37.96 -39.45
CA ASN B 247 40.25 38.82 -39.46
C ASN B 247 39.01 37.91 -39.47
N PRO B 248 38.40 37.68 -38.27
CA PRO B 248 37.14 36.93 -38.15
C PRO B 248 35.85 37.77 -38.24
N GLY B 249 34.97 37.35 -39.15
CA GLY B 249 33.65 37.93 -39.36
C GLY B 249 32.65 36.80 -39.35
N ASN B 250 31.65 36.87 -40.22
CA ASN B 250 30.55 35.88 -40.26
C ASN B 250 30.96 34.40 -40.36
N ALA B 251 32.13 34.13 -40.94
CA ALA B 251 32.66 32.76 -41.09
C ALA B 251 32.90 32.06 -39.75
N GLU B 252 33.41 32.82 -38.78
CA GLU B 252 33.81 32.30 -37.46
C GLU B 252 32.66 32.40 -36.46
N PHE B 253 31.75 33.35 -36.69
CA PHE B 253 30.53 33.46 -35.90
C PHE B 253 29.60 32.30 -36.21
N GLU B 254 29.58 31.86 -37.47
CA GLU B 254 28.80 30.67 -37.88
C GLU B 254 29.35 29.37 -37.27
N ASP B 255 30.68 29.29 -37.14
CA ASP B 255 31.33 28.12 -36.56
C ASP B 255 31.08 28.03 -35.05
N LEU B 256 31.03 29.19 -34.41
CA LEU B 256 30.83 29.29 -32.99
C LEU B 256 29.41 28.92 -32.57
N ILE B 257 28.41 29.54 -33.22
CA ILE B 257 27.00 29.13 -33.06
C ILE B 257 26.88 27.59 -33.18
N PHE B 258 27.53 26.99 -34.18
CA PHE B 258 27.45 25.54 -34.42
C PHE B 258 28.01 24.75 -33.25
N LEU B 259 29.20 25.16 -32.80
CA LEU B 259 29.86 24.58 -31.64
C LEU B 259 29.04 24.75 -30.33
N ALA B 260 28.38 25.91 -30.19
CA ALA B 260 27.51 26.21 -29.07
C ALA B 260 26.33 25.27 -29.08
N ARG B 261 25.70 25.12 -30.25
CA ARG B 261 24.59 24.20 -30.45
C ARG B 261 25.04 22.79 -30.14
N SER B 262 26.26 22.44 -30.59
CA SER B 262 26.81 21.10 -30.37
C SER B 262 27.08 20.76 -28.90
N ALA B 263 27.30 21.82 -28.11
CA ALA B 263 27.53 21.73 -26.66
C ALA B 263 26.29 21.31 -25.89
N LEU B 264 25.13 21.44 -26.52
CA LEU B 264 23.90 20.93 -25.93
C LEU B 264 23.85 19.40 -25.89
N ILE B 265 24.58 18.75 -26.80
CA ILE B 265 24.61 17.27 -26.85
C ILE B 265 25.97 16.71 -26.43
N LEU B 266 27.02 17.05 -27.18
CA LEU B 266 28.41 16.73 -26.79
C LEU B 266 28.89 17.83 -25.85
N ARG B 267 28.66 17.61 -24.55
CA ARG B 267 28.76 18.70 -23.57
C ARG B 267 30.21 19.01 -23.19
N GLY B 268 30.45 20.29 -22.95
CA GLY B 268 31.75 20.73 -22.49
C GLY B 268 32.02 20.42 -21.04
N SER B 269 33.30 20.49 -20.68
CA SER B 269 33.75 20.31 -19.33
C SER B 269 33.77 21.67 -18.61
N VAL B 270 32.89 21.84 -17.64
CA VAL B 270 32.72 23.08 -16.91
C VAL B 270 32.84 22.78 -15.44
N ALA B 271 33.71 23.52 -14.75
CA ALA B 271 33.84 23.36 -13.30
C ALA B 271 32.60 23.83 -12.55
N HIS B 272 32.30 23.12 -11.47
CA HIS B 272 31.21 23.46 -10.58
C HIS B 272 31.81 23.56 -9.21
N LYS B 273 31.61 24.71 -8.58
CA LYS B 273 32.15 24.99 -7.26
C LYS B 273 31.04 25.46 -6.33
N SER B 274 30.91 24.78 -5.19
CA SER B 274 30.00 25.21 -4.15
C SER B 274 30.63 26.40 -3.38
N CYS B 275 30.05 27.58 -3.58
CA CYS B 275 30.51 28.81 -2.96
C CYS B 275 29.33 29.40 -2.20
N LEU B 276 29.52 29.55 -0.89
CA LEU B 276 28.44 29.96 0.04
C LEU B 276 28.54 31.45 0.35
N PRO B 277 27.41 32.06 0.78
CA PRO B 277 27.43 33.49 1.09
C PRO B 277 28.30 33.77 2.31
N ALA B 278 29.00 34.90 2.28
CA ALA B 278 30.07 35.20 3.23
C ALA B 278 29.65 34.93 4.67
N CYS B 279 28.39 35.24 4.99
CA CYS B 279 27.91 35.09 6.36
C CYS B 279 28.02 33.67 6.92
N VAL B 280 27.89 32.64 6.08
CA VAL B 280 28.06 31.26 6.52
C VAL B 280 29.51 30.99 7.00
N TYR B 281 30.50 31.37 6.19
CA TYR B 281 31.91 31.25 6.56
C TYR B 281 32.24 32.04 7.85
N GLY B 282 31.64 33.22 7.98
CA GLY B 282 31.77 34.06 9.16
C GLY B 282 31.28 33.37 10.41
N SER B 283 30.10 32.77 10.31
CA SER B 283 29.52 32.00 11.41
C SER B 283 30.40 30.83 11.79
N ALA B 284 30.91 30.11 10.79
CA ALA B 284 31.82 28.95 10.99
C ALA B 284 33.17 29.32 11.64
N VAL B 285 33.70 30.49 11.28
CA VAL B 285 34.89 31.03 11.90
C VAL B 285 34.57 31.42 13.35
N ALA B 286 33.51 32.21 13.55
CA ALA B 286 33.02 32.62 14.90
C ALA B 286 32.88 31.47 15.89
N SER B 287 32.60 30.28 15.37
CA SER B 287 32.31 29.10 16.16
C SER B 287 33.54 28.32 16.52
N GLY B 288 34.67 28.67 15.91
CA GLY B 288 35.90 28.02 16.26
C GLY B 288 36.31 26.94 15.30
N TYR B 289 35.81 27.00 14.08
CA TYR B 289 36.25 26.06 13.08
C TYR B 289 37.41 26.72 12.38
N ASP B 290 38.60 26.17 12.61
CA ASP B 290 39.82 26.63 11.95
C ASP B 290 39.91 26.01 10.57
N PHE B 291 39.54 26.81 9.58
CA PHE B 291 39.47 26.36 8.19
C PHE B 291 40.83 26.01 7.61
N GLU B 292 41.82 26.86 7.89
CA GLU B 292 43.17 26.68 7.40
C GLU B 292 43.76 25.38 7.92
N ARG B 293 43.54 25.09 9.20
CA ARG B 293 44.05 23.87 9.82
C ARG B 293 43.30 22.61 9.38
N GLU B 294 41.97 22.68 9.32
CA GLU B 294 41.15 21.51 8.98
C GLU B 294 41.09 21.27 7.48
N GLY B 295 41.48 22.28 6.70
CA GLY B 295 41.41 22.23 5.24
C GLY B 295 39.97 22.35 4.78
N TYR B 296 39.78 22.69 3.51
CA TYR B 296 38.44 22.85 2.92
C TYR B 296 38.49 22.53 1.41
N SER B 297 37.45 21.86 0.91
CA SER B 297 37.28 21.65 -0.53
C SER B 297 35.98 22.24 -1.04
N LEU B 298 36.01 22.78 -2.26
CA LEU B 298 34.82 23.38 -2.85
C LEU B 298 33.96 22.29 -3.52
N VAL B 299 34.57 21.11 -3.69
CA VAL B 299 34.00 20.03 -4.48
C VAL B 299 33.70 18.73 -3.68
N GLY B 300 34.18 18.67 -2.43
CA GLY B 300 33.88 17.55 -1.56
C GLY B 300 32.74 17.83 -0.61
N ILE B 301 32.80 17.19 0.56
CA ILE B 301 31.75 17.24 1.59
C ILE B 301 31.63 18.58 2.29
N ASP B 302 32.75 19.29 2.35
CA ASP B 302 32.88 20.49 3.19
C ASP B 302 31.79 21.54 3.08
N PRO B 303 31.38 21.96 1.85
CA PRO B 303 30.28 22.93 1.78
C PRO B 303 28.90 22.38 2.15
N PHE B 304 28.71 21.07 1.94
CA PHE B 304 27.47 20.39 2.28
C PHE B 304 27.31 20.29 3.79
N ARG B 305 28.38 19.83 4.44
CA ARG B 305 28.47 19.76 5.89
C ARG B 305 28.38 21.13 6.55
N LEU B 306 28.99 22.13 5.91
CA LEU B 306 28.86 23.51 6.37
C LEU B 306 27.42 24.04 6.34
N LEU B 307 26.66 23.70 5.30
CA LEU B 307 25.28 24.16 5.23
C LEU B 307 24.32 23.40 6.14
N GLN B 308 24.60 22.12 6.41
CA GLN B 308 23.71 21.32 7.26
C GLN B 308 23.54 21.99 8.60
N ASN B 309 24.62 22.56 9.11
CA ASN B 309 24.66 23.03 10.48
C ASN B 309 24.71 24.55 10.60
N SER B 310 24.39 25.24 9.52
CA SER B 310 24.35 26.69 9.55
C SER B 310 22.95 27.27 9.66
N GLN B 311 22.88 28.58 9.83
CA GLN B 311 21.66 29.31 10.10
C GLN B 311 21.71 30.60 9.27
N VAL B 312 20.95 30.63 8.18
CA VAL B 312 20.86 31.83 7.34
C VAL B 312 19.42 32.28 7.20
N TYR B 313 19.18 33.52 7.57
CA TYR B 313 17.85 34.12 7.47
C TYR B 313 17.72 34.90 6.17
N SER B 314 16.48 35.12 5.77
CA SER B 314 16.15 35.87 4.55
C SER B 314 14.91 36.70 4.75
N LEU B 315 14.92 37.88 4.15
CA LEU B 315 13.71 38.69 4.03
C LEU B 315 12.84 38.07 2.96
N ILE B 316 11.53 38.19 3.17
CA ILE B 316 10.49 37.56 2.36
C ILE B 316 9.45 38.63 2.08
N ARG B 317 9.13 38.84 0.82
CA ARG B 317 7.99 39.68 0.44
C ARG B 317 6.67 38.91 0.74
N PRO B 318 5.53 39.62 0.97
CA PRO B 318 4.26 39.00 1.44
C PRO B 318 3.66 37.88 0.58
N ASN B 319 3.86 37.92 -0.73
CA ASN B 319 3.38 36.85 -1.62
C ASN B 319 4.27 35.59 -1.61
N GLU B 320 5.56 35.79 -1.34
CA GLU B 320 6.62 34.78 -1.50
C GLU B 320 6.54 33.58 -0.55
N ASN B 321 6.94 32.43 -1.08
CA ASN B 321 6.94 31.20 -0.34
C ASN B 321 8.37 30.94 0.18
N PRO B 322 8.58 30.94 1.51
CA PRO B 322 9.93 30.73 2.08
C PRO B 322 10.69 29.47 1.62
N ALA B 323 9.96 28.38 1.36
CA ALA B 323 10.54 27.13 0.89
C ALA B 323 11.07 27.30 -0.54
N HIS B 324 10.30 28.01 -1.36
CA HIS B 324 10.70 28.34 -2.72
C HIS B 324 11.96 29.22 -2.74
N LYS B 325 12.04 30.20 -1.83
CA LYS B 325 13.24 31.06 -1.66
C LYS B 325 14.44 30.22 -1.25
N SER B 326 14.20 29.30 -0.31
CA SER B 326 15.19 28.31 0.10
C SER B 326 15.64 27.39 -1.02
N GLN B 327 14.80 27.20 -2.04
CA GLN B 327 15.24 26.43 -3.19
C GLN B 327 16.23 27.22 -4.04
N LEU B 328 15.96 28.50 -4.21
CA LEU B 328 16.83 29.40 -4.95
C LEU B 328 18.21 29.48 -4.33
N VAL B 329 18.29 29.71 -3.03
CA VAL B 329 19.61 29.83 -2.39
C VAL B 329 20.37 28.51 -2.49
N TRP B 330 19.67 27.41 -2.20
CA TRP B 330 20.30 26.09 -2.20
C TRP B 330 20.91 25.76 -3.53
N MET B 331 20.16 26.00 -4.59
CA MET B 331 20.61 25.74 -5.93
C MET B 331 21.85 26.58 -6.19
N ALA B 332 21.73 27.90 -5.95
CA ALA B 332 22.84 28.82 -6.09
C ALA B 332 24.09 28.33 -5.40
N CYS B 333 23.97 28.01 -4.09
CA CYS B 333 25.11 27.53 -3.28
C CYS B 333 25.89 26.44 -3.98
N HIS B 334 25.19 25.44 -4.49
CA HIS B 334 25.82 24.30 -5.13
C HIS B 334 25.97 24.34 -6.66
N SER B 335 25.96 25.52 -7.29
CA SER B 335 26.15 25.63 -8.76
C SER B 335 25.15 24.75 -9.55
N ALA B 336 23.90 24.68 -9.10
CA ALA B 336 22.98 23.68 -9.62
C ALA B 336 21.81 24.22 -10.45
N ALA B 337 21.93 25.43 -10.99
CA ALA B 337 20.89 26.01 -11.85
C ALA B 337 20.57 25.16 -13.05
N PHE B 338 21.60 24.61 -13.71
CA PHE B 338 21.39 23.87 -14.97
C PHE B 338 21.55 22.35 -14.82
N GLU B 339 21.23 21.85 -13.62
CA GLU B 339 21.32 20.43 -13.27
C GLU B 339 19.94 19.82 -13.31
N ASP B 340 19.90 18.55 -13.71
CA ASP B 340 18.67 17.79 -13.76
C ASP B 340 18.01 17.97 -12.41
N LEU B 341 16.80 18.54 -12.45
CA LEU B 341 16.00 18.79 -11.27
C LEU B 341 15.75 17.51 -10.50
N ARG B 342 15.54 16.40 -11.22
CA ARG B 342 15.38 15.09 -10.63
C ARG B 342 16.56 14.78 -9.70
N VAL B 343 17.77 15.10 -10.14
CA VAL B 343 18.99 14.80 -9.37
C VAL B 343 19.10 15.69 -8.13
N SER B 344 18.80 16.98 -8.30
CA SER B 344 18.85 17.96 -7.20
C SER B 344 17.96 17.53 -6.04
N SER B 345 16.68 17.27 -6.37
CA SER B 345 15.66 16.72 -5.48
C SER B 345 16.08 15.47 -4.72
N PHE B 346 16.62 14.50 -5.44
CA PHE B 346 17.14 13.32 -4.80
C PHE B 346 18.17 13.67 -3.74
N ILE B 347 19.22 14.40 -4.10
CA ILE B 347 20.24 14.86 -3.13
C ILE B 347 19.62 15.66 -1.97
N ARG B 348 18.84 16.67 -2.35
CA ARG B 348 18.20 17.57 -1.40
C ARG B 348 17.26 16.90 -0.41
N GLY B 349 16.62 15.81 -0.82
CA GLY B 349 15.67 15.09 0.03
C GLY B 349 14.25 15.64 0.01
N THR B 350 14.07 16.87 -0.48
CA THR B 350 12.75 17.40 -0.81
C THR B 350 12.71 17.81 -2.30
N LYS B 351 11.54 18.23 -2.78
CA LYS B 351 11.34 18.49 -4.21
C LYS B 351 11.94 19.82 -4.71
N VAL B 352 12.61 19.76 -5.85
CA VAL B 352 13.21 20.92 -6.50
C VAL B 352 12.41 21.18 -7.78
N VAL B 353 11.76 22.33 -7.83
CA VAL B 353 10.77 22.62 -8.87
C VAL B 353 11.28 23.71 -9.83
N PRO B 354 10.70 23.82 -11.05
CA PRO B 354 11.15 24.81 -12.05
C PRO B 354 11.03 26.28 -11.66
N ARG B 355 11.71 27.16 -12.40
CA ARG B 355 11.82 28.58 -12.04
C ARG B 355 10.48 29.31 -12.12
N GLY B 356 9.68 28.97 -13.12
CA GLY B 356 8.35 29.58 -13.31
C GLY B 356 7.26 29.06 -12.40
N LYS B 357 7.59 28.04 -11.59
CA LYS B 357 6.72 27.51 -10.54
C LYS B 357 7.17 28.02 -9.16
N LEU B 358 8.14 28.93 -9.16
CA LEU B 358 8.69 29.53 -7.94
C LEU B 358 8.11 30.91 -7.66
N SER B 359 7.65 31.13 -6.44
CA SER B 359 7.15 32.44 -6.02
C SER B 359 8.28 33.25 -5.33
N THR B 360 9.23 33.74 -6.13
CA THR B 360 10.36 34.56 -5.66
C THR B 360 10.68 35.60 -6.72
N ARG B 361 10.80 36.85 -6.29
CA ARG B 361 11.26 37.94 -7.17
C ARG B 361 12.81 37.96 -7.32
N GLY B 362 13.51 37.34 -6.36
CA GLY B 362 14.96 37.36 -6.30
C GLY B 362 15.45 37.89 -4.94
N VAL B 363 16.56 37.34 -4.45
CA VAL B 363 17.01 37.53 -3.06
C VAL B 363 17.25 39.00 -2.72
N GLN B 364 17.82 39.73 -3.68
CA GLN B 364 18.08 41.17 -3.59
C GLN B 364 16.78 41.96 -3.44
N ILE B 365 16.81 43.02 -2.63
CA ILE B 365 15.66 43.92 -2.50
C ILE B 365 16.00 45.26 -3.18
N ALA B 366 15.22 45.60 -4.21
CA ALA B 366 15.41 46.83 -5.02
C ALA B 366 14.89 48.07 -4.30
N SER B 367 15.59 49.20 -4.53
CA SER B 367 15.41 50.47 -3.77
C SER B 367 13.97 50.91 -3.43
N ASN B 368 13.03 50.67 -4.34
CA ASN B 368 11.63 51.13 -4.17
C ASN B 368 10.72 50.24 -3.30
N GLU B 369 11.24 49.08 -2.89
CA GLU B 369 10.44 48.07 -2.18
C GLU B 369 9.90 48.51 -0.82
N ASN B 370 8.69 48.07 -0.53
CA ASN B 370 7.99 48.45 0.69
C ASN B 370 8.47 47.67 1.90
N MET B 371 9.17 48.36 2.79
CA MET B 371 9.75 47.75 3.99
C MET B 371 8.76 47.30 5.04
N GLU B 372 7.70 48.09 5.25
CA GLU B 372 6.65 47.81 6.24
C GLU B 372 6.03 46.39 6.12
N THR B 373 5.95 45.90 4.88
CA THR B 373 5.31 44.62 4.51
C THR B 373 6.29 43.44 4.47
N MET B 374 7.51 43.67 4.97
CA MET B 374 8.60 42.70 4.84
C MET B 374 8.76 41.83 6.09
N GLU B 375 8.49 40.54 5.90
CA GLU B 375 8.74 39.53 6.92
C GLU B 375 10.14 38.89 6.70
N SER B 376 10.60 38.07 7.65
CA SER B 376 11.84 37.29 7.49
C SER B 376 11.65 35.87 7.98
N SER B 377 12.50 34.96 7.52
CA SER B 377 12.42 33.54 7.89
C SER B 377 13.72 32.78 7.64
N THR B 378 13.86 31.63 8.33
CA THR B 378 15.05 30.78 8.21
C THR B 378 15.01 30.01 6.90
N LEU B 379 16.13 30.08 6.17
CA LEU B 379 16.26 29.37 4.92
C LEU B 379 16.58 27.91 5.14
N GLU B 380 15.88 27.05 4.41
CA GLU B 380 16.13 25.62 4.42
C GLU B 380 17.26 25.24 3.43
N LEU B 381 18.48 25.12 3.95
CA LEU B 381 19.65 24.88 3.10
C LEU B 381 20.24 23.49 3.26
N ARG B 382 19.64 22.72 4.14
CA ARG B 382 20.07 21.35 4.38
C ARG B 382 19.70 20.45 3.21
N SER B 383 20.23 19.23 3.22
CA SER B 383 20.06 18.26 2.15
C SER B 383 20.16 16.87 2.73
N ARG B 384 19.51 15.89 2.11
CA ARG B 384 19.53 14.54 2.67
C ARG B 384 20.86 13.84 2.39
N TYR B 385 21.38 14.02 1.18
CA TYR B 385 22.66 13.44 0.79
C TYR B 385 23.60 14.53 0.29
N TRP B 386 24.77 14.10 -0.18
CA TRP B 386 25.71 14.95 -0.90
C TRP B 386 26.36 14.22 -2.06
N ALA B 387 26.88 15.00 -2.99
CA ALA B 387 27.54 14.47 -4.16
C ALA B 387 28.72 15.36 -4.50
N ILE B 388 29.81 14.73 -4.93
CA ILE B 388 30.98 15.45 -5.45
C ILE B 388 30.53 16.34 -6.60
N ARG B 389 30.95 17.61 -6.58
CA ARG B 389 30.78 18.51 -7.72
C ARG B 389 31.90 18.24 -8.77
N THR B 390 31.54 18.15 -10.07
CA THR B 390 32.50 17.79 -11.16
C THR B 390 32.76 18.82 -12.24
N ARG B 391 33.95 18.70 -12.82
CA ARG B 391 34.33 19.44 -14.01
C ARG B 391 33.64 18.79 -15.22
N SER B 392 33.42 17.48 -15.13
CA SER B 392 32.97 16.67 -16.27
C SER B 392 31.69 17.13 -17.00
N GLY B 393 31.65 16.81 -18.29
CA GLY B 393 30.46 16.97 -19.13
C GLY B 393 29.64 15.69 -19.29
N GLY B 394 30.28 14.55 -19.01
CA GLY B 394 29.63 13.24 -18.99
C GLY B 394 29.99 12.29 -20.11
N ASN B 395 30.52 12.84 -21.21
CA ASN B 395 30.67 12.18 -22.52
C ASN B 395 31.15 10.70 -22.53
N THR B 396 30.57 9.91 -23.45
CA THR B 396 31.07 8.56 -23.84
C THR B 396 31.26 8.45 -25.38
N SER B 403 38.07 -3.67 -22.76
CA SER B 403 37.62 -5.05 -22.96
C SER B 403 36.60 -5.54 -21.88
N GLY B 404 36.40 -6.86 -21.79
CA GLY B 404 35.44 -7.45 -20.82
C GLY B 404 34.01 -7.46 -21.33
N GLN B 405 33.13 -8.23 -20.69
CA GLN B 405 31.79 -8.35 -21.24
C GLN B 405 30.93 -7.08 -21.12
N ILE B 406 30.04 -6.92 -22.10
CA ILE B 406 29.24 -5.73 -22.36
C ILE B 406 27.77 -6.19 -22.49
N SER B 407 27.52 -7.47 -22.22
CA SER B 407 26.20 -8.11 -22.35
C SER B 407 26.12 -9.47 -21.65
N ILE B 408 24.91 -9.99 -21.54
CA ILE B 408 24.65 -11.20 -20.77
C ILE B 408 24.09 -12.26 -21.71
N GLN B 409 24.31 -13.55 -21.41
CA GLN B 409 23.68 -14.61 -22.18
C GLN B 409 22.91 -15.52 -21.26
N PRO B 410 21.57 -15.38 -21.27
CA PRO B 410 20.74 -16.10 -20.31
C PRO B 410 21.02 -17.60 -20.34
N THR B 411 21.46 -18.14 -19.23
CA THR B 411 21.56 -19.58 -19.06
C THR B 411 20.19 -20.11 -18.68
N PHE B 412 19.59 -19.51 -17.65
CA PHE B 412 18.35 -20.02 -17.02
C PHE B 412 17.06 -19.34 -17.48
N SER B 413 16.00 -20.12 -17.61
CA SER B 413 14.64 -19.60 -17.79
C SER B 413 14.17 -19.00 -16.46
N VAL B 414 14.48 -17.72 -16.27
CA VAL B 414 14.16 -16.97 -15.05
C VAL B 414 13.77 -15.57 -15.48
N GLN B 415 12.65 -15.08 -14.94
CA GLN B 415 12.15 -13.76 -15.31
C GLN B 415 13.04 -12.69 -14.72
N ARG B 416 13.52 -11.83 -15.61
CA ARG B 416 14.48 -10.77 -15.31
C ARG B 416 14.69 -9.95 -16.58
N ASN B 417 15.29 -8.77 -16.43
CA ASN B 417 15.83 -8.08 -17.59
C ASN B 417 17.19 -8.73 -18.00
N LEU B 418 17.58 -8.50 -19.25
CA LEU B 418 18.87 -8.97 -19.73
C LEU B 418 19.73 -7.75 -20.03
N PRO B 419 20.49 -7.27 -19.03
CA PRO B 419 21.34 -6.08 -19.20
C PRO B 419 22.28 -6.13 -20.42
N PHE B 420 22.62 -4.95 -20.93
CA PHE B 420 23.66 -4.76 -21.95
C PHE B 420 24.03 -3.29 -21.95
N ASP B 421 25.33 -3.01 -22.02
CA ASP B 421 25.82 -1.62 -22.04
C ASP B 421 25.53 -0.98 -23.40
N ARG B 422 24.36 -0.33 -23.47
CA ARG B 422 23.81 0.19 -24.72
C ARG B 422 24.70 1.21 -25.45
N PRO B 423 25.25 2.24 -24.74
CA PRO B 423 25.96 3.30 -25.46
C PRO B 423 27.19 2.80 -26.23
N THR B 424 27.92 1.85 -25.65
CA THR B 424 29.10 1.24 -26.28
C THR B 424 28.70 0.43 -27.52
N ILE B 425 27.82 -0.55 -27.37
CA ILE B 425 27.35 -1.36 -28.49
C ILE B 425 26.90 -0.46 -29.65
N MET B 426 26.28 0.67 -29.32
CA MET B 426 25.80 1.65 -30.31
C MET B 426 26.86 2.58 -30.92
N ALA B 427 28.08 2.57 -30.39
CA ALA B 427 29.15 3.49 -30.83
C ALA B 427 29.56 3.42 -32.32
N ALA B 428 29.33 2.28 -32.96
CA ALA B 428 29.76 2.04 -34.35
C ALA B 428 29.07 2.92 -35.41
N SER B 438 37.80 14.63 -44.72
CA SER B 438 36.42 14.71 -44.25
C SER B 438 36.17 16.00 -43.45
N ASP B 439 34.95 16.54 -43.61
CA ASP B 439 34.49 17.79 -42.99
C ASP B 439 34.34 17.66 -41.46
N MET B 440 34.86 18.63 -40.72
CA MET B 440 34.77 18.64 -39.24
C MET B 440 33.37 19.01 -38.72
N ARG B 441 32.65 19.83 -39.48
CA ARG B 441 31.25 20.14 -39.18
C ARG B 441 30.40 18.88 -39.15
N THR B 442 30.41 18.13 -40.25
CA THR B 442 29.53 16.97 -40.40
C THR B 442 30.01 15.74 -39.60
N GLU B 443 31.25 15.80 -39.14
CA GLU B 443 31.82 14.80 -38.23
C GLU B 443 31.16 14.89 -36.85
N ILE B 444 30.89 16.12 -36.42
CA ILE B 444 30.23 16.43 -35.15
C ILE B 444 28.76 16.03 -35.22
N ILE B 445 28.06 16.47 -36.27
CA ILE B 445 26.68 16.02 -36.60
C ILE B 445 26.53 14.48 -36.54
N ARG B 446 27.47 13.76 -37.17
CA ARG B 446 27.51 12.29 -37.13
C ARG B 446 27.50 11.77 -35.68
N LEU B 447 28.36 12.35 -34.82
CA LEU B 447 28.45 12.00 -33.41
C LEU B 447 27.22 12.45 -32.62
N MET B 448 26.66 13.61 -32.98
CA MET B 448 25.42 14.16 -32.38
C MET B 448 24.19 13.28 -32.62
N GLU B 449 23.94 12.93 -33.89
CA GLU B 449 22.90 11.97 -34.31
C GLU B 449 22.94 10.67 -33.49
N SER B 450 24.16 10.19 -33.21
CA SER B 450 24.41 8.96 -32.46
C SER B 450 23.99 9.01 -30.98
N ALA B 451 23.98 10.22 -30.41
CA ALA B 451 23.76 10.40 -28.98
C ALA B 451 22.30 10.29 -28.59
N ARG B 452 22.05 9.52 -27.55
CA ARG B 452 20.72 9.22 -27.08
C ARG B 452 20.57 9.82 -25.67
N PRO B 453 19.49 10.60 -25.41
CA PRO B 453 19.32 11.15 -24.06
C PRO B 453 19.11 10.09 -22.97
N GLU B 454 18.68 8.89 -23.35
CA GLU B 454 18.42 7.81 -22.40
C GLU B 454 19.68 7.04 -21.97
N ASP B 455 20.83 7.38 -22.56
CA ASP B 455 22.11 6.76 -22.21
C ASP B 455 22.61 7.28 -20.85
N VAL B 456 23.00 6.36 -19.96
CA VAL B 456 23.48 6.77 -18.62
C VAL B 456 24.94 7.17 -18.70
N SER B 457 25.29 8.21 -17.93
CA SER B 457 26.66 8.69 -17.72
C SER B 457 26.97 8.58 -16.24
N PHE B 458 28.26 8.76 -15.93
CA PHE B 458 28.78 8.70 -14.57
C PHE B 458 28.50 7.32 -13.90
N GLN B 459 28.72 6.25 -14.67
CA GLN B 459 28.48 4.88 -14.21
C GLN B 459 29.27 4.58 -12.93
N GLY B 460 28.53 4.19 -11.89
CA GLY B 460 29.11 3.78 -10.62
C GLY B 460 29.32 4.90 -9.61
N ARG B 461 29.22 6.14 -10.08
CA ARG B 461 29.30 7.33 -9.22
C ARG B 461 27.99 7.46 -8.49
N GLY B 462 28.06 7.85 -7.22
CA GLY B 462 26.84 7.95 -6.41
C GLY B 462 26.75 9.15 -5.49
N VAL B 463 25.67 9.16 -4.70
CA VAL B 463 25.52 10.14 -3.62
C VAL B 463 26.16 9.55 -2.39
N PHE B 464 26.35 10.39 -1.36
CA PHE B 464 26.96 9.99 -0.10
C PHE B 464 26.17 10.52 1.09
N GLU B 465 26.30 9.81 2.22
CA GLU B 465 25.77 10.27 3.53
C GLU B 465 26.62 11.42 4.06
N LEU B 466 25.97 12.39 4.69
CA LEU B 466 26.67 13.56 5.22
C LEU B 466 27.72 13.22 6.27
N SER B 467 27.80 11.95 6.68
CA SER B 467 28.85 11.52 7.59
C SER B 467 30.04 10.89 6.89
N ASP B 468 29.99 10.84 5.55
CA ASP B 468 30.90 10.02 4.73
C ASP B 468 32.00 10.87 4.09
N GLU B 469 32.98 11.24 4.92
CA GLU B 469 33.98 12.29 4.65
C GLU B 469 34.90 11.93 3.49
N LYS B 470 35.70 10.87 3.68
CA LYS B 470 36.34 10.17 2.58
C LYS B 470 35.19 9.54 1.82
N ALA B 471 35.13 9.70 0.50
CA ALA B 471 33.92 9.34 -0.24
C ALA B 471 33.79 7.82 -0.47
N THR B 472 33.69 7.10 0.63
CA THR B 472 33.82 5.64 0.69
C THR B 472 32.63 4.86 0.12
N SER B 473 31.41 5.26 0.45
CA SER B 473 30.26 4.38 0.31
C SER B 473 29.18 4.92 -0.66
N PRO B 474 29.43 4.82 -1.99
CA PRO B 474 28.53 5.49 -2.96
C PRO B 474 27.15 4.86 -2.96
N ILE B 475 26.14 5.72 -2.97
CA ILE B 475 24.77 5.28 -3.07
C ILE B 475 24.36 5.68 -4.48
N VAL B 476 24.03 4.69 -5.30
CA VAL B 476 23.63 4.94 -6.70
C VAL B 476 22.12 5.00 -6.75
N PRO B 477 21.56 6.18 -7.05
CA PRO B 477 20.14 6.43 -6.89
C PRO B 477 19.27 5.87 -8.03
N SER B 478 17.96 6.07 -7.87
CA SER B 478 16.99 6.05 -8.95
C SER B 478 15.90 7.10 -8.66
N PHE B 479 15.34 7.67 -9.73
CA PHE B 479 14.46 8.87 -9.65
C PHE B 479 12.96 8.58 -9.88
N ASP B 480 12.52 7.41 -9.42
CA ASP B 480 11.10 6.98 -9.49
C ASP B 480 10.13 7.82 -8.64
N MET B 481 10.66 8.42 -7.56
CA MET B 481 9.94 9.35 -6.68
C MET B 481 9.65 10.67 -7.42
N SER B 482 8.43 10.77 -7.97
CA SER B 482 8.01 11.82 -8.94
C SER B 482 8.36 13.28 -8.63
N ASN B 483 8.49 14.09 -9.68
CA ASN B 483 9.05 15.45 -9.60
C ASN B 483 8.18 16.48 -10.28
N GLY B 485 9.46 18.51 -13.29
CA GLY B 485 10.13 18.62 -14.58
C GLY B 485 11.52 18.00 -14.61
N SER B 486 12.42 18.60 -15.39
CA SER B 486 13.86 18.23 -15.40
C SER B 486 14.73 19.48 -15.68
N TYR B 487 14.22 20.32 -16.55
CA TYR B 487 14.84 21.58 -16.85
C TYR B 487 14.26 22.59 -15.90
N PHE B 488 15.14 23.33 -15.24
CA PHE B 488 14.78 24.40 -14.32
C PHE B 488 14.20 25.59 -15.08
N PHE B 489 14.45 25.65 -16.39
CA PHE B 489 13.98 26.75 -17.22
C PHE B 489 13.16 26.24 -18.42
N ASN C 21 -51.27 11.36 8.00
CA ASN C 21 -50.76 12.34 9.01
C ASN C 21 -49.31 12.80 8.76
N ALA C 22 -48.47 11.92 8.21
CA ALA C 22 -47.06 12.22 7.92
C ALA C 22 -46.86 13.22 6.77
N THR C 23 -47.65 13.07 5.71
CA THR C 23 -47.65 13.99 4.55
C THR C 23 -48.12 15.43 4.86
N GLU C 24 -48.80 15.60 5.99
CA GLU C 24 -49.33 16.92 6.41
C GLU C 24 -48.53 17.63 7.53
N ILE C 25 -47.83 16.85 8.36
CA ILE C 25 -46.81 17.40 9.30
C ILE C 25 -45.70 18.07 8.48
N ARG C 26 -45.31 17.42 7.39
CA ARG C 26 -44.37 17.99 6.42
C ARG C 26 -44.88 19.31 5.91
N ALA C 27 -46.13 19.33 5.45
CA ALA C 27 -46.78 20.56 4.95
C ALA C 27 -46.71 21.73 5.97
N SER C 28 -46.87 21.43 7.27
CA SER C 28 -46.93 22.45 8.33
C SER C 28 -45.56 22.97 8.82
N VAL C 29 -44.59 22.06 8.96
CA VAL C 29 -43.17 22.39 9.14
C VAL C 29 -42.73 23.22 7.92
N GLY C 30 -43.06 22.74 6.72
CA GLY C 30 -42.94 23.52 5.48
C GLY C 30 -43.40 24.96 5.61
N LYS C 31 -44.66 25.14 6.06
CA LYS C 31 -45.23 26.45 6.38
C LYS C 31 -44.42 27.27 7.41
N MET C 32 -43.88 26.60 8.43
CA MET C 32 -43.12 27.25 9.51
C MET C 32 -41.80 27.80 9.03
N ILE C 33 -41.03 26.94 8.35
CA ILE C 33 -39.73 27.25 7.77
C ILE C 33 -39.92 28.42 6.79
N ASP C 34 -40.92 28.27 5.92
CA ASP C 34 -41.33 29.32 5.01
C ASP C 34 -41.43 30.73 5.61
N GLY C 35 -42.14 30.85 6.73
CA GLY C 35 -42.28 32.09 7.50
C GLY C 35 -40.96 32.70 7.96
N ILE C 36 -40.09 31.86 8.52
CA ILE C 36 -38.75 32.28 8.91
C ILE C 36 -38.04 32.86 7.68
N GLY C 37 -38.05 32.10 6.59
CA GLY C 37 -37.42 32.51 5.33
C GLY C 37 -37.95 33.84 4.85
N ARG C 38 -39.28 33.97 4.87
CA ARG C 38 -39.96 35.20 4.44
C ARG C 38 -39.63 36.34 5.37
N PHE C 39 -39.64 36.09 6.68
CA PHE C 39 -39.27 37.12 7.67
C PHE C 39 -37.84 37.60 7.49
N TYR C 40 -36.93 36.64 7.38
CA TYR C 40 -35.53 36.95 7.16
C TYR C 40 -35.33 37.80 5.89
N ILE C 41 -35.93 37.40 4.77
CA ILE C 41 -35.88 38.18 3.52
C ILE C 41 -36.37 39.61 3.77
N GLN C 42 -37.45 39.73 4.55
CA GLN C 42 -38.03 41.03 4.84
C GLN C 42 -37.05 41.89 5.62
N MET C 43 -36.43 41.31 6.66
CA MET C 43 -35.41 42.01 7.43
C MET C 43 -34.17 42.40 6.63
N CYS C 44 -33.78 41.58 5.67
CA CYS C 44 -32.67 41.90 4.78
C CYS C 44 -32.95 43.14 3.91
N THR C 45 -34.22 43.29 3.52
CA THR C 45 -34.69 44.47 2.76
C THR C 45 -34.69 45.67 3.72
N GLU C 46 -35.41 45.53 4.83
CA GLU C 46 -35.42 46.50 5.95
C GLU C 46 -34.06 47.10 6.29
N LEU C 47 -33.02 46.31 6.10
CA LEU C 47 -31.69 46.70 6.50
C LEU C 47 -30.74 46.92 5.34
N LYS C 48 -31.26 46.92 4.12
CA LYS C 48 -30.44 47.12 2.89
C LYS C 48 -29.11 46.34 2.98
N LEU C 49 -29.20 45.01 3.01
CA LEU C 49 -27.97 44.23 3.13
C LEU C 49 -27.63 43.62 1.78
N SER C 50 -26.34 43.63 1.47
CA SER C 50 -25.80 43.04 0.24
C SER C 50 -26.14 41.56 0.22
N ASP C 51 -25.97 40.93 -0.94
CA ASP C 51 -26.14 39.50 -1.02
C ASP C 51 -25.25 38.79 -0.01
N TYR C 52 -23.98 39.19 0.06
CA TYR C 52 -23.00 38.59 0.97
C TYR C 52 -23.36 38.81 2.45
N GLU C 53 -23.82 40.03 2.78
CA GLU C 53 -24.16 40.38 4.17
C GLU C 53 -25.34 39.59 4.74
N GLY C 54 -26.42 39.53 3.97
CA GLY C 54 -27.58 38.68 4.25
C GLY C 54 -27.28 37.22 4.50
N ARG C 55 -26.16 36.72 3.98
CA ARG C 55 -25.73 35.34 4.24
C ARG C 55 -24.66 35.19 5.35
N LEU C 56 -24.27 36.31 5.97
CA LEU C 56 -23.27 36.29 7.03
C LEU C 56 -23.90 35.80 8.33
N ILE C 57 -23.43 34.65 8.83
CA ILE C 57 -24.05 33.97 9.98
C ILE C 57 -24.22 34.88 11.22
N GLN C 58 -23.32 35.85 11.36
CA GLN C 58 -23.36 36.86 12.42
C GLN C 58 -24.53 37.78 12.26
N ASN C 59 -24.83 38.15 11.02
CA ASN C 59 -25.99 39.02 10.76
C ASN C 59 -27.28 38.26 10.99
N SER C 60 -27.31 37.02 10.51
CA SER C 60 -28.37 36.06 10.78
C SER C 60 -28.68 36.04 12.28
N LEU C 61 -27.64 35.83 13.09
CA LEU C 61 -27.76 35.71 14.55
C LEU C 61 -28.44 36.88 15.23
N THR C 62 -28.05 38.10 14.85
CA THR C 62 -28.69 39.31 15.34
C THR C 62 -30.17 39.39 14.91
N ILE C 63 -30.43 39.14 13.62
CA ILE C 63 -31.80 39.17 13.12
C ILE C 63 -32.69 38.22 13.90
N GLU C 64 -32.24 36.98 14.12
CA GLU C 64 -32.97 35.98 14.93
C GLU C 64 -33.16 36.43 16.37
N ARG C 65 -32.08 36.91 16.98
CA ARG C 65 -32.07 37.38 18.37
C ARG C 65 -33.08 38.51 18.58
N MET C 66 -33.29 39.33 17.56
CA MET C 66 -34.22 40.46 17.66
C MET C 66 -35.68 40.06 17.72
N VAL C 67 -36.11 39.13 16.86
CA VAL C 67 -37.51 38.62 16.88
C VAL C 67 -37.86 37.98 18.22
N LEU C 68 -36.91 37.21 18.76
CA LEU C 68 -37.12 36.51 20.01
C LEU C 68 -37.19 37.50 21.16
N SER C 69 -36.35 38.54 21.09
CA SER C 69 -36.36 39.65 22.03
C SER C 69 -37.67 40.46 21.95
N ALA C 70 -38.23 40.58 20.74
CA ALA C 70 -39.45 41.36 20.52
C ALA C 70 -40.73 40.61 20.93
N PHE C 71 -40.58 39.33 21.24
CA PHE C 71 -41.70 38.46 21.56
C PHE C 71 -41.59 37.87 22.97
N ASP C 72 -40.66 38.41 23.76
CA ASP C 72 -40.40 37.99 25.15
C ASP C 72 -41.64 37.98 26.08
N THR C 92 -35.57 47.03 21.27
CA THR C 92 -34.56 46.01 20.92
C THR C 92 -33.69 46.33 19.71
N GLY C 93 -32.65 45.50 19.54
CA GLY C 93 -31.63 45.70 18.52
C GLY C 93 -30.43 44.81 18.79
N GLY C 94 -29.34 45.05 18.05
CA GLY C 94 -28.12 44.23 18.10
C GLY C 94 -27.15 44.69 17.03
N PRO C 95 -25.99 43.99 16.86
CA PRO C 95 -24.96 44.39 15.87
C PRO C 95 -25.19 43.85 14.45
N ILE C 96 -24.94 44.69 13.45
CA ILE C 96 -25.07 44.32 12.06
C ILE C 96 -23.77 44.69 11.37
N TYR C 97 -23.25 43.76 10.58
CA TYR C 97 -21.91 43.86 9.99
C TYR C 97 -22.01 44.15 8.51
N ARG C 98 -21.27 45.17 8.07
CA ARG C 98 -21.25 45.60 6.66
C ARG C 98 -19.82 45.79 6.17
N ARG C 99 -19.48 45.21 5.02
CA ARG C 99 -18.17 45.42 4.38
C ARG C 99 -18.16 46.74 3.56
N VAL C 100 -17.42 47.75 4.05
CA VAL C 100 -17.10 48.97 3.27
C VAL C 100 -15.59 49.07 2.96
N ASP C 101 -15.27 49.38 1.71
CA ASP C 101 -13.88 49.45 1.19
C ASP C 101 -13.11 48.13 1.30
N GLY C 102 -13.83 47.01 1.38
CA GLY C 102 -13.21 45.72 1.62
C GLY C 102 -13.14 45.29 3.09
N LYS C 103 -13.03 46.25 4.02
CA LYS C 103 -12.95 45.95 5.48
C LYS C 103 -14.27 46.12 6.24
N TRP C 104 -14.56 45.14 7.10
CA TRP C 104 -15.84 44.99 7.79
C TRP C 104 -16.12 46.04 8.83
N ARG C 105 -17.38 46.50 8.86
CA ARG C 105 -17.83 47.53 9.80
C ARG C 105 -19.11 47.13 10.50
N ARG C 106 -19.04 47.02 11.83
CA ARG C 106 -20.18 46.72 12.65
C ARG C 106 -20.79 47.98 13.25
N GLU C 107 -22.12 48.00 13.35
CA GLU C 107 -22.89 49.14 13.84
C GLU C 107 -24.14 48.62 14.50
N LEU C 108 -24.33 48.97 15.77
CA LEU C 108 -25.52 48.60 16.55
C LEU C 108 -26.76 49.27 15.92
N ILE C 109 -27.91 48.61 16.03
CA ILE C 109 -29.15 49.14 15.46
C ILE C 109 -30.33 48.93 16.39
N LEU C 110 -31.18 49.95 16.53
CA LEU C 110 -32.35 49.85 17.38
C LEU C 110 -33.67 49.89 16.63
N TYR C 111 -34.56 48.97 17.00
CA TYR C 111 -35.89 48.84 16.39
C TYR C 111 -36.97 48.68 17.46
N ASP C 112 -38.14 49.28 17.24
CA ASP C 112 -39.26 49.12 18.17
C ASP C 112 -39.57 47.65 18.19
N LYS C 113 -39.63 47.09 19.39
CA LYS C 113 -40.03 45.69 19.52
C LYS C 113 -41.35 45.46 18.79
N GLU C 114 -42.24 46.45 18.86
CA GLU C 114 -43.57 46.41 18.27
C GLU C 114 -43.52 46.35 16.74
N GLU C 115 -42.52 47.02 16.17
CA GLU C 115 -42.30 47.03 14.72
C GLU C 115 -41.80 45.67 14.19
N ILE C 116 -40.85 45.05 14.89
CA ILE C 116 -40.33 43.73 14.52
C ILE C 116 -41.40 42.62 14.66
N ARG C 117 -42.18 42.67 15.74
CA ARG C 117 -43.37 41.82 15.88
C ARG C 117 -44.32 41.92 14.68
N ARG C 118 -44.48 43.13 14.14
CA ARG C 118 -45.32 43.38 12.99
C ARG C 118 -44.80 42.68 11.74
N ILE C 119 -43.50 42.80 11.50
CA ILE C 119 -42.82 42.12 10.39
C ILE C 119 -42.91 40.59 10.50
N TRP C 120 -42.77 40.06 11.73
CA TRP C 120 -42.94 38.60 11.95
C TRP C 120 -44.30 38.09 11.50
N ARG C 121 -45.34 38.80 11.94
CA ARG C 121 -46.71 38.40 11.69
C ARG C 121 -47.09 38.55 10.21
N GLN C 122 -46.57 39.59 9.57
CA GLN C 122 -46.78 39.77 8.13
C GLN C 122 -46.23 38.60 7.32
N ALA C 123 -44.96 38.25 7.56
CA ALA C 123 -44.28 37.15 6.88
C ALA C 123 -44.89 35.80 7.17
N ASN C 124 -45.73 35.74 8.21
CA ASN C 124 -46.42 34.52 8.57
C ASN C 124 -47.93 34.51 8.27
N ASN C 125 -48.34 35.31 7.28
CA ASN C 125 -49.71 35.39 6.74
C ASN C 125 -50.75 35.75 7.78
N GLY C 126 -50.32 36.43 8.84
CA GLY C 126 -51.19 36.75 9.96
C GLY C 126 -51.02 35.98 11.26
N ASP C 127 -50.99 34.63 11.19
CA ASP C 127 -50.88 33.77 12.40
C ASP C 127 -49.59 34.07 13.17
N ASP C 128 -49.55 33.74 14.46
CA ASP C 128 -48.48 34.27 15.31
C ASP C 128 -47.15 33.51 15.21
N ALA C 129 -47.23 32.28 14.71
CA ALA C 129 -46.06 31.43 14.41
C ALA C 129 -45.10 31.27 15.60
N THR C 130 -45.58 30.69 16.69
CA THR C 130 -44.72 30.45 17.85
C THR C 130 -43.78 29.28 17.59
N ALA C 131 -44.25 28.30 16.80
CA ALA C 131 -43.42 27.19 16.31
C ALA C 131 -42.12 27.70 15.66
N GLY C 132 -42.26 28.69 14.78
CA GLY C 132 -41.15 29.33 14.12
C GLY C 132 -40.26 30.15 15.05
N LEU C 133 -40.81 30.70 16.13
CA LEU C 133 -39.96 31.36 17.12
C LEU C 133 -39.22 30.33 17.96
N THR C 134 -39.82 29.15 18.12
CA THR C 134 -39.24 28.05 18.89
C THR C 134 -38.11 27.39 18.12
N HIS C 135 -38.31 27.27 16.80
CA HIS C 135 -37.34 26.66 15.91
C HIS C 135 -36.01 27.39 16.06
N MET C 136 -36.06 28.72 15.94
CA MET C 136 -34.91 29.60 16.13
C MET C 136 -34.30 29.46 17.51
N MET C 137 -35.14 29.40 18.53
CA MET C 137 -34.66 29.19 19.89
C MET C 137 -33.83 27.92 20.02
N ILE C 138 -34.31 26.85 19.38
CA ILE C 138 -33.63 25.54 19.40
C ILE C 138 -32.30 25.65 18.67
N TRP C 139 -32.30 26.25 17.46
CA TRP C 139 -31.05 26.53 16.74
C TRP C 139 -30.04 27.21 17.65
N HIS C 140 -30.48 28.27 18.34
CA HIS C 140 -29.64 28.97 19.30
C HIS C 140 -29.13 28.04 20.40
N SER C 141 -30.02 27.20 20.93
CA SER C 141 -29.69 26.21 21.98
C SER C 141 -28.69 25.18 21.46
N ASN C 142 -28.82 24.78 20.20
CA ASN C 142 -27.87 23.88 19.59
C ASN C 142 -26.48 24.49 19.41
N LEU C 143 -26.45 25.75 18.98
CA LEU C 143 -25.21 26.50 18.88
C LEU C 143 -24.56 26.61 20.25
N ASN C 144 -25.32 26.97 21.27
CA ASN C 144 -24.78 27.06 22.63
C ASN C 144 -24.14 25.77 23.08
N ASP C 145 -24.89 24.66 22.94
CA ASP C 145 -24.47 23.31 23.35
C ASP C 145 -23.08 22.98 22.78
N ALA C 146 -22.86 23.35 21.53
CA ALA C 146 -21.62 23.11 20.81
C ALA C 146 -20.50 24.09 21.18
N THR C 147 -20.85 25.29 21.62
CA THR C 147 -19.85 26.31 21.94
C THR C 147 -19.30 26.24 23.39
N TYR C 148 -20.18 26.22 24.39
CA TYR C 148 -19.75 26.32 25.80
C TYR C 148 -19.93 25.05 26.61
N GLN C 149 -18.96 24.76 27.47
CA GLN C 149 -19.11 23.70 28.45
C GLN C 149 -20.03 24.24 29.56
N ARG C 150 -20.98 23.43 30.00
CA ARG C 150 -21.93 23.91 31.01
C ARG C 150 -21.51 23.58 32.45
N THR C 151 -20.20 23.65 32.70
CA THR C 151 -19.55 23.15 33.91
C THR C 151 -19.84 23.95 35.19
N ARG C 152 -19.63 25.27 35.15
CA ARG C 152 -19.76 26.11 36.35
C ARG C 152 -21.18 26.09 36.96
N ALA C 153 -22.20 26.23 36.10
CA ALA C 153 -23.59 26.11 36.50
C ALA C 153 -23.95 24.70 36.98
N LEU C 154 -23.19 23.68 36.54
CA LEU C 154 -23.36 22.31 37.01
C LEU C 154 -22.94 22.14 38.48
N VAL C 155 -21.73 22.59 38.86
CA VAL C 155 -21.31 22.54 40.28
C VAL C 155 -22.22 23.39 41.15
N ARG C 156 -22.63 24.55 40.62
CA ARG C 156 -23.59 25.45 41.28
C ARG C 156 -24.92 24.82 41.72
N THR C 157 -25.38 23.77 41.04
CA THR C 157 -26.68 23.14 41.38
C THR C 157 -26.53 21.97 42.34
N GLY C 158 -25.41 21.27 42.25
CA GLY C 158 -25.14 20.08 43.06
C GLY C 158 -24.75 18.90 42.20
N MET C 159 -24.56 19.16 40.91
CA MET C 159 -24.31 18.12 39.91
C MET C 159 -22.84 18.00 39.52
N ASP C 160 -22.52 16.86 38.92
CA ASP C 160 -21.18 16.53 38.42
C ASP C 160 -20.90 17.32 37.14
N PRO C 161 -19.71 17.96 37.04
CA PRO C 161 -19.25 18.63 35.81
C PRO C 161 -19.06 17.66 34.62
N ARG C 162 -18.97 16.36 34.95
CA ARG C 162 -18.82 15.28 34.00
C ARG C 162 -20.19 14.74 33.50
N MET C 163 -21.25 15.50 33.74
CA MET C 163 -22.61 15.19 33.24
C MET C 163 -23.05 16.00 32.01
N CYS C 164 -22.11 16.70 31.35
CA CYS C 164 -22.45 17.61 30.24
C CYS C 164 -23.05 16.94 28.99
N SER C 165 -22.79 15.65 28.79
CA SER C 165 -23.44 14.91 27.71
C SER C 165 -24.97 14.77 27.90
N LEU C 166 -25.50 15.28 29.01
CA LEU C 166 -26.92 15.16 29.34
C LEU C 166 -27.62 16.51 29.33
N MET C 167 -26.85 17.54 29.03
CA MET C 167 -27.26 18.92 29.12
C MET C 167 -27.79 19.51 27.82
N GLN C 168 -28.24 18.67 26.88
CA GLN C 168 -28.84 19.21 25.66
C GLN C 168 -30.02 20.13 26.00
N GLY C 169 -29.93 21.37 25.54
CA GLY C 169 -30.99 22.38 25.73
C GLY C 169 -31.06 22.98 27.12
N SER C 170 -29.91 23.16 27.75
CA SER C 170 -29.86 23.74 29.07
C SER C 170 -29.81 25.26 29.02
N THR C 171 -29.72 25.81 27.82
CA THR C 171 -29.75 27.26 27.59
C THR C 171 -31.16 27.76 27.33
N LEU C 172 -31.96 26.85 26.80
CA LEU C 172 -33.34 27.06 26.39
C LEU C 172 -34.22 27.31 27.62
N PRO C 173 -35.18 28.26 27.52
CA PRO C 173 -36.07 28.56 28.66
C PRO C 173 -37.15 27.49 28.92
N ARG C 174 -38.04 27.75 29.87
CA ARG C 174 -39.30 27.00 29.98
C ARG C 174 -40.35 27.53 28.98
N ARG C 175 -40.09 28.70 28.39
CA ARG C 175 -40.96 29.35 27.37
C ARG C 175 -40.92 28.70 25.97
N SER C 176 -40.24 27.55 25.88
CA SER C 176 -40.30 26.65 24.73
C SER C 176 -41.37 25.62 25.03
N GLY C 177 -42.17 25.29 24.02
CA GLY C 177 -43.35 24.46 24.22
C GLY C 177 -43.02 22.99 24.33
N ALA C 178 -43.88 22.16 23.76
CA ALA C 178 -43.67 20.71 23.71
C ALA C 178 -42.41 20.37 22.89
N ALA C 179 -42.17 21.15 21.82
CA ALA C 179 -40.99 21.01 20.97
C ALA C 179 -39.69 21.15 21.78
N GLY C 180 -39.63 22.23 22.57
CA GLY C 180 -38.54 22.47 23.51
C GLY C 180 -38.36 21.41 24.57
N ALA C 181 -39.46 20.90 25.12
CA ALA C 181 -39.38 19.83 26.09
C ALA C 181 -38.66 18.60 25.52
N ALA C 182 -39.01 18.24 24.29
CA ALA C 182 -38.47 17.06 23.61
C ALA C 182 -36.94 17.14 23.44
N VAL C 183 -36.51 18.32 23.02
CA VAL C 183 -35.13 18.68 22.72
C VAL C 183 -34.24 18.76 23.97
N LYS C 184 -34.83 19.10 25.12
CA LYS C 184 -34.14 19.12 26.43
C LYS C 184 -33.69 17.72 26.81
N GLY C 185 -32.43 17.59 27.20
CA GLY C 185 -31.87 16.31 27.57
C GLY C 185 -32.21 15.92 29.00
N VAL C 186 -31.84 14.69 29.37
CA VAL C 186 -32.16 14.14 30.71
C VAL C 186 -31.56 14.98 31.85
N GLY C 187 -30.31 15.37 31.72
CA GLY C 187 -29.68 16.21 32.72
C GLY C 187 -30.22 17.63 32.83
N THR C 188 -30.63 18.23 31.71
CA THR C 188 -31.24 19.57 31.70
C THR C 188 -32.47 19.56 32.59
N MET C 189 -33.35 18.60 32.33
CA MET C 189 -34.52 18.34 33.17
C MET C 189 -34.13 18.25 34.65
N VAL C 190 -33.15 17.39 34.93
CA VAL C 190 -32.71 17.13 36.30
C VAL C 190 -32.31 18.44 36.98
N MET C 191 -31.59 19.30 36.25
CA MET C 191 -31.12 20.59 36.77
C MET C 191 -32.30 21.52 37.14
N GLU C 192 -33.31 21.56 36.28
CA GLU C 192 -34.50 22.40 36.50
C GLU C 192 -35.31 21.97 37.71
N LEU C 193 -35.39 20.66 37.97
CA LEU C 193 -36.08 20.13 39.16
C LEU C 193 -35.30 20.39 40.46
N ILE C 194 -33.97 20.35 40.37
CA ILE C 194 -33.09 20.62 41.51
C ILE C 194 -33.09 22.10 41.89
N ARG C 195 -33.23 22.98 40.89
CA ARG C 195 -33.37 24.42 41.11
C ARG C 195 -34.67 24.78 41.85
N MET C 196 -35.73 24.04 41.54
CA MET C 196 -37.00 24.15 42.24
C MET C 196 -36.92 23.59 43.66
N ILE C 197 -36.29 22.42 43.83
CA ILE C 197 -36.11 21.77 45.15
C ILE C 197 -35.26 22.66 46.07
N LYS C 198 -34.13 23.14 45.56
CA LYS C 198 -33.22 24.03 46.30
C LYS C 198 -33.80 25.45 46.50
N ARG C 199 -35.02 25.67 46.01
CA ARG C 199 -35.85 26.81 46.41
C ARG C 199 -37.00 26.33 47.35
N GLY C 200 -36.70 25.28 48.12
CA GLY C 200 -37.48 24.90 49.30
C GLY C 200 -36.63 25.29 50.48
N ILE C 201 -36.50 26.60 50.68
CA ILE C 201 -35.51 27.20 51.59
C ILE C 201 -35.94 28.63 51.93
N ARG C 213 -48.34 24.78 45.19
CA ARG C 213 -49.57 25.47 44.84
C ARG C 213 -49.92 25.28 43.36
N ARG C 214 -50.13 26.38 42.64
CA ARG C 214 -50.18 26.38 41.18
C ARG C 214 -48.79 26.08 40.53
N THR C 215 -47.70 26.44 41.22
CA THR C 215 -46.33 26.03 40.81
C THR C 215 -45.92 24.61 41.28
N ARG C 216 -46.74 23.98 42.13
CA ARG C 216 -46.57 22.54 42.45
C ARG C 216 -46.83 21.72 41.21
N ILE C 217 -47.89 22.06 40.47
CA ILE C 217 -48.28 21.34 39.27
C ILE C 217 -47.28 21.56 38.12
N ALA C 218 -46.55 22.68 38.15
CA ALA C 218 -45.39 22.89 37.28
C ALA C 218 -44.28 21.84 37.52
N TYR C 219 -43.96 21.58 38.79
CA TYR C 219 -43.01 20.55 39.22
C TYR C 219 -43.45 19.15 38.77
N GLU C 220 -44.74 18.86 38.90
CA GLU C 220 -45.34 17.59 38.45
C GLU C 220 -45.17 17.37 36.94
N ARG C 221 -45.52 18.40 36.17
CA ARG C 221 -45.46 18.37 34.70
C ARG C 221 -44.03 18.10 34.24
N MET C 222 -43.07 18.74 34.91
CA MET C 222 -41.65 18.55 34.64
C MET C 222 -41.16 17.14 34.97
N CYS C 223 -41.66 16.60 36.07
CA CYS C 223 -41.35 15.23 36.46
C CYS C 223 -41.83 14.27 35.41
N ASN C 224 -43.01 14.54 34.86
CA ASN C 224 -43.60 13.70 33.81
C ASN C 224 -42.78 13.68 32.52
N ILE C 225 -42.31 14.85 32.10
CA ILE C 225 -41.40 14.95 30.95
C ILE C 225 -40.13 14.12 31.25
N LEU C 226 -39.50 14.37 32.41
CA LEU C 226 -38.32 13.62 32.85
C LEU C 226 -38.56 12.11 32.86
N LYS C 227 -39.71 11.70 33.41
CA LYS C 227 -40.10 10.28 33.44
C LYS C 227 -40.27 9.76 32.01
N GLY C 228 -40.81 10.61 31.14
CA GLY C 228 -41.16 10.24 29.78
C GLY C 228 -39.95 9.94 28.92
N LYS C 229 -38.80 10.44 29.36
CA LYS C 229 -37.53 10.25 28.68
C LYS C 229 -36.81 8.94 29.05
N PHE C 230 -37.08 8.39 30.23
CA PHE C 230 -36.47 7.12 30.64
C PHE C 230 -37.08 5.91 29.94
N GLN C 231 -36.25 4.93 29.62
CA GLN C 231 -36.66 3.80 28.77
C GLN C 231 -36.81 2.51 29.55
N THR C 232 -36.07 2.42 30.65
CA THR C 232 -36.28 1.38 31.64
C THR C 232 -37.41 1.82 32.56
N ALA C 233 -38.28 0.88 32.89
CA ALA C 233 -39.35 1.08 33.87
C ALA C 233 -38.79 1.37 35.27
N ALA C 234 -37.67 0.74 35.59
CA ALA C 234 -36.97 0.96 36.85
C ALA C 234 -36.64 2.44 37.10
N GLN C 235 -36.17 3.13 36.06
CA GLN C 235 -35.89 4.55 36.11
C GLN C 235 -37.16 5.39 36.22
N ARG C 236 -38.24 4.95 35.57
CA ARG C 236 -39.55 5.63 35.61
C ARG C 236 -40.22 5.55 36.99
N THR C 237 -40.20 4.36 37.61
CA THR C 237 -40.69 4.13 38.98
C THR C 237 -40.03 5.07 39.99
N MET C 238 -38.75 5.34 39.80
CA MET C 238 -38.01 6.20 40.71
C MET C 238 -38.40 7.68 40.57
N VAL C 239 -38.79 8.11 39.36
CA VAL C 239 -39.32 9.47 39.13
C VAL C 239 -40.71 9.58 39.78
N ASP C 240 -41.50 8.53 39.60
CA ASP C 240 -42.78 8.32 40.29
C ASP C 240 -42.57 8.07 41.79
N GLN C 241 -41.40 8.43 42.30
CA GLN C 241 -41.13 8.40 43.72
C GLN C 241 -40.59 9.74 44.19
N VAL C 242 -40.27 10.61 43.22
CA VAL C 242 -39.81 11.98 43.47
C VAL C 242 -40.98 12.97 43.38
N ARG C 243 -41.91 12.68 42.47
CA ARG C 243 -42.99 13.59 42.09
C ARG C 243 -44.04 13.83 43.17
N GLU C 244 -44.54 12.74 43.75
CA GLU C 244 -45.66 12.76 44.70
C GLU C 244 -45.23 13.27 46.08
N SER C 245 -43.92 13.28 46.31
CA SER C 245 -43.31 13.93 47.46
C SER C 245 -43.75 15.40 47.50
N ARG C 246 -44.55 15.73 48.51
CA ARG C 246 -45.20 17.05 48.63
C ARG C 246 -44.24 18.17 49.08
N ASN C 247 -43.44 17.91 50.11
CA ASN C 247 -42.30 18.78 50.44
C ASN C 247 -40.98 18.03 50.14
N PRO C 248 -40.38 18.30 48.95
CA PRO C 248 -39.08 17.72 48.57
C PRO C 248 -37.85 18.55 49.00
N GLY C 249 -36.92 17.90 49.70
CA GLY C 249 -35.64 18.47 50.11
C GLY C 249 -34.58 17.49 49.68
N ASN C 250 -33.54 17.31 50.52
CA ASN C 250 -32.39 16.43 50.21
C ASN C 250 -32.69 15.01 49.74
N ALA C 251 -33.83 14.44 50.17
CA ALA C 251 -34.23 13.09 49.80
C ALA C 251 -34.45 12.92 48.29
N GLU C 252 -35.05 13.93 47.67
CA GLU C 252 -35.44 13.93 46.26
C GLU C 252 -34.31 14.42 45.37
N PHE C 253 -33.48 15.31 45.93
CA PHE C 253 -32.27 15.80 45.27
C PHE C 253 -31.25 14.66 45.13
N GLU C 254 -31.17 13.81 46.14
CA GLU C 254 -30.31 12.60 46.10
C GLU C 254 -30.79 11.59 45.05
N ASP C 255 -32.11 11.49 44.87
CA ASP C 255 -32.69 10.56 43.90
C ASP C 255 -32.45 11.06 42.47
N LEU C 256 -32.48 12.39 42.30
CA LEU C 256 -32.30 13.02 41.01
C LEU C 256 -30.87 12.93 40.49
N ILE C 257 -29.90 13.28 41.35
CA ILE C 257 -28.48 13.06 41.06
C ILE C 257 -28.24 11.60 40.62
N PHE C 258 -28.84 10.64 41.33
CA PHE C 258 -28.67 9.22 41.01
C PHE C 258 -29.18 8.86 39.62
N LEU C 259 -30.41 9.28 39.34
CA LEU C 259 -31.04 9.17 38.02
C LEU C 259 -30.24 9.86 36.90
N ALA C 260 -29.68 11.04 37.20
CA ALA C 260 -28.86 11.80 36.27
C ALA C 260 -27.62 10.99 35.94
N ARG C 261 -26.96 10.49 36.99
CA ARG C 261 -25.79 9.65 36.86
C ARG C 261 -26.15 8.43 36.06
N SER C 262 -27.33 7.85 36.31
CA SER C 262 -27.78 6.64 35.59
C SER C 262 -28.03 6.88 34.09
N ALA C 263 -28.35 8.14 33.75
CA ALA C 263 -28.60 8.57 32.37
C ALA C 263 -27.35 8.54 31.51
N LEU C 264 -26.19 8.46 32.16
CA LEU C 264 -24.92 8.32 31.46
C LEU C 264 -24.77 6.92 30.86
N ILE C 265 -25.43 5.92 31.46
CA ILE C 265 -25.37 4.55 30.95
C ILE C 265 -26.70 4.10 30.32
N LEU C 266 -27.77 4.08 31.13
CA LEU C 266 -29.14 3.81 30.63
C LEU C 266 -29.70 5.13 30.16
N ARG C 267 -29.46 5.42 28.89
CA ARG C 267 -29.68 6.78 28.35
C ARG C 267 -31.15 7.11 28.11
N GLY C 268 -31.49 8.36 28.36
CA GLY C 268 -32.84 8.84 28.11
C GLY C 268 -33.11 9.08 26.65
N SER C 269 -34.38 9.24 26.32
CA SER C 269 -34.80 9.52 24.98
C SER C 269 -34.92 11.04 24.81
N VAL C 270 -34.06 11.60 23.99
CA VAL C 270 -34.00 13.05 23.76
C VAL C 270 -34.11 13.30 22.28
N ALA C 271 -35.03 14.15 21.87
CA ALA C 271 -35.19 14.55 20.47
C ALA C 271 -33.98 15.34 19.96
N HIS C 272 -33.65 15.12 18.69
CA HIS C 272 -32.61 15.87 18.03
C HIS C 272 -33.25 16.42 16.80
N LYS C 273 -33.10 17.72 16.62
CA LYS C 273 -33.70 18.41 15.51
C LYS C 273 -32.64 19.25 14.82
N SER C 274 -32.49 19.05 13.51
CA SER C 274 -31.62 19.91 12.70
C SER C 274 -32.33 21.21 12.45
N CYS C 275 -31.82 22.27 13.08
CA CYS C 275 -32.37 23.61 12.90
C CYS C 275 -31.24 24.48 12.43
N LEU C 276 -31.45 25.14 11.29
CA LEU C 276 -30.44 25.96 10.61
C LEU C 276 -30.66 27.46 10.86
N PRO C 277 -29.61 28.30 10.70
CA PRO C 277 -29.73 29.74 10.94
C PRO C 277 -30.63 30.39 9.92
N ALA C 278 -31.41 31.36 10.35
CA ALA C 278 -32.51 31.92 9.56
C ALA C 278 -32.10 32.31 8.13
N CYS C 279 -30.86 32.77 7.96
CA CYS C 279 -30.35 33.14 6.64
C CYS C 279 -30.37 32.01 5.59
N VAL C 280 -30.22 30.75 6.02
CA VAL C 280 -30.28 29.59 5.10
C VAL C 280 -31.70 29.44 4.53
N TYR C 281 -32.69 29.43 5.43
CA TYR C 281 -34.11 29.39 5.02
C TYR C 281 -34.51 30.57 4.10
N GLY C 282 -34.07 31.77 4.46
CA GLY C 282 -34.20 32.96 3.64
C GLY C 282 -33.66 32.80 2.24
N SER C 283 -32.46 32.26 2.14
CA SER C 283 -31.83 31.99 0.84
C SER C 283 -32.64 30.99 0.01
N ALA C 284 -33.05 29.90 0.65
CA ALA C 284 -33.86 28.87 -0.02
C ALA C 284 -35.24 29.36 -0.47
N VAL C 285 -35.85 30.28 0.30
CA VAL C 285 -37.09 30.90 -0.09
C VAL C 285 -36.83 31.79 -1.31
N ALA C 286 -35.86 32.70 -1.19
CA ALA C 286 -35.46 33.62 -2.28
C ALA C 286 -35.21 32.94 -3.61
N SER C 287 -34.85 31.67 -3.56
CA SER C 287 -34.50 30.90 -4.74
C SER C 287 -35.68 30.24 -5.39
N GLY C 288 -36.83 30.31 -4.75
CA GLY C 288 -38.04 29.70 -5.28
C GLY C 288 -38.29 28.28 -4.83
N TYR C 289 -37.79 27.91 -3.66
CA TYR C 289 -38.13 26.63 -3.06
C TYR C 289 -39.32 26.93 -2.18
N ASP C 290 -40.48 26.42 -2.60
CA ASP C 290 -41.72 26.52 -1.82
C ASP C 290 -41.73 25.42 -0.77
N PHE C 291 -41.43 25.82 0.45
CA PHE C 291 -41.32 24.91 1.58
C PHE C 291 -42.64 24.27 1.98
N GLU C 292 -43.68 25.10 2.02
CA GLU C 292 -45.02 24.65 2.38
C GLU C 292 -45.52 23.60 1.40
N ARG C 293 -45.32 23.83 0.10
CA ARG C 293 -45.74 22.90 -0.94
C ARG C 293 -44.90 21.61 -0.99
N GLU C 294 -43.58 21.74 -0.91
CA GLU C 294 -42.68 20.59 -0.99
C GLU C 294 -42.59 19.82 0.33
N GLY C 295 -43.04 20.45 1.42
CA GLY C 295 -42.91 19.90 2.75
C GLY C 295 -41.47 19.90 3.22
N TYR C 296 -41.30 19.76 4.54
CA TYR C 296 -39.97 19.79 5.17
C TYR C 296 -39.95 18.93 6.46
N SER C 297 -38.87 18.17 6.67
CA SER C 297 -38.67 17.44 7.92
C SER C 297 -37.42 17.91 8.65
N LEU C 298 -37.49 17.99 9.97
CA LEU C 298 -36.33 18.36 10.79
C LEU C 298 -35.39 17.19 11.02
N VAL C 299 -35.90 16.00 10.72
CA VAL C 299 -35.25 14.73 11.06
C VAL C 299 -34.85 13.87 9.86
N GLY C 300 -35.36 14.22 8.68
CA GLY C 300 -35.01 13.52 7.44
C GLY C 300 -33.91 14.23 6.67
N ILE C 301 -33.91 14.01 5.36
CA ILE C 301 -32.90 14.53 4.43
C ILE C 301 -32.89 16.04 4.27
N ASP C 302 -34.05 16.66 4.47
CA ASP C 302 -34.27 18.06 4.11
C ASP C 302 -33.24 19.08 4.61
N PRO C 303 -32.86 19.03 5.91
CA PRO C 303 -31.84 20.01 6.33
C PRO C 303 -30.43 19.71 5.78
N PHE C 304 -30.13 18.43 5.57
CA PHE C 304 -28.85 18.02 5.03
C PHE C 304 -28.71 18.50 3.59
N ARG C 305 -29.77 18.25 2.81
CA ARG C 305 -29.86 18.69 1.43
C ARG C 305 -29.87 20.22 1.32
N LEU C 306 -30.51 20.88 2.27
CA LEU C 306 -30.48 22.33 2.33
C LEU C 306 -29.08 22.90 2.56
N LEU C 307 -28.29 22.26 3.43
CA LEU C 307 -26.92 22.73 3.69
C LEU C 307 -25.94 22.38 2.57
N GLN C 308 -26.16 21.29 1.84
CA GLN C 308 -25.24 20.93 0.75
C GLN C 308 -25.14 22.08 -0.22
N ASN C 309 -26.27 22.74 -0.48
CA ASN C 309 -26.37 23.68 -1.59
C ASN C 309 -26.52 25.12 -1.17
N SER C 310 -26.19 25.40 0.08
CA SER C 310 -26.26 26.75 0.62
C SER C 310 -24.90 27.40 0.74
N GLN C 311 -24.94 28.69 1.07
CA GLN C 311 -23.77 29.54 1.10
C GLN C 311 -23.92 30.42 2.34
N VAL C 312 -23.14 30.10 3.37
CA VAL C 312 -23.12 30.90 4.59
C VAL C 312 -21.71 31.34 4.93
N TYR C 313 -21.55 32.66 5.03
CA TYR C 313 -20.28 33.28 5.38
C TYR C 313 -20.21 33.55 6.87
N SER C 314 -18.97 33.65 7.35
CA SER C 314 -18.66 33.94 8.76
C SER C 314 -17.48 34.86 8.91
N LEU C 315 -17.57 35.76 9.89
CA LEU C 315 -16.42 36.54 10.31
C LEU C 315 -15.51 35.65 11.09
N ILE C 316 -14.21 35.93 10.96
CA ILE C 316 -13.12 35.11 11.50
C ILE C 316 -12.13 36.09 12.13
N ARG C 317 -11.82 35.84 13.40
CA ARG C 317 -10.72 36.52 14.08
C ARG C 317 -9.35 36.01 13.54
N PRO C 318 -8.26 36.85 13.60
CA PRO C 318 -6.98 36.53 12.94
C PRO C 318 -6.29 35.21 13.31
N ASN C 319 -6.47 34.74 14.55
CA ASN C 319 -5.92 33.46 14.99
C ASN C 319 -6.72 32.23 14.53
N GLU C 320 -8.04 32.42 14.34
CA GLU C 320 -9.01 31.35 14.12
C GLU C 320 -8.85 30.62 12.79
N ASN C 321 -9.13 29.32 12.83
CA ASN C 321 -9.08 28.45 11.67
C ASN C 321 -10.49 28.28 11.08
N PRO C 322 -10.73 28.75 9.84
CA PRO C 322 -12.06 28.69 9.21
C PRO C 322 -12.72 27.30 9.18
N ALA C 323 -11.89 26.27 9.03
CA ALA C 323 -12.37 24.89 8.99
C ALA C 323 -12.91 24.50 10.36
N HIS C 324 -12.20 24.89 11.41
CA HIS C 324 -12.60 24.66 12.78
C HIS C 324 -13.90 25.41 13.14
N LYS C 325 -14.08 26.62 12.60
CA LYS C 325 -15.31 27.40 12.77
C LYS C 325 -16.46 26.67 12.09
N SER C 326 -16.17 26.16 10.89
CA SER C 326 -17.12 25.37 10.12
C SER C 326 -17.48 24.08 10.81
N GLN C 327 -16.61 23.58 11.68
CA GLN C 327 -16.98 22.40 12.46
C GLN C 327 -18.00 22.74 13.55
N LEU C 328 -17.83 23.89 14.17
CA LEU C 328 -18.75 24.38 15.18
C LEU C 328 -20.14 24.57 14.60
N VAL C 329 -20.25 25.25 13.47
CA VAL C 329 -21.57 25.56 12.92
C VAL C 329 -22.23 24.26 12.50
N TRP C 330 -21.49 23.40 11.82
CA TRP C 330 -22.05 22.14 11.32
C TRP C 330 -22.65 21.31 12.45
N MET C 331 -21.89 21.17 13.54
CA MET C 331 -22.30 20.38 14.67
C MET C 331 -23.57 20.97 15.23
N ALA C 332 -23.55 22.28 15.51
CA ALA C 332 -24.73 23.02 15.97
C ALA C 332 -25.96 22.73 15.10
N CYS C 333 -25.85 22.95 13.79
CA CYS C 333 -26.96 22.74 12.85
C CYS C 333 -27.63 21.41 13.07
N HIS C 334 -26.85 20.35 13.22
CA HIS C 334 -27.37 18.99 13.35
C HIS C 334 -27.50 18.43 14.78
N SER C 335 -27.59 19.29 15.79
CA SER C 335 -27.75 18.87 17.20
C SER C 335 -26.67 17.84 17.62
N ALA C 336 -25.43 18.02 17.18
CA ALA C 336 -24.43 16.95 17.31
C ALA C 336 -23.29 17.21 18.33
N ALA C 337 -23.50 18.13 19.27
CA ALA C 337 -22.47 18.42 20.27
C ALA C 337 -22.07 17.21 21.09
N PHE C 338 -23.04 16.40 21.50
CA PHE C 338 -22.77 15.26 22.38
C PHE C 338 -22.85 13.91 21.65
N GLU C 339 -22.52 13.94 20.36
CA GLU C 339 -22.50 12.75 19.51
C GLU C 339 -21.08 12.24 19.37
N ASP C 340 -20.95 10.92 19.25
CA ASP C 340 -19.68 10.27 19.04
C ASP C 340 -19.02 10.98 17.87
N LEU C 341 -17.87 11.59 18.14
CA LEU C 341 -17.11 12.30 17.15
C LEU C 341 -16.80 11.42 15.94
N ARG C 342 -16.49 10.14 16.21
CA ARG C 342 -16.26 9.14 15.16
C ARG C 342 -17.42 9.04 14.16
N VAL C 343 -18.65 9.10 14.67
CA VAL C 343 -19.87 9.05 13.84
C VAL C 343 -20.07 10.33 13.02
N SER C 344 -19.85 11.50 13.67
CA SER C 344 -19.95 12.82 13.04
C SER C 344 -19.05 12.89 11.80
N SER C 345 -17.76 12.61 12.03
CA SER C 345 -16.71 12.50 11.02
C SER C 345 -17.06 11.62 9.82
N PHE C 346 -17.52 10.42 10.11
CA PHE C 346 -17.94 9.52 9.08
C PHE C 346 -19.02 10.16 8.20
N ILE C 347 -20.12 10.63 8.80
CA ILE C 347 -21.19 11.34 8.06
C ILE C 347 -20.59 12.52 7.29
N ARG C 348 -19.87 13.37 8.02
CA ARG C 348 -19.36 14.64 7.48
C ARG C 348 -18.42 14.48 6.29
N GLY C 349 -17.69 13.36 6.27
CA GLY C 349 -16.69 13.08 5.24
C GLY C 349 -15.31 13.66 5.54
N THR C 350 -15.22 14.62 6.45
CA THR C 350 -13.92 15.10 6.95
C THR C 350 -13.90 14.94 8.48
N LYS C 351 -12.73 15.15 9.09
CA LYS C 351 -12.54 14.90 10.52
C LYS C 351 -13.24 15.92 11.46
N VAL C 352 -13.89 15.38 12.49
CA VAL C 352 -14.54 16.20 13.51
C VAL C 352 -13.74 16.01 14.80
N VAL C 353 -13.14 17.11 15.28
CA VAL C 353 -12.18 17.07 16.39
C VAL C 353 -12.76 17.72 17.66
N PRO C 354 -12.16 17.42 18.84
CA PRO C 354 -12.71 17.91 20.13
C PRO C 354 -12.67 19.43 20.31
N ARG C 355 -13.41 19.93 21.31
CA ARG C 355 -13.61 21.38 21.52
C ARG C 355 -12.33 22.13 21.89
N GLY C 356 -11.49 21.48 22.70
CA GLY C 356 -10.21 22.05 23.14
C GLY C 356 -9.09 21.92 22.11
N LYS C 357 -9.38 21.31 20.97
CA LYS C 357 -8.47 21.29 19.79
C LYS C 357 -8.97 22.24 18.70
N LEU C 358 -10.01 23.02 19.01
CA LEU C 358 -10.60 23.98 18.10
C LEU C 358 -10.14 25.41 18.38
N SER C 359 -9.69 26.11 17.35
CA SER C 359 -9.29 27.52 17.44
C SER C 359 -10.48 28.41 17.07
N THR C 360 -11.45 28.51 17.97
CA THR C 360 -12.63 29.38 17.82
C THR C 360 -13.02 29.94 19.19
N ARG C 361 -13.24 31.26 19.24
CA ARG C 361 -13.76 31.89 20.47
C ARG C 361 -15.30 31.75 20.58
N GLY C 362 -15.96 31.49 19.44
CA GLY C 362 -17.41 31.42 19.37
C GLY C 362 -17.95 32.37 18.31
N VAL C 363 -19.03 31.96 17.63
CA VAL C 363 -19.55 32.64 16.43
C VAL C 363 -19.89 34.11 16.65
N GLN C 364 -20.51 34.36 17.80
CA GLN C 364 -20.85 35.71 18.26
C GLN C 364 -19.60 36.60 18.38
N ILE C 365 -19.72 37.89 18.06
CA ILE C 365 -18.63 38.84 18.28
C ILE C 365 -19.03 39.83 19.40
N ALA C 366 -18.26 39.81 20.49
CA ALA C 366 -18.53 40.63 21.68
C ALA C 366 -18.13 42.10 21.49
N SER C 367 -18.88 43.02 22.13
CA SER C 367 -18.80 44.48 21.89
C SER C 367 -17.42 45.12 21.74
N ASN C 368 -16.43 44.63 22.51
CA ASN C 368 -15.07 45.19 22.54
C ASN C 368 -14.13 44.75 21.40
N GLU C 369 -14.57 43.79 20.59
CA GLU C 369 -13.71 43.16 19.58
C GLU C 369 -13.21 44.09 18.49
N ASN C 370 -11.97 43.86 18.07
CA ASN C 370 -11.33 44.71 17.08
C ASN C 370 -11.77 44.40 15.67
N MET C 371 -12.50 45.33 15.07
CA MET C 371 -13.07 45.16 13.72
C MET C 371 -12.05 45.19 12.59
N GLU C 372 -11.08 46.10 12.69
CA GLU C 372 -10.02 46.30 11.69
C GLU C 372 -9.32 44.97 11.30
N THR C 373 -9.20 44.07 12.26
CA THR C 373 -8.46 42.80 12.14
C THR C 373 -9.36 41.63 11.73
N MET C 374 -10.59 41.94 11.34
CA MET C 374 -11.60 40.92 11.10
C MET C 374 -11.73 40.54 9.62
N GLU C 375 -11.37 39.30 9.33
CA GLU C 375 -11.55 38.73 8.00
C GLU C 375 -12.89 37.94 7.94
N SER C 376 -13.32 37.55 6.75
CA SER C 376 -14.51 36.68 6.58
C SER C 376 -14.23 35.55 5.61
N SER C 377 -15.01 34.47 5.71
CA SER C 377 -14.84 33.29 4.84
C SER C 377 -16.09 32.42 4.78
N THR C 378 -16.22 31.66 3.69
CA THR C 378 -17.31 30.70 3.47
C THR C 378 -17.21 29.47 4.39
N LEU C 379 -18.29 29.18 5.11
CA LEU C 379 -18.32 28.05 6.01
C LEU C 379 -18.54 26.76 5.26
N GLU C 380 -17.77 25.75 5.62
CA GLU C 380 -17.94 24.38 5.11
C GLU C 380 -19.02 23.59 5.86
N LEU C 381 -20.25 23.64 5.33
CA LEU C 381 -21.39 23.02 6.00
C LEU C 381 -21.89 21.75 5.33
N ARG C 382 -21.27 21.40 4.21
CA ARG C 382 -21.59 20.20 3.48
C ARG C 382 -21.13 18.96 4.26
N SER C 383 -21.59 17.79 3.81
CA SER C 383 -21.32 16.50 4.43
C SER C 383 -21.32 15.42 3.36
N ARG C 384 -20.59 14.33 3.58
CA ARG C 384 -20.51 13.27 2.57
C ARG C 384 -21.79 12.43 2.55
N TYR C 385 -22.29 12.09 3.73
CA TYR C 385 -23.55 11.34 3.88
C TYR C 385 -24.58 12.10 4.72
N TRP C 386 -25.69 11.42 4.99
CA TRP C 386 -26.67 11.89 5.96
C TRP C 386 -27.25 10.74 6.77
N ALA C 387 -27.83 11.09 7.91
CA ALA C 387 -28.45 10.12 8.76
C ALA C 387 -29.69 10.75 9.39
N ILE C 388 -30.73 9.93 9.57
CA ILE C 388 -31.92 10.33 10.30
C ILE C 388 -31.52 10.78 11.72
N ARG C 389 -32.06 11.91 12.16
CA ARG C 389 -31.90 12.32 13.54
C ARG C 389 -32.98 11.60 14.40
N THR C 390 -32.59 11.07 15.57
CA THR C 390 -33.51 10.26 16.42
C THR C 390 -33.84 10.80 17.79
N ARG C 391 -35.00 10.37 18.29
CA ARG C 391 -35.40 10.61 19.66
C ARG C 391 -34.66 9.62 20.54
N SER C 392 -34.33 8.46 19.99
CA SER C 392 -33.82 7.32 20.77
C SER C 392 -32.57 7.56 21.66
N GLY C 393 -32.50 6.80 22.76
CA GLY C 393 -31.30 6.75 23.60
C GLY C 393 -30.38 5.57 23.27
N GLY C 394 -30.95 4.56 22.61
CA GLY C 394 -30.21 3.39 22.10
C GLY C 394 -30.52 2.06 22.77
N ASN C 395 -31.04 2.12 23.99
CA ASN C 395 -31.14 1.00 24.96
C ASN C 395 -31.50 -0.40 24.42
N THR C 396 -30.87 -1.43 25.00
CA THR C 396 -31.27 -2.87 24.86
C THR C 396 -31.43 -3.56 26.24
N SER C 403 -37.38 -14.30 19.28
CA SER C 403 -36.86 -15.63 18.93
C SER C 403 -35.85 -15.60 17.77
N GLY C 404 -35.55 -16.76 17.18
CA GLY C 404 -34.58 -16.85 16.07
C GLY C 404 -33.15 -16.97 16.56
N GLN C 405 -32.23 -17.39 15.68
CA GLN C 405 -30.86 -17.61 16.15
C GLN C 405 -30.10 -16.34 16.55
N ILE C 406 -29.20 -16.51 17.51
CA ILE C 406 -28.48 -15.45 18.22
C ILE C 406 -26.98 -15.79 18.17
N SER C 407 -26.67 -16.90 17.49
CA SER C 407 -25.30 -17.41 17.37
C SER C 407 -25.13 -18.41 16.20
N ILE C 408 -23.88 -18.79 15.92
CA ILE C 408 -23.53 -19.60 14.76
C ILE C 408 -22.87 -20.88 15.25
N GLN C 409 -23.03 -21.97 14.51
CA GLN C 409 -22.30 -23.21 14.86
C GLN C 409 -21.50 -23.64 13.66
N PRO C 410 -20.16 -23.44 13.72
CA PRO C 410 -19.29 -23.71 12.58
C PRO C 410 -19.46 -25.13 12.06
N THR C 411 -19.93 -25.25 10.83
CA THR C 411 -19.90 -26.52 10.12
C THR C 411 -18.49 -26.77 9.58
N PHE C 412 -17.95 -25.79 8.86
CA PHE C 412 -16.70 -25.94 8.10
C PHE C 412 -15.46 -25.41 8.82
N SER C 413 -14.34 -26.12 8.65
CA SER C 413 -13.03 -25.59 9.02
C SER C 413 -12.61 -24.52 8.00
N VAL C 414 -13.01 -23.28 8.28
CA VAL C 414 -12.72 -22.13 7.43
C VAL C 414 -12.44 -20.97 8.37
N GLN C 415 -11.36 -20.24 8.10
CA GLN C 415 -10.97 -19.09 8.91
C GLN C 415 -11.96 -17.94 8.74
N ARG C 416 -12.46 -17.48 9.88
CA ARG C 416 -13.54 -16.51 9.98
C ARG C 416 -13.74 -16.18 11.44
N ASN C 417 -14.42 -15.07 11.73
CA ASN C 417 -15.00 -14.89 13.06
C ASN C 417 -16.30 -15.74 13.19
N LEU C 418 -16.70 -16.02 14.44
CA LEU C 418 -17.94 -16.73 14.70
C LEU C 418 -18.90 -15.78 15.41
N PRO C 419 -19.71 -15.03 14.64
CA PRO C 419 -20.65 -14.07 15.22
C PRO C 419 -21.54 -14.61 16.34
N PHE C 420 -21.97 -13.73 17.23
CA PHE C 420 -22.99 -14.00 18.24
C PHE C 420 -23.48 -12.68 18.81
N ASP C 421 -24.79 -12.52 18.96
CA ASP C 421 -25.37 -11.28 19.50
C ASP C 421 -25.10 -11.18 21.00
N ARG C 422 -23.97 -10.55 21.31
CA ARG C 422 -23.44 -10.44 22.68
C ARG C 422 -24.38 -9.80 23.73
N PRO C 423 -25.00 -8.65 23.43
CA PRO C 423 -25.79 -7.98 24.49
C PRO C 423 -26.97 -8.81 25.01
N THR C 424 -27.63 -9.55 24.10
CA THR C 424 -28.75 -10.44 24.43
C THR C 424 -28.31 -11.61 25.29
N ILE C 425 -27.36 -12.40 24.78
CA ILE C 425 -26.79 -13.52 25.54
C ILE C 425 -26.39 -13.08 26.94
N MET C 426 -25.86 -11.87 27.07
CA MET C 426 -25.43 -11.29 28.35
C MET C 426 -26.54 -10.73 29.26
N ALA C 427 -27.77 -10.61 28.74
CA ALA C 427 -28.88 -9.98 29.49
C ALA C 427 -29.27 -10.65 30.84
N ALA C 428 -28.96 -11.93 31.00
CA ALA C 428 -29.37 -12.70 32.20
C ALA C 428 -28.75 -12.22 33.53
N SER C 438 -38.09 -5.43 46.45
CA SER C 438 -36.72 -5.09 46.05
C SER C 438 -36.57 -3.58 45.78
N ASP C 439 -35.40 -3.05 46.13
CA ASP C 439 -35.04 -1.63 46.01
C ASP C 439 -34.90 -1.18 44.55
N MET C 440 -35.50 -0.04 44.20
CA MET C 440 -35.43 0.53 42.85
C MET C 440 -34.07 1.14 42.51
N ARG C 441 -33.39 1.69 43.53
CA ARG C 441 -32.01 2.18 43.40
C ARG C 441 -31.09 1.07 42.90
N THR C 442 -31.04 -0.03 43.63
CA THR C 442 -30.08 -1.11 43.38
C THR C 442 -30.49 -1.97 42.17
N GLU C 443 -31.74 -1.81 41.74
CA GLU C 443 -32.25 -2.44 40.52
C GLU C 443 -31.61 -1.81 39.27
N ILE C 444 -31.45 -0.49 39.33
CA ILE C 444 -30.83 0.31 38.27
C ILE C 444 -29.32 0.00 38.19
N ILE C 445 -28.63 0.09 39.34
CA ILE C 445 -27.21 -0.36 39.49
C ILE C 445 -26.96 -1.75 38.86
N ARG C 446 -27.82 -2.73 39.18
CA ARG C 446 -27.78 -4.07 38.60
C ARG C 446 -27.76 -4.02 37.06
N LEU C 447 -28.68 -3.24 36.48
CA LEU C 447 -28.76 -3.04 35.02
C LEU C 447 -27.55 -2.27 34.49
N MET C 448 -27.10 -1.27 35.26
CA MET C 448 -25.91 -0.45 34.94
C MET C 448 -24.62 -1.27 34.84
N GLU C 449 -24.33 -2.05 35.89
CA GLU C 449 -23.20 -3.00 35.91
C GLU C 449 -23.17 -3.89 34.66
N SER C 450 -24.36 -4.29 34.21
CA SER C 450 -24.52 -5.20 33.07
C SER C 450 -24.12 -4.58 31.72
N ALA C 451 -24.23 -3.26 31.62
CA ALA C 451 -24.04 -2.57 30.36
C ALA C 451 -22.58 -2.41 30.01
N ARG C 452 -22.28 -2.71 28.76
CA ARG C 452 -20.92 -2.75 28.24
C ARG C 452 -20.82 -1.68 27.15
N PRO C 453 -19.81 -0.77 27.20
CA PRO C 453 -19.74 0.25 26.16
C PRO C 453 -19.45 -0.29 24.76
N GLU C 454 -18.94 -1.52 24.67
CA GLU C 454 -18.63 -2.15 23.39
C GLU C 454 -19.84 -2.79 22.69
N ASP C 455 -21.00 -2.78 23.35
CA ASP C 455 -22.23 -3.34 22.78
C ASP C 455 -22.80 -2.40 21.70
N VAL C 456 -23.15 -2.95 20.53
CA VAL C 456 -23.67 -2.11 19.43
C VAL C 456 -25.17 -1.87 19.63
N SER C 457 -25.60 -0.66 19.27
CA SER C 457 -27.02 -0.24 19.25
C SER C 457 -27.34 0.20 17.85
N PHE C 458 -28.63 0.43 17.60
CA PHE C 458 -29.14 0.87 16.30
C PHE C 458 -28.78 -0.13 15.19
N GLN C 459 -28.94 -1.43 15.50
CA GLN C 459 -28.61 -2.53 14.58
C GLN C 459 -29.37 -2.42 13.27
N GLY C 460 -28.63 -2.38 12.16
CA GLY C 460 -29.20 -2.28 10.82
C GLY C 460 -29.47 -0.87 10.30
N ARG C 461 -29.46 0.12 11.20
CA ARG C 461 -29.63 1.52 10.84
C ARG C 461 -28.34 1.98 10.23
N GLY C 462 -28.44 2.80 9.19
CA GLY C 462 -27.24 3.29 8.51
C GLY C 462 -27.24 4.75 8.07
N VAL C 463 -26.18 5.14 7.37
CA VAL C 463 -26.12 6.45 6.71
C VAL C 463 -26.72 6.32 5.32
N PHE C 464 -26.99 7.45 4.69
CA PHE C 464 -27.59 7.51 3.35
C PHE C 464 -26.85 8.50 2.47
N GLU C 465 -26.92 8.25 1.16
CA GLU C 465 -26.46 9.20 0.14
C GLU C 465 -27.41 10.40 0.08
N LEU C 466 -26.85 11.59 -0.17
CA LEU C 466 -27.65 12.82 -0.27
C LEU C 466 -28.69 12.83 -1.38
N SER C 467 -28.65 11.83 -2.26
CA SER C 467 -29.67 11.64 -3.28
C SER C 467 -30.80 10.70 -2.85
N ASP C 468 -30.72 10.16 -1.63
CA ASP C 468 -31.58 9.08 -1.16
C ASP C 468 -32.74 9.57 -0.27
N GLU C 469 -33.74 10.17 -0.93
CA GLU C 469 -34.82 10.94 -0.31
C GLU C 469 -35.68 10.11 0.63
N LYS C 470 -36.41 9.14 0.06
CA LYS C 470 -36.99 8.03 0.83
C LYS C 470 -35.78 7.25 1.33
N ALA C 471 -35.73 6.90 2.61
CA ALA C 471 -34.47 6.41 3.17
C ALA C 471 -34.26 4.93 2.82
N THR C 472 -34.12 4.66 1.53
CA THR C 472 -34.16 3.33 0.94
C THR C 472 -32.93 2.47 1.19
N SER C 473 -31.73 3.03 1.05
CA SER C 473 -30.53 2.22 0.88
C SER C 473 -29.47 2.44 1.98
N PRO C 474 -29.67 1.84 3.19
CA PRO C 474 -28.80 2.16 4.34
C PRO C 474 -27.39 1.68 4.13
N ILE C 475 -26.43 2.52 4.52
CA ILE C 475 -25.04 2.18 4.43
C ILE C 475 -24.63 2.08 5.87
N VAL C 476 -24.24 0.87 6.27
CA VAL C 476 -23.83 0.63 7.66
C VAL C 476 -22.32 0.77 7.77
N PRO C 477 -21.84 1.82 8.45
CA PRO C 477 -20.45 2.22 8.45
C PRO C 477 -19.55 1.35 9.31
N SER C 478 -18.25 1.64 9.23
CA SER C 478 -17.25 1.28 10.24
C SER C 478 -16.25 2.44 10.37
N PHE C 479 -15.73 2.62 11.60
CA PHE C 479 -14.93 3.79 11.99
C PHE C 479 -13.42 3.55 12.10
N ASP C 480 -12.90 2.69 11.24
CA ASP C 480 -11.45 2.36 11.16
C ASP C 480 -10.56 3.53 10.70
N MET C 481 -11.14 4.44 9.93
CA MET C 481 -10.50 5.67 9.46
C MET C 481 -10.29 6.64 10.64
N SER C 482 -9.07 6.62 11.20
CA SER C 482 -8.70 7.26 12.50
C SER C 482 -9.15 8.69 12.74
N ASN C 483 -9.31 9.04 14.02
CA ASN C 483 -9.97 10.29 14.45
C ASN C 483 -9.13 11.07 15.48
N GLU C 484 -9.78 11.95 16.27
CA GLU C 484 -9.13 12.76 17.32
C GLU C 484 -9.76 12.59 18.73
N GLY C 485 -10.55 11.55 18.93
CA GLY C 485 -11.20 11.27 20.21
C GLY C 485 -12.53 10.56 20.02
N SER C 486 -13.47 10.82 20.93
CA SER C 486 -14.88 10.37 20.81
C SER C 486 -15.82 11.36 21.50
N TYR C 487 -15.36 11.88 22.63
CA TYR C 487 -16.06 12.91 23.36
C TYR C 487 -15.56 14.23 22.88
N PHE C 488 -16.50 15.09 22.49
CA PHE C 488 -16.23 16.46 22.05
C PHE C 488 -15.76 17.36 23.23
N PHE C 489 -15.90 16.87 24.46
CA PHE C 489 -15.51 17.62 25.65
C PHE C 489 -14.61 16.77 26.56
N ASN D 21 -17.07 34.50 -21.39
CA ASN D 21 -17.35 33.45 -22.42
C ASN D 21 -16.94 32.04 -22.00
N ALA D 22 -15.81 31.93 -21.28
CA ALA D 22 -15.44 30.68 -20.59
C ALA D 22 -16.47 30.34 -19.50
N THR D 23 -16.93 31.37 -18.81
CA THR D 23 -18.09 31.29 -17.92
C THR D 23 -19.42 30.99 -18.66
N GLU D 24 -19.56 31.45 -19.89
CA GLU D 24 -20.74 31.14 -20.72
C GLU D 24 -20.77 29.64 -21.05
N ILE D 25 -19.70 29.13 -21.67
CA ILE D 25 -19.55 27.69 -21.93
C ILE D 25 -19.97 26.84 -20.71
N ARG D 26 -19.32 27.04 -19.55
CA ARG D 26 -19.60 26.29 -18.32
C ARG D 26 -21.09 26.29 -17.93
N ALA D 27 -21.77 27.40 -18.24
CA ALA D 27 -23.19 27.51 -17.98
C ALA D 27 -24.04 26.57 -18.84
N SER D 28 -23.75 26.47 -20.14
CA SER D 28 -24.58 25.61 -21.01
C SER D 28 -24.15 24.16 -20.99
N VAL D 29 -22.87 23.92 -20.78
CA VAL D 29 -22.36 22.59 -20.50
C VAL D 29 -23.07 22.09 -19.24
N GLY D 30 -23.10 22.92 -18.22
CA GLY D 30 -23.76 22.60 -16.95
C GLY D 30 -25.24 22.35 -17.06
N LYS D 31 -25.94 23.12 -17.90
CA LYS D 31 -27.36 22.91 -18.17
C LYS D 31 -27.55 21.56 -18.90
N MET D 32 -26.64 21.25 -19.83
CA MET D 32 -26.64 19.95 -20.50
C MET D 32 -26.60 18.77 -19.50
N ILE D 33 -25.69 18.85 -18.52
CA ILE D 33 -25.54 17.88 -17.42
C ILE D 33 -26.78 17.82 -16.53
N ASP D 34 -27.21 18.98 -16.06
CA ASP D 34 -28.43 19.14 -15.26
C ASP D 34 -29.63 18.44 -15.89
N GLY D 35 -29.74 18.54 -17.21
CA GLY D 35 -30.78 17.88 -17.99
C GLY D 35 -30.73 16.36 -17.97
N ILE D 36 -29.54 15.78 -18.26
CA ILE D 36 -29.35 14.33 -18.23
C ILE D 36 -29.71 13.83 -16.83
N GLY D 37 -29.10 14.49 -15.84
CA GLY D 37 -29.39 14.24 -14.44
C GLY D 37 -30.87 14.24 -14.10
N ARG D 38 -31.56 15.33 -14.47
CA ARG D 38 -33.00 15.48 -14.18
C ARG D 38 -33.82 14.37 -14.82
N PHE D 39 -33.48 14.06 -16.07
CA PHE D 39 -34.05 12.92 -16.78
C PHE D 39 -33.88 11.61 -16.01
N TYR D 40 -32.62 11.31 -15.66
CA TYR D 40 -32.31 10.09 -14.93
C TYR D 40 -33.13 9.90 -13.65
N ILE D 41 -33.24 10.95 -12.83
CA ILE D 41 -34.10 10.95 -11.64
C ILE D 41 -35.56 10.59 -11.99
N GLN D 42 -36.04 11.10 -13.13
CA GLN D 42 -37.41 10.82 -13.53
C GLN D 42 -37.57 9.36 -13.95
N MET D 43 -36.51 8.74 -14.46
CA MET D 43 -36.53 7.33 -14.80
C MET D 43 -36.45 6.43 -13.58
N CYS D 44 -35.77 6.91 -12.55
CA CYS D 44 -35.73 6.19 -11.26
C CYS D 44 -37.02 6.33 -10.42
N THR D 45 -37.86 7.30 -10.76
CA THR D 45 -39.16 7.50 -10.12
C THR D 45 -40.18 6.57 -10.77
N GLU D 46 -40.27 6.59 -12.10
CA GLU D 46 -41.11 5.69 -12.91
C GLU D 46 -40.86 4.25 -12.50
N LEU D 47 -39.60 3.82 -12.68
CA LEU D 47 -39.20 2.43 -12.46
C LEU D 47 -39.13 2.05 -10.98
N LYS D 48 -39.35 3.01 -10.09
CA LYS D 48 -39.37 2.81 -8.63
C LYS D 48 -38.12 2.05 -8.17
N LEU D 49 -36.96 2.45 -8.69
CA LEU D 49 -35.68 1.86 -8.29
C LEU D 49 -35.25 2.51 -6.99
N SER D 50 -34.61 1.71 -6.13
CA SER D 50 -34.05 2.25 -4.89
C SER D 50 -32.80 3.04 -5.23
N ASP D 51 -32.28 3.78 -4.26
CA ASP D 51 -31.09 4.57 -4.52
C ASP D 51 -29.92 3.70 -4.94
N TYR D 52 -29.76 2.55 -4.28
CA TYR D 52 -28.80 1.52 -4.69
C TYR D 52 -28.95 1.13 -6.19
N GLU D 53 -30.17 0.75 -6.59
CA GLU D 53 -30.46 0.26 -7.94
C GLU D 53 -30.21 1.32 -9.00
N GLY D 54 -30.59 2.56 -8.68
CA GLY D 54 -30.36 3.72 -9.54
C GLY D 54 -28.89 3.94 -9.80
N ARG D 55 -28.05 3.49 -8.87
CA ARG D 55 -26.60 3.63 -8.96
C ARG D 55 -25.91 2.38 -9.52
N LEU D 56 -26.69 1.46 -10.10
CA LEU D 56 -26.13 0.31 -10.80
C LEU D 56 -25.86 0.72 -12.26
N ILE D 57 -24.60 0.65 -12.65
CA ILE D 57 -24.19 1.07 -13.99
C ILE D 57 -24.98 0.32 -15.07
N GLN D 58 -25.27 -0.95 -14.82
CA GLN D 58 -26.04 -1.75 -15.75
C GLN D 58 -27.43 -1.14 -15.98
N ASN D 59 -28.07 -0.69 -14.90
CA ASN D 59 -29.33 0.00 -14.99
C ASN D 59 -29.15 1.33 -15.70
N SER D 60 -28.07 2.03 -15.36
CA SER D 60 -27.78 3.30 -15.97
C SER D 60 -27.72 3.15 -17.49
N LEU D 61 -27.03 2.10 -17.94
CA LEU D 61 -26.80 1.83 -19.35
C LEU D 61 -28.07 1.52 -20.14
N THR D 62 -29.02 0.85 -19.51
CA THR D 62 -30.26 0.51 -20.17
C THR D 62 -31.09 1.78 -20.36
N ILE D 63 -31.22 2.57 -19.29
CA ILE D 63 -31.88 3.87 -19.30
C ILE D 63 -31.31 4.83 -20.37
N GLU D 64 -29.99 4.94 -20.45
CA GLU D 64 -29.30 5.68 -21.54
C GLU D 64 -29.61 5.12 -22.94
N ARG D 65 -29.48 3.80 -23.09
CA ARG D 65 -29.78 3.10 -24.35
C ARG D 65 -31.26 3.19 -24.73
N MET D 66 -32.15 3.44 -23.76
CA MET D 66 -33.58 3.63 -24.03
C MET D 66 -33.89 4.97 -24.67
N VAL D 67 -33.39 6.05 -24.07
CA VAL D 67 -33.56 7.42 -24.58
C VAL D 67 -32.84 7.68 -25.92
N LEU D 68 -31.67 7.07 -26.08
CA LEU D 68 -30.97 7.13 -27.36
C LEU D 68 -31.80 6.47 -28.45
N SER D 69 -32.37 5.29 -28.16
CA SER D 69 -33.25 4.56 -29.09
C SER D 69 -34.54 5.33 -29.42
N ALA D 70 -35.16 5.89 -28.38
CA ALA D 70 -36.36 6.74 -28.50
C ALA D 70 -36.27 7.87 -29.52
N PHE D 71 -35.07 8.41 -29.74
CA PHE D 71 -34.83 9.52 -30.67
C PHE D 71 -34.15 9.12 -31.98
N ASP D 72 -33.99 7.81 -32.20
CA ASP D 72 -33.44 7.31 -33.46
C ASP D 72 -34.50 7.32 -34.56
N THR D 92 -39.54 0.69 -27.16
CA THR D 92 -38.16 0.52 -26.69
C THR D 92 -38.00 0.12 -25.21
N GLY D 93 -36.84 -0.48 -24.87
CA GLY D 93 -36.58 -0.92 -23.50
C GLY D 93 -35.28 -1.67 -23.28
N GLY D 94 -35.34 -2.69 -22.42
CA GLY D 94 -34.17 -3.50 -22.05
C GLY D 94 -34.11 -3.92 -20.58
N PRO D 95 -33.00 -4.56 -20.15
CA PRO D 95 -32.93 -5.20 -18.85
C PRO D 95 -32.74 -4.21 -17.70
N ILE D 96 -33.64 -4.26 -16.72
CA ILE D 96 -33.50 -3.48 -15.49
C ILE D 96 -33.30 -4.45 -14.35
N TYR D 97 -32.31 -4.19 -13.51
CA TYR D 97 -31.93 -5.12 -12.43
C TYR D 97 -32.36 -4.63 -11.04
N ARG D 98 -33.19 -5.42 -10.36
CA ARG D 98 -33.60 -5.12 -8.99
C ARG D 98 -32.93 -6.08 -8.01
N ARG D 99 -32.68 -5.59 -6.78
CA ARG D 99 -32.19 -6.44 -5.69
C ARG D 99 -33.39 -6.89 -4.85
N VAL D 100 -33.72 -8.19 -4.92
CA VAL D 100 -34.89 -8.75 -4.22
C VAL D 100 -34.50 -10.03 -3.45
N ASP D 101 -34.75 -10.00 -2.13
CA ASP D 101 -34.37 -11.07 -1.18
C ASP D 101 -32.87 -11.36 -1.25
N GLY D 102 -32.08 -10.28 -1.33
CA GLY D 102 -30.62 -10.37 -1.37
C GLY D 102 -29.99 -10.84 -2.67
N LYS D 103 -30.84 -11.17 -3.65
CA LYS D 103 -30.40 -11.62 -4.97
C LYS D 103 -30.69 -10.59 -6.07
N TRP D 104 -29.98 -10.73 -7.19
CA TRP D 104 -30.16 -9.83 -8.32
C TRP D 104 -31.11 -10.40 -9.36
N ARG D 105 -32.25 -9.75 -9.51
CA ARG D 105 -33.26 -10.14 -10.49
C ARG D 105 -33.14 -9.28 -11.74
N ARG D 106 -32.94 -9.92 -12.89
CA ARG D 106 -33.18 -9.24 -14.18
C ARG D 106 -34.66 -9.30 -14.60
N GLU D 107 -35.25 -8.14 -14.84
CA GLU D 107 -36.46 -8.06 -15.64
C GLU D 107 -36.18 -7.39 -16.98
N LEU D 108 -37.17 -7.43 -17.87
CA LEU D 108 -37.04 -6.89 -19.22
C LEU D 108 -38.22 -5.94 -19.48
N ILE D 109 -38.00 -4.64 -19.26
CA ILE D 109 -39.06 -3.62 -19.38
C ILE D 109 -39.26 -3.06 -20.79
N LEU D 110 -40.48 -2.60 -21.09
CA LEU D 110 -40.81 -1.93 -22.36
C LEU D 110 -41.57 -0.62 -22.16
N TYR D 111 -41.35 0.30 -23.10
CA TYR D 111 -41.87 1.66 -23.06
C TYR D 111 -42.09 2.19 -24.46
N ASP D 112 -43.00 3.16 -24.56
CA ASP D 112 -43.25 3.89 -25.80
C ASP D 112 -42.09 4.85 -25.99
N LYS D 113 -41.56 4.91 -27.20
CA LYS D 113 -40.58 5.94 -27.54
C LYS D 113 -41.17 7.31 -27.28
N GLU D 114 -42.48 7.46 -27.54
CA GLU D 114 -43.22 8.71 -27.31
C GLU D 114 -43.22 9.21 -25.87
N GLU D 115 -43.32 8.30 -24.90
CA GLU D 115 -43.35 8.71 -23.50
C GLU D 115 -41.96 9.17 -23.04
N ILE D 116 -40.95 8.38 -23.39
CA ILE D 116 -39.54 8.67 -23.10
C ILE D 116 -39.12 10.00 -23.74
N ARG D 117 -39.44 10.19 -25.03
CA ARG D 117 -39.17 11.45 -25.72
C ARG D 117 -39.80 12.68 -25.04
N ARG D 118 -40.97 12.48 -24.43
CA ARG D 118 -41.61 13.53 -23.66
C ARG D 118 -40.88 13.76 -22.32
N ILE D 119 -40.48 12.68 -21.65
CA ILE D 119 -39.81 12.79 -20.35
C ILE D 119 -38.51 13.55 -20.53
N TRP D 120 -37.82 13.25 -21.64
CA TRP D 120 -36.55 13.89 -21.99
C TRP D 120 -36.71 15.39 -22.16
N ARG D 121 -37.73 15.77 -22.92
CA ARG D 121 -38.08 17.18 -23.10
C ARG D 121 -38.43 17.86 -21.77
N GLN D 122 -39.23 17.17 -20.94
CA GLN D 122 -39.63 17.69 -19.63
C GLN D 122 -38.43 17.95 -18.73
N ALA D 123 -37.48 17.03 -18.76
CA ALA D 123 -36.31 17.14 -17.90
C ALA D 123 -35.33 18.16 -18.43
N ASN D 124 -35.26 18.28 -19.76
CA ASN D 124 -34.47 19.33 -20.41
C ASN D 124 -35.23 20.65 -20.61
N ASN D 125 -36.39 20.75 -19.96
CA ASN D 125 -37.13 21.99 -19.81
C ASN D 125 -37.62 22.45 -21.18
N GLY D 126 -38.49 21.64 -21.78
CA GLY D 126 -39.07 21.96 -23.09
C GLY D 126 -38.24 21.48 -24.26
N ASP D 127 -36.97 21.85 -24.26
CA ASP D 127 -36.01 21.54 -25.36
C ASP D 127 -35.80 20.05 -25.66
N ASP D 128 -35.54 19.77 -26.95
CA ASP D 128 -35.08 18.45 -27.38
C ASP D 128 -33.60 18.22 -26.96
N ALA D 129 -32.82 19.30 -26.83
CA ALA D 129 -31.48 19.31 -26.21
C ALA D 129 -30.55 18.16 -26.67
N THR D 130 -30.20 18.21 -27.94
CA THR D 130 -29.43 17.16 -28.62
C THR D 130 -28.00 16.97 -28.07
N ALA D 131 -27.45 18.02 -27.44
CA ALA D 131 -26.12 17.97 -26.82
C ALA D 131 -26.09 16.85 -25.80
N GLY D 132 -27.12 16.78 -24.98
CA GLY D 132 -27.26 15.77 -23.94
C GLY D 132 -27.28 14.35 -24.48
N LEU D 133 -27.93 14.17 -25.63
CA LEU D 133 -28.01 12.85 -26.26
C LEU D 133 -26.62 12.44 -26.73
N THR D 134 -25.97 13.35 -27.46
CA THR D 134 -24.58 13.21 -27.91
C THR D 134 -23.62 12.87 -26.75
N HIS D 135 -23.78 13.57 -25.61
CA HIS D 135 -22.93 13.32 -24.43
C HIS D 135 -22.93 11.86 -24.06
N MET D 136 -24.13 11.30 -23.95
CA MET D 136 -24.32 9.89 -23.60
C MET D 136 -23.77 8.95 -24.67
N MET D 137 -23.90 9.36 -25.94
CA MET D 137 -23.33 8.63 -27.07
C MET D 137 -21.79 8.52 -26.94
N ILE D 138 -21.16 9.62 -26.54
CA ILE D 138 -19.71 9.68 -26.34
C ILE D 138 -19.28 8.80 -25.16
N TRP D 139 -19.98 8.87 -24.03
CA TRP D 139 -19.77 7.94 -22.91
C TRP D 139 -19.82 6.49 -23.39
N HIS D 140 -20.85 6.15 -24.18
CA HIS D 140 -20.99 4.79 -24.76
C HIS D 140 -19.79 4.37 -25.62
N SER D 141 -19.39 5.24 -26.56
CA SER D 141 -18.22 4.98 -27.42
C SER D 141 -16.94 4.82 -26.63
N ASN D 142 -16.74 5.69 -25.64
CA ASN D 142 -15.61 5.62 -24.73
C ASN D 142 -15.58 4.27 -24.04
N LEU D 143 -16.73 3.83 -23.54
CA LEU D 143 -16.91 2.48 -23.00
C LEU D 143 -16.57 1.39 -24.01
N ASN D 144 -17.10 1.51 -25.23
CA ASN D 144 -16.72 0.61 -26.33
C ASN D 144 -15.23 0.53 -26.60
N ASP D 145 -14.58 1.69 -26.74
CA ASP D 145 -13.18 1.78 -27.14
C ASP D 145 -12.31 1.00 -26.15
N ALA D 146 -12.77 0.94 -24.90
CA ALA D 146 -12.09 0.28 -23.78
C ALA D 146 -12.49 -1.17 -23.58
N THR D 147 -13.66 -1.54 -24.08
CA THR D 147 -14.16 -2.91 -23.93
C THR D 147 -13.72 -3.81 -25.08
N TYR D 148 -14.06 -3.43 -26.33
CA TYR D 148 -13.82 -4.28 -27.50
C TYR D 148 -12.62 -3.85 -28.34
N GLN D 149 -11.76 -4.83 -28.66
CA GLN D 149 -10.70 -4.69 -29.66
C GLN D 149 -11.38 -4.77 -31.03
N ARG D 150 -11.12 -3.79 -31.90
CA ARG D 150 -11.85 -3.65 -33.17
C ARG D 150 -11.12 -4.29 -34.37
N THR D 151 -10.33 -5.32 -34.09
CA THR D 151 -9.42 -5.96 -35.04
C THR D 151 -10.09 -6.60 -36.26
N ARG D 152 -11.10 -7.43 -36.04
CA ARG D 152 -11.82 -8.11 -37.12
C ARG D 152 -12.43 -7.10 -38.13
N ALA D 153 -12.89 -5.96 -37.61
CA ALA D 153 -13.46 -4.88 -38.41
C ALA D 153 -12.40 -4.09 -39.18
N LEU D 154 -11.16 -4.15 -38.69
CA LEU D 154 -10.03 -3.50 -39.35
C LEU D 154 -9.55 -4.25 -40.60
N VAL D 155 -9.39 -5.57 -40.49
CA VAL D 155 -8.96 -6.40 -41.64
C VAL D 155 -10.05 -6.40 -42.72
N ARG D 156 -11.30 -6.39 -42.26
CA ARG D 156 -12.47 -6.26 -43.13
C ARG D 156 -12.40 -5.01 -44.02
N THR D 157 -11.77 -3.94 -43.53
CA THR D 157 -11.57 -2.70 -44.29
C THR D 157 -10.22 -2.63 -45.02
N GLY D 158 -9.44 -3.70 -44.91
CA GLY D 158 -8.12 -3.75 -45.51
C GLY D 158 -7.17 -2.74 -44.91
N MET D 159 -7.24 -2.61 -43.59
CA MET D 159 -6.33 -1.76 -42.80
C MET D 159 -5.49 -2.65 -41.89
N ASP D 160 -4.48 -2.06 -41.25
CA ASP D 160 -3.56 -2.80 -40.39
C ASP D 160 -4.23 -3.12 -39.06
N PRO D 161 -4.33 -4.43 -38.70
CA PRO D 161 -4.99 -4.82 -37.45
C PRO D 161 -4.36 -4.24 -36.16
N ARG D 162 -3.19 -3.63 -36.27
CA ARG D 162 -2.45 -3.06 -35.13
C ARG D 162 -2.66 -1.55 -34.96
N MET D 163 -3.61 -1.01 -35.72
CA MET D 163 -3.89 0.41 -35.70
C MET D 163 -4.89 0.88 -34.64
N CYS D 164 -5.19 0.03 -33.65
CA CYS D 164 -6.34 0.31 -32.80
C CYS D 164 -6.23 1.57 -31.91
N SER D 165 -5.02 2.11 -31.75
CA SER D 165 -4.85 3.38 -31.05
C SER D 165 -5.43 4.59 -31.80
N LEU D 166 -5.64 4.43 -33.10
CA LEU D 166 -6.19 5.49 -33.96
C LEU D 166 -7.71 5.43 -34.02
N MET D 167 -8.27 4.42 -33.34
CA MET D 167 -9.66 4.01 -33.52
C MET D 167 -10.71 4.54 -32.56
N GLN D 168 -10.33 5.46 -31.67
CA GLN D 168 -11.26 6.09 -30.74
C GLN D 168 -12.46 6.60 -31.53
N GLY D 169 -13.65 6.27 -31.08
CA GLY D 169 -14.86 6.80 -31.71
C GLY D 169 -15.39 6.00 -32.87
N SER D 170 -14.73 4.88 -33.18
CA SER D 170 -15.17 3.98 -34.27
C SER D 170 -16.62 3.46 -34.15
N THR D 171 -17.08 3.07 -32.97
CA THR D 171 -18.47 2.57 -32.83
C THR D 171 -19.53 3.68 -32.78
N LEU D 172 -19.11 4.93 -32.82
CA LEU D 172 -20.01 6.08 -32.83
C LEU D 172 -20.70 6.17 -34.20
N PRO D 173 -21.97 6.63 -34.24
CA PRO D 173 -22.59 6.83 -35.57
C PRO D 173 -22.08 8.09 -36.29
N ARG D 174 -22.15 8.09 -37.63
CA ARG D 174 -21.93 9.29 -38.45
C ARG D 174 -23.01 10.37 -38.22
N ARG D 175 -24.12 9.97 -37.60
CA ARG D 175 -25.20 10.88 -37.17
C ARG D 175 -24.91 11.50 -35.78
N SER D 176 -23.62 11.71 -35.47
CA SER D 176 -23.18 12.42 -34.25
C SER D 176 -22.79 13.89 -34.57
N GLY D 177 -22.77 14.74 -33.55
CA GLY D 177 -22.67 16.19 -33.75
C GLY D 177 -21.30 16.67 -34.18
N ALA D 178 -21.06 17.96 -33.98
CA ALA D 178 -19.70 18.48 -34.04
C ALA D 178 -18.84 17.78 -32.97
N ALA D 179 -19.43 17.60 -31.78
CA ALA D 179 -18.77 16.92 -30.65
C ALA D 179 -18.40 15.48 -30.99
N GLY D 180 -19.27 14.81 -31.78
CA GLY D 180 -18.99 13.47 -32.28
C GLY D 180 -17.72 13.44 -33.12
N ALA D 181 -17.64 14.32 -34.13
CA ALA D 181 -16.47 14.37 -35.02
C ALA D 181 -15.18 14.74 -34.26
N ALA D 182 -15.29 15.66 -33.31
CA ALA D 182 -14.16 16.01 -32.44
C ALA D 182 -13.51 14.77 -31.85
N VAL D 183 -14.37 13.89 -31.33
CA VAL D 183 -13.97 12.73 -30.57
C VAL D 183 -13.43 11.57 -31.44
N LYS D 184 -13.81 11.52 -32.73
CA LYS D 184 -13.37 10.42 -33.61
C LYS D 184 -11.87 10.53 -33.92
N GLY D 185 -11.16 9.41 -33.79
CA GLY D 185 -9.73 9.35 -34.07
C GLY D 185 -9.46 9.31 -35.56
N VAL D 186 -8.20 9.56 -35.94
CA VAL D 186 -7.74 9.56 -37.33
C VAL D 186 -8.16 8.26 -38.06
N GLY D 187 -7.94 7.13 -37.37
CA GLY D 187 -8.26 5.80 -37.88
C GLY D 187 -9.71 5.66 -38.27
N THR D 188 -10.59 5.96 -37.30
CA THR D 188 -12.04 6.02 -37.51
C THR D 188 -12.42 6.84 -38.74
N MET D 189 -11.85 8.02 -38.85
CA MET D 189 -12.01 8.85 -40.05
C MET D 189 -11.56 8.16 -41.33
N VAL D 190 -10.41 7.48 -41.29
CA VAL D 190 -9.81 6.81 -42.46
C VAL D 190 -10.65 5.62 -42.90
N MET D 191 -11.08 4.82 -41.91
CA MET D 191 -11.96 3.67 -42.13
C MET D 191 -13.26 4.08 -42.83
N GLU D 192 -13.85 5.21 -42.39
CA GLU D 192 -15.13 5.71 -42.91
C GLU D 192 -15.02 6.13 -44.37
N LEU D 193 -13.91 6.80 -44.71
CA LEU D 193 -13.60 7.17 -46.09
C LEU D 193 -13.21 5.98 -46.98
N ILE D 194 -12.60 4.95 -46.39
CA ILE D 194 -12.27 3.73 -47.13
C ILE D 194 -13.55 2.99 -47.47
N ARG D 195 -14.42 2.81 -46.48
CA ARG D 195 -15.75 2.22 -46.71
C ARG D 195 -16.47 2.84 -47.90
N MET D 196 -16.34 4.17 -48.07
CA MET D 196 -16.92 4.91 -49.18
C MET D 196 -16.24 4.69 -50.54
N ILE D 197 -14.91 4.64 -50.53
CA ILE D 197 -14.12 4.30 -51.72
C ILE D 197 -14.37 2.85 -52.15
N LYS D 198 -14.36 1.91 -51.19
CA LYS D 198 -14.63 0.47 -51.42
C LYS D 198 -16.01 0.20 -51.99
N ARG D 199 -16.99 0.97 -51.54
CA ARG D 199 -18.33 1.03 -52.15
C ARG D 199 -18.33 1.74 -53.51
N GLY D 200 -17.32 2.58 -53.76
CA GLY D 200 -17.17 3.31 -55.03
C GLY D 200 -16.98 2.42 -56.24
N ILE D 201 -16.22 1.32 -56.08
CA ILE D 201 -16.18 0.25 -57.08
C ILE D 201 -17.02 -0.94 -56.59
N ARG D 213 -23.43 13.01 -56.22
CA ARG D 213 -24.66 13.67 -55.81
C ARG D 213 -24.49 14.36 -54.45
N ARG D 214 -25.15 13.81 -53.44
CA ARG D 214 -25.12 14.34 -52.07
C ARG D 214 -24.03 13.65 -51.25
N THR D 215 -23.63 12.45 -51.69
CA THR D 215 -22.55 11.69 -51.04
C THR D 215 -21.13 12.18 -51.45
N ARG D 216 -21.11 13.18 -52.34
CA ARG D 216 -19.86 13.84 -52.73
C ARG D 216 -19.43 14.82 -51.66
N ILE D 217 -20.40 15.56 -51.09
CA ILE D 217 -20.13 16.45 -49.96
C ILE D 217 -19.80 15.61 -48.72
N ALA D 218 -20.57 14.54 -48.50
CA ALA D 218 -20.32 13.57 -47.42
C ALA D 218 -18.88 13.01 -47.39
N TYR D 219 -18.28 12.87 -48.56
CA TYR D 219 -16.91 12.38 -48.73
C TYR D 219 -15.92 13.53 -48.57
N GLU D 220 -16.33 14.70 -49.00
CA GLU D 220 -15.47 15.87 -48.90
C GLU D 220 -15.43 16.43 -47.49
N ARG D 221 -16.58 16.43 -46.82
CA ARG D 221 -16.69 16.92 -45.44
C ARG D 221 -15.88 16.05 -44.50
N MET D 222 -16.03 14.73 -44.62
CA MET D 222 -15.23 13.78 -43.86
C MET D 222 -13.75 13.92 -44.16
N CYS D 223 -13.40 14.15 -45.45
CA CYS D 223 -12.04 14.52 -45.85
C CYS D 223 -11.54 15.74 -45.06
N ASN D 224 -12.37 16.78 -45.01
CA ASN D 224 -12.08 18.01 -44.27
C ASN D 224 -11.81 17.70 -42.82
N ILE D 225 -12.75 17.02 -42.16
CA ILE D 225 -12.59 16.69 -40.73
C ILE D 225 -11.25 16.03 -40.48
N LEU D 226 -10.90 15.04 -41.30
CA LEU D 226 -9.62 14.34 -41.22
C LEU D 226 -8.43 15.29 -41.36
N LYS D 227 -8.49 16.21 -42.33
CA LYS D 227 -7.42 17.21 -42.52
C LYS D 227 -7.26 18.02 -41.25
N GLY D 228 -8.42 18.34 -40.65
CA GLY D 228 -8.53 19.14 -39.43
C GLY D 228 -7.88 18.49 -38.24
N LYS D 229 -7.69 17.18 -38.33
CA LYS D 229 -7.06 16.46 -37.25
C LYS D 229 -5.53 16.50 -37.33
N PHE D 230 -4.99 16.55 -38.55
CA PHE D 230 -3.52 16.56 -38.74
C PHE D 230 -2.84 17.86 -38.34
N GLN D 231 -1.67 17.73 -37.72
CA GLN D 231 -0.86 18.88 -37.27
C GLN D 231 0.16 19.35 -38.33
N THR D 232 0.88 18.40 -38.92
CA THR D 232 1.93 18.71 -39.92
C THR D 232 1.35 19.28 -41.23
N ALA D 233 2.10 20.24 -41.79
CA ALA D 233 1.79 20.83 -43.09
C ALA D 233 1.57 19.74 -44.13
N ALA D 234 2.51 18.80 -44.21
CA ALA D 234 2.55 17.70 -45.21
C ALA D 234 1.32 16.80 -45.20
N GLN D 235 1.02 16.21 -44.05
CA GLN D 235 -0.17 15.40 -43.87
C GLN D 235 -1.44 16.13 -44.31
N ARG D 236 -1.59 17.39 -43.94
CA ARG D 236 -2.77 18.21 -44.32
C ARG D 236 -2.93 18.32 -45.84
N THR D 237 -1.83 18.55 -46.55
CA THR D 237 -1.81 18.62 -48.02
C THR D 237 -2.17 17.30 -48.69
N MET D 238 -1.67 16.20 -48.14
CA MET D 238 -2.03 14.86 -48.63
C MET D 238 -3.52 14.61 -48.58
N VAL D 239 -4.17 15.09 -47.53
CA VAL D 239 -5.61 14.95 -47.41
C VAL D 239 -6.34 15.68 -48.56
N ASP D 240 -5.88 16.89 -48.88
CA ASP D 240 -6.39 17.66 -50.04
C ASP D 240 -6.38 16.86 -51.36
N GLN D 241 -5.23 16.26 -51.70
CA GLN D 241 -5.09 15.38 -52.88
C GLN D 241 -6.13 14.26 -52.91
N VAL D 242 -6.44 13.71 -51.74
CA VAL D 242 -7.47 12.67 -51.62
C VAL D 242 -8.87 13.29 -51.76
N ARG D 243 -9.06 14.49 -51.20
CA ARG D 243 -10.34 15.18 -51.32
C ARG D 243 -10.64 15.56 -52.78
N GLU D 244 -9.63 16.12 -53.46
CA GLU D 244 -9.77 16.69 -54.80
C GLU D 244 -9.98 15.65 -55.91
N SER D 245 -9.62 14.40 -55.64
CA SER D 245 -9.81 13.29 -56.58
C SER D 245 -11.28 13.06 -56.91
N ARG D 246 -11.61 13.25 -58.19
CA ARG D 246 -12.99 13.11 -58.71
C ARG D 246 -13.46 11.68 -58.93
N ASN D 247 -12.52 10.76 -59.17
CA ASN D 247 -12.78 9.31 -59.20
C ASN D 247 -11.86 8.57 -58.19
N PRO D 248 -12.33 8.38 -56.92
CA PRO D 248 -11.45 7.85 -55.87
C PRO D 248 -11.19 6.34 -56.00
N GLY D 249 -10.05 6.01 -56.61
CA GLY D 249 -9.71 4.64 -56.97
C GLY D 249 -8.97 3.89 -55.89
N ASN D 250 -8.01 3.08 -56.31
CA ASN D 250 -7.19 2.31 -55.39
C ASN D 250 -6.09 3.16 -54.78
N ALA D 251 -5.54 4.09 -55.56
CA ALA D 251 -4.45 4.99 -55.12
C ALA D 251 -4.87 5.84 -53.94
N GLU D 252 -6.08 6.39 -54.01
CA GLU D 252 -6.68 7.15 -52.92
C GLU D 252 -6.73 6.31 -51.64
N PHE D 253 -7.12 5.04 -51.79
CA PHE D 253 -7.16 4.07 -50.70
C PHE D 253 -5.79 3.95 -50.06
N GLU D 254 -4.75 3.79 -50.89
CA GLU D 254 -3.36 3.60 -50.42
C GLU D 254 -2.89 4.80 -49.61
N ASP D 255 -3.21 6.00 -50.09
CA ASP D 255 -2.84 7.24 -49.43
C ASP D 255 -3.45 7.29 -48.05
N LEU D 256 -4.72 6.90 -47.94
CA LEU D 256 -5.41 6.87 -46.65
C LEU D 256 -4.77 5.86 -45.73
N ILE D 257 -4.45 4.68 -46.26
CA ILE D 257 -3.77 3.65 -45.48
C ILE D 257 -2.43 4.18 -45.01
N PHE D 258 -1.74 4.90 -45.91
CA PHE D 258 -0.46 5.53 -45.62
C PHE D 258 -0.55 6.63 -44.56
N LEU D 259 -1.60 7.45 -44.65
CA LEU D 259 -1.85 8.54 -43.70
C LEU D 259 -2.17 7.99 -42.32
N ALA D 260 -2.99 6.93 -42.31
CA ALA D 260 -3.37 6.22 -41.10
C ALA D 260 -2.12 5.79 -40.36
N ARG D 261 -1.20 5.13 -41.09
CA ARG D 261 0.04 4.65 -40.54
C ARG D 261 0.90 5.81 -40.01
N SER D 262 0.98 6.90 -40.78
CA SER D 262 1.74 8.09 -40.38
C SER D 262 1.28 8.64 -39.04
N ALA D 263 -0.05 8.61 -38.83
CA ALA D 263 -0.68 9.09 -37.61
C ALA D 263 -0.36 8.24 -36.35
N LEU D 264 0.37 7.13 -36.51
CA LEU D 264 0.88 6.45 -35.33
C LEU D 264 2.11 7.20 -34.81
N ILE D 265 2.84 7.87 -35.71
CA ILE D 265 4.05 8.57 -35.31
C ILE D 265 3.81 10.07 -35.26
N LEU D 266 3.44 10.65 -36.40
CA LEU D 266 2.96 12.04 -36.45
C LEU D 266 1.45 12.09 -36.09
N ARG D 267 1.16 11.99 -34.79
CA ARG D 267 -0.19 11.78 -34.26
C ARG D 267 -1.22 12.87 -34.62
N GLY D 268 -2.50 12.52 -34.53
CA GLY D 268 -3.57 13.46 -34.87
C GLY D 268 -4.19 14.13 -33.66
N SER D 269 -4.64 15.37 -33.86
CA SER D 269 -5.36 16.10 -32.83
C SER D 269 -6.74 15.48 -32.73
N VAL D 270 -7.05 14.93 -31.56
CA VAL D 270 -8.29 14.15 -31.30
C VAL D 270 -8.85 14.55 -29.93
N ALA D 271 -10.10 15.01 -29.87
CA ALA D 271 -10.75 15.42 -28.59
C ALA D 271 -10.86 14.29 -27.58
N HIS D 272 -10.69 14.64 -26.31
CA HIS D 272 -10.92 13.73 -25.19
C HIS D 272 -11.86 14.38 -24.21
N LYS D 273 -12.98 13.71 -23.99
CA LYS D 273 -13.99 14.23 -23.11
C LYS D 273 -14.34 13.21 -22.04
N SER D 274 -14.40 13.67 -20.79
CA SER D 274 -14.86 12.85 -19.68
C SER D 274 -16.38 12.88 -19.58
N CYS D 275 -16.97 11.83 -20.13
CA CYS D 275 -18.41 11.62 -20.14
C CYS D 275 -18.69 10.39 -19.29
N LEU D 276 -19.49 10.62 -18.25
CA LEU D 276 -19.75 9.66 -17.18
C LEU D 276 -21.14 9.04 -17.35
N PRO D 277 -21.38 7.84 -16.76
CA PRO D 277 -22.73 7.28 -16.84
C PRO D 277 -23.80 8.20 -16.23
N ALA D 278 -24.92 8.34 -16.92
CA ALA D 278 -26.02 9.21 -16.50
C ALA D 278 -26.32 9.14 -15.00
N CYS D 279 -26.21 7.94 -14.43
CA CYS D 279 -26.49 7.72 -13.02
C CYS D 279 -25.61 8.58 -12.13
N VAL D 280 -24.46 8.96 -12.63
CA VAL D 280 -23.55 9.80 -11.85
C VAL D 280 -24.19 11.17 -11.70
N TYR D 281 -24.67 11.68 -12.83
CA TYR D 281 -25.25 13.01 -12.92
C TYR D 281 -26.58 13.14 -12.15
N GLY D 282 -27.42 12.11 -12.31
CA GLY D 282 -28.72 11.99 -11.64
C GLY D 282 -28.59 11.98 -10.13
N SER D 283 -27.53 11.32 -9.65
CA SER D 283 -27.19 11.30 -8.24
C SER D 283 -26.82 12.69 -7.77
N ALA D 284 -25.97 13.37 -8.55
CA ALA D 284 -25.55 14.72 -8.22
C ALA D 284 -26.73 15.69 -8.18
N VAL D 285 -27.60 15.63 -9.20
CA VAL D 285 -28.78 16.49 -9.28
C VAL D 285 -29.73 16.23 -8.11
N ALA D 286 -30.02 14.96 -7.84
CA ALA D 286 -30.81 14.56 -6.69
C ALA D 286 -30.26 15.03 -5.30
N SER D 287 -28.94 15.20 -5.20
CA SER D 287 -28.33 15.80 -4.01
C SER D 287 -28.52 17.32 -3.91
N GLY D 288 -29.25 17.87 -4.87
CA GLY D 288 -29.54 19.29 -4.92
C GLY D 288 -28.53 20.12 -5.68
N TYR D 289 -27.51 19.49 -6.29
CA TYR D 289 -26.40 20.21 -6.96
C TYR D 289 -26.83 21.05 -8.15
N ASP D 290 -26.40 22.32 -8.18
CA ASP D 290 -26.79 23.22 -9.27
C ASP D 290 -25.75 23.30 -10.40
N PHE D 291 -25.94 22.45 -11.41
CA PHE D 291 -24.97 22.35 -12.50
C PHE D 291 -24.92 23.58 -13.36
N GLU D 292 -26.08 24.17 -13.65
CA GLU D 292 -26.13 25.45 -14.34
C GLU D 292 -25.45 26.58 -13.56
N ARG D 293 -25.88 26.83 -12.33
CA ARG D 293 -25.29 27.91 -11.52
C ARG D 293 -23.81 27.69 -11.15
N GLU D 294 -23.40 26.44 -10.92
CA GLU D 294 -21.98 26.14 -10.66
C GLU D 294 -21.12 26.09 -11.92
N GLY D 295 -21.75 25.81 -13.05
CA GLY D 295 -21.02 25.51 -14.27
C GLY D 295 -20.32 24.15 -14.22
N TYR D 296 -19.84 23.71 -15.38
CA TYR D 296 -19.23 22.39 -15.56
C TYR D 296 -18.43 22.32 -16.85
N SER D 297 -17.39 21.47 -16.85
CA SER D 297 -16.45 21.31 -17.95
C SER D 297 -16.17 19.83 -18.17
N LEU D 298 -16.02 19.42 -19.42
CA LEU D 298 -15.74 18.00 -19.73
C LEU D 298 -14.23 17.62 -19.68
N VAL D 299 -13.38 18.64 -19.70
CA VAL D 299 -11.94 18.46 -19.90
C VAL D 299 -11.12 18.91 -18.69
N GLY D 300 -11.80 19.55 -17.72
CA GLY D 300 -11.17 20.09 -16.52
C GLY D 300 -11.30 19.22 -15.29
N ILE D 301 -11.44 19.85 -14.13
CA ILE D 301 -11.45 19.14 -12.85
C ILE D 301 -12.80 18.51 -12.54
N ASP D 302 -13.87 19.22 -12.94
CA ASP D 302 -15.27 18.84 -12.67
C ASP D 302 -15.53 17.31 -12.67
N PRO D 303 -15.25 16.58 -13.79
CA PRO D 303 -15.57 15.14 -13.79
C PRO D 303 -14.80 14.33 -12.76
N PHE D 304 -13.53 14.73 -12.51
CA PHE D 304 -12.70 14.08 -11.49
C PHE D 304 -13.28 14.36 -10.09
N ARG D 305 -13.70 15.61 -9.91
CA ARG D 305 -14.25 16.06 -8.65
C ARG D 305 -15.56 15.35 -8.40
N LEU D 306 -16.29 15.11 -9.48
CA LEU D 306 -17.59 14.49 -9.40
C LEU D 306 -17.46 13.02 -9.11
N LEU D 307 -16.43 12.38 -9.66
CA LEU D 307 -16.20 10.95 -9.40
C LEU D 307 -15.62 10.65 -8.00
N GLN D 308 -15.06 11.67 -7.34
CA GLN D 308 -14.50 11.51 -5.99
C GLN D 308 -15.55 11.20 -4.91
N ASN D 309 -16.76 11.68 -5.13
CA ASN D 309 -17.82 11.65 -4.13
C ASN D 309 -19.00 10.87 -4.64
N SER D 310 -18.92 10.43 -5.88
CA SER D 310 -19.97 9.63 -6.44
C SER D 310 -19.91 8.20 -5.94
N GLN D 311 -20.87 7.40 -6.39
CA GLN D 311 -20.96 6.01 -5.98
C GLN D 311 -21.73 5.25 -7.04
N VAL D 312 -21.02 4.39 -7.74
CA VAL D 312 -21.60 3.53 -8.75
C VAL D 312 -21.26 2.09 -8.38
N TYR D 313 -22.24 1.21 -8.58
CA TYR D 313 -22.06 -0.20 -8.39
C TYR D 313 -22.23 -0.93 -9.74
N SER D 314 -21.56 -2.08 -9.89
CA SER D 314 -21.68 -2.95 -11.05
C SER D 314 -22.02 -4.37 -10.65
N LEU D 315 -22.90 -5.02 -11.43
CA LEU D 315 -23.00 -6.47 -11.41
C LEU D 315 -21.68 -7.07 -11.87
N ILE D 316 -21.22 -8.10 -11.17
CA ILE D 316 -19.94 -8.76 -11.45
C ILE D 316 -20.10 -10.28 -11.50
N ARG D 317 -19.68 -10.89 -12.62
CA ARG D 317 -19.72 -12.34 -12.84
C ARG D 317 -18.79 -13.11 -11.89
N PRO D 318 -19.22 -14.32 -11.43
CA PRO D 318 -18.50 -15.02 -10.35
C PRO D 318 -16.98 -15.08 -10.54
N ASN D 319 -16.55 -15.47 -11.74
CA ASN D 319 -15.14 -15.60 -12.11
C ASN D 319 -14.34 -14.28 -12.07
N GLU D 320 -15.02 -13.14 -12.21
CA GLU D 320 -14.38 -11.80 -12.41
C GLU D 320 -13.78 -11.18 -11.14
N ASN D 321 -12.73 -10.37 -11.33
CA ASN D 321 -12.10 -9.58 -10.27
C ASN D 321 -12.62 -8.13 -10.31
N PRO D 322 -13.32 -7.69 -9.22
CA PRO D 322 -13.92 -6.34 -9.17
C PRO D 322 -12.99 -5.18 -9.50
N ALA D 323 -11.84 -5.08 -8.84
CA ALA D 323 -10.86 -3.99 -9.11
C ALA D 323 -10.57 -3.81 -10.61
N HIS D 324 -10.78 -4.88 -11.37
CA HIS D 324 -10.58 -4.88 -12.81
C HIS D 324 -11.76 -4.25 -13.55
N LYS D 325 -12.99 -4.60 -13.13
CA LYS D 325 -14.21 -4.05 -13.68
C LYS D 325 -14.20 -2.58 -13.38
N SER D 326 -13.58 -2.23 -12.24
CA SER D 326 -13.42 -0.85 -11.85
C SER D 326 -12.52 -0.10 -12.82
N GLN D 327 -11.42 -0.73 -13.19
CA GLN D 327 -10.41 -0.17 -14.10
C GLN D 327 -11.00 0.08 -15.49
N LEU D 328 -11.79 -0.87 -15.99
CA LEU D 328 -12.44 -0.78 -17.28
C LEU D 328 -13.26 0.50 -17.30
N VAL D 329 -14.22 0.58 -16.37
CA VAL D 329 -15.16 1.70 -16.30
C VAL D 329 -14.42 3.02 -16.15
N TRP D 330 -13.45 3.04 -15.25
CA TRP D 330 -12.65 4.25 -14.99
C TRP D 330 -11.99 4.76 -16.26
N MET D 331 -11.40 3.84 -17.04
CA MET D 331 -10.77 4.18 -18.31
C MET D 331 -11.78 4.83 -19.25
N ALA D 332 -12.96 4.22 -19.36
CA ALA D 332 -14.06 4.73 -20.17
C ALA D 332 -14.47 6.13 -19.77
N CYS D 333 -14.61 6.35 -18.46
CA CYS D 333 -15.02 7.63 -17.89
C CYS D 333 -14.13 8.80 -18.31
N HIS D 334 -12.81 8.58 -18.28
CA HIS D 334 -11.83 9.61 -18.68
C HIS D 334 -11.27 9.42 -20.09
N SER D 335 -11.96 8.61 -20.90
CA SER D 335 -11.64 8.41 -22.30
C SER D 335 -10.19 7.99 -22.53
N ALA D 336 -9.71 6.99 -21.79
CA ALA D 336 -8.29 6.71 -21.74
C ALA D 336 -7.83 5.32 -22.21
N ALA D 337 -8.64 4.67 -23.06
CA ALA D 337 -8.33 3.34 -23.64
C ALA D 337 -6.99 3.23 -24.45
N PHE D 338 -6.64 4.28 -25.20
CA PHE D 338 -5.40 4.26 -25.97
C PHE D 338 -4.37 5.25 -25.43
N GLU D 339 -4.46 5.52 -24.13
CA GLU D 339 -3.49 6.33 -23.38
C GLU D 339 -2.35 5.44 -22.84
N ASP D 340 -1.26 6.09 -22.47
CA ASP D 340 -0.07 5.51 -21.87
C ASP D 340 -0.48 4.88 -20.54
N LEU D 341 -0.42 3.55 -20.46
CA LEU D 341 -0.83 2.82 -19.24
C LEU D 341 -0.08 3.29 -17.99
N ARG D 342 1.16 3.72 -18.18
CA ARG D 342 1.96 4.30 -17.12
C ARG D 342 1.34 5.61 -16.64
N VAL D 343 0.85 6.44 -17.59
CA VAL D 343 0.20 7.73 -17.26
C VAL D 343 -1.13 7.56 -16.51
N SER D 344 -1.95 6.62 -17.01
CA SER D 344 -3.19 6.18 -16.36
C SER D 344 -2.91 5.79 -14.92
N SER D 345 -2.01 4.83 -14.73
CA SER D 345 -1.65 4.28 -13.42
C SER D 345 -1.23 5.35 -12.44
N PHE D 346 -0.40 6.28 -12.92
CA PHE D 346 0.01 7.44 -12.16
C PHE D 346 -1.21 8.22 -11.66
N ILE D 347 -2.03 8.74 -12.58
CA ILE D 347 -3.20 9.58 -12.27
C ILE D 347 -4.16 8.89 -11.31
N ARG D 348 -4.42 7.60 -11.56
CA ARG D 348 -5.31 6.79 -10.73
C ARG D 348 -4.71 6.49 -9.34
N GLY D 349 -3.41 6.19 -9.30
CA GLY D 349 -2.74 5.84 -8.05
C GLY D 349 -2.81 4.37 -7.67
N THR D 350 -3.37 3.55 -8.56
CA THR D 350 -3.06 2.10 -8.62
C THR D 350 -2.65 1.71 -10.05
N LYS D 351 -2.11 0.50 -10.23
CA LYS D 351 -1.68 0.05 -11.55
C LYS D 351 -2.84 -0.34 -12.48
N VAL D 352 -2.84 0.33 -13.64
CA VAL D 352 -3.73 0.06 -14.75
C VAL D 352 -3.00 -0.96 -15.63
N VAL D 353 -3.60 -2.15 -15.77
CA VAL D 353 -2.93 -3.27 -16.47
C VAL D 353 -3.61 -3.62 -17.82
N PRO D 354 -2.86 -4.17 -18.81
CA PRO D 354 -3.38 -4.41 -20.19
C PRO D 354 -4.69 -5.19 -20.30
N ARG D 355 -5.40 -5.01 -21.43
CA ARG D 355 -6.69 -5.66 -21.72
C ARG D 355 -6.63 -7.20 -21.63
N GLY D 356 -5.46 -7.76 -21.89
CA GLY D 356 -5.22 -9.20 -21.77
C GLY D 356 -4.91 -9.70 -20.37
N LYS D 357 -4.79 -8.79 -19.41
CA LYS D 357 -4.53 -9.14 -18.00
C LYS D 357 -5.78 -9.01 -17.14
N LEU D 358 -6.83 -8.43 -17.71
CA LEU D 358 -8.07 -8.15 -17.00
C LEU D 358 -8.92 -9.39 -16.81
N SER D 359 -9.59 -9.48 -15.67
CA SER D 359 -10.46 -10.61 -15.36
C SER D 359 -11.88 -10.39 -15.86
N THR D 360 -12.09 -9.27 -16.53
CA THR D 360 -13.44 -8.76 -16.81
C THR D 360 -13.96 -9.11 -18.19
N ARG D 361 -15.18 -9.60 -18.22
CA ARG D 361 -15.86 -10.01 -19.45
C ARG D 361 -16.64 -8.84 -20.09
N GLY D 362 -16.66 -7.67 -19.45
CA GLY D 362 -17.34 -6.49 -20.01
C GLY D 362 -18.68 -6.10 -19.39
N VAL D 363 -18.83 -4.80 -19.12
CA VAL D 363 -19.88 -4.19 -18.25
C VAL D 363 -21.32 -4.68 -18.45
N GLN D 364 -21.84 -4.56 -19.68
CA GLN D 364 -23.22 -4.96 -20.03
C GLN D 364 -23.41 -6.47 -19.86
N ILE D 365 -24.61 -6.89 -19.42
CA ILE D 365 -24.90 -8.31 -19.19
C ILE D 365 -25.86 -8.95 -20.21
N ALA D 366 -25.38 -10.06 -20.78
CA ALA D 366 -26.06 -10.81 -21.83
C ALA D 366 -27.37 -11.47 -21.37
N SER D 367 -28.35 -11.54 -22.27
CA SER D 367 -29.69 -12.04 -21.98
C SER D 367 -29.69 -13.49 -21.51
N ASN D 368 -28.79 -14.29 -22.08
CA ASN D 368 -28.67 -15.71 -21.75
C ASN D 368 -27.81 -16.03 -20.51
N GLU D 369 -27.21 -15.01 -19.90
CA GLU D 369 -26.34 -15.21 -18.72
C GLU D 369 -27.17 -15.49 -17.47
N ASN D 370 -26.57 -16.24 -16.56
CA ASN D 370 -27.25 -16.68 -15.34
C ASN D 370 -27.25 -15.65 -14.21
N MET D 371 -28.47 -15.26 -13.82
CA MET D 371 -28.69 -14.29 -12.75
C MET D 371 -28.41 -14.79 -11.31
N GLU D 372 -28.36 -16.12 -11.16
CA GLU D 372 -28.12 -16.79 -9.86
C GLU D 372 -26.70 -16.58 -9.31
N THR D 373 -25.69 -16.69 -10.16
CA THR D 373 -24.27 -16.48 -9.79
C THR D 373 -23.85 -14.99 -9.81
N MET D 374 -24.77 -14.13 -10.24
CA MET D 374 -24.47 -12.71 -10.33
C MET D 374 -24.52 -12.03 -8.96
N GLU D 375 -23.34 -11.70 -8.44
CA GLU D 375 -23.17 -10.76 -7.34
C GLU D 375 -22.80 -9.37 -7.90
N SER D 376 -22.64 -8.39 -7.04
CA SER D 376 -22.34 -7.03 -7.48
C SER D 376 -21.39 -6.36 -6.50
N SER D 377 -20.69 -5.30 -6.93
CA SER D 377 -19.84 -4.54 -5.99
C SER D 377 -19.69 -3.06 -6.33
N THR D 378 -18.97 -2.35 -5.48
CA THR D 378 -18.60 -0.96 -5.71
C THR D 378 -17.67 -0.90 -6.89
N LEU D 379 -17.98 -0.03 -7.85
CA LEU D 379 -16.96 0.42 -8.79
C LEU D 379 -16.18 1.50 -8.07
N GLU D 380 -14.88 1.24 -7.89
CA GLU D 380 -13.89 2.16 -7.33
C GLU D 380 -13.40 3.10 -8.43
N LEU D 381 -13.91 4.34 -8.38
CA LEU D 381 -13.74 5.30 -9.49
C LEU D 381 -12.96 6.59 -9.14
N ARG D 382 -12.49 6.64 -7.90
CA ARG D 382 -11.60 7.71 -7.46
C ARG D 382 -10.20 7.55 -8.11
N SER D 383 -9.39 8.59 -7.98
CA SER D 383 -8.02 8.61 -8.51
C SER D 383 -7.16 9.53 -7.65
N ARG D 384 -5.88 9.18 -7.48
CA ARG D 384 -4.92 9.98 -6.70
C ARG D 384 -4.87 11.46 -7.16
N TYR D 385 -4.64 11.65 -8.45
CA TYR D 385 -4.58 12.97 -9.05
C TYR D 385 -5.67 13.19 -10.09
N TRP D 386 -5.71 14.40 -10.62
CA TRP D 386 -6.46 14.69 -11.83
C TRP D 386 -5.52 15.31 -12.87
N ALA D 387 -5.93 15.26 -14.13
CA ALA D 387 -5.21 15.89 -15.22
C ALA D 387 -6.21 16.55 -16.15
N ILE D 388 -5.81 17.66 -16.76
CA ILE D 388 -6.54 18.22 -17.89
C ILE D 388 -6.49 17.20 -19.04
N ARG D 389 -7.61 17.07 -19.79
CA ARG D 389 -7.49 16.36 -21.07
C ARG D 389 -7.38 17.29 -22.27
N THR D 390 -6.47 16.94 -23.18
CA THR D 390 -6.20 17.72 -24.42
C THR D 390 -6.80 17.13 -25.70
N ARG D 391 -6.88 18.03 -26.68
CA ARG D 391 -7.19 17.68 -28.06
C ARG D 391 -5.93 17.21 -28.75
N SER D 392 -4.75 17.70 -28.37
CA SER D 392 -3.55 17.45 -29.18
C SER D 392 -2.97 16.04 -29.07
N GLY D 393 -2.18 15.66 -30.08
CA GLY D 393 -1.28 14.53 -30.01
C GLY D 393 0.16 14.93 -29.64
N GLY D 394 0.47 16.23 -29.72
CA GLY D 394 1.72 16.83 -29.19
C GLY D 394 2.94 16.86 -30.08
N ASN D 395 2.95 17.74 -31.08
CA ASN D 395 4.00 17.73 -32.12
C ASN D 395 5.32 18.35 -31.68
N THR D 396 6.42 17.61 -31.92
CA THR D 396 7.81 18.12 -31.78
C THR D 396 8.50 18.21 -33.15
N SER D 403 12.50 29.82 -26.85
CA SER D 403 12.92 30.13 -25.47
C SER D 403 12.95 28.87 -24.58
N GLY D 404 13.64 28.97 -23.44
CA GLY D 404 13.70 27.88 -22.46
C GLY D 404 14.74 26.80 -22.74
N GLN D 405 15.27 26.20 -21.68
CA GLN D 405 16.40 25.28 -21.83
C GLN D 405 16.08 23.90 -22.46
N ILE D 406 16.99 23.47 -23.32
CA ILE D 406 16.87 22.32 -24.21
C ILE D 406 17.69 21.16 -23.65
N SER D 407 18.64 21.48 -22.76
CA SER D 407 19.57 20.49 -22.26
C SER D 407 19.89 20.66 -20.79
N ILE D 408 20.64 19.71 -20.26
CA ILE D 408 21.17 19.80 -18.92
C ILE D 408 22.68 20.02 -18.97
N GLN D 409 23.25 20.46 -17.84
CA GLN D 409 24.71 20.55 -17.66
C GLN D 409 25.03 20.01 -16.27
N PRO D 410 25.60 18.78 -16.21
CA PRO D 410 25.74 18.08 -14.92
C PRO D 410 26.51 18.89 -13.86
N THR D 411 25.96 18.99 -12.67
CA THR D 411 26.60 19.67 -11.56
C THR D 411 27.28 18.62 -10.69
N PHE D 412 26.59 17.49 -10.47
CA PHE D 412 27.07 16.46 -9.53
C PHE D 412 27.51 15.16 -10.21
N SER D 413 28.58 14.57 -9.69
CA SER D 413 29.05 13.28 -10.15
C SER D 413 28.16 12.19 -9.60
N VAL D 414 27.18 11.77 -10.40
CA VAL D 414 26.12 10.86 -9.98
C VAL D 414 25.62 10.10 -11.21
N GLN D 415 25.55 8.77 -11.12
CA GLN D 415 24.98 7.94 -12.20
C GLN D 415 23.53 8.28 -12.56
N ARG D 416 23.33 8.54 -13.84
CA ARG D 416 22.06 9.00 -14.39
C ARG D 416 22.21 9.21 -15.90
N ASN D 417 21.08 9.28 -16.62
CA ASN D 417 21.09 9.81 -17.99
C ASN D 417 21.09 11.34 -18.00
N LEU D 418 21.67 11.91 -19.05
CA LEU D 418 21.76 13.35 -19.16
C LEU D 418 20.80 13.86 -20.24
N PRO D 419 19.62 14.38 -19.82
CA PRO D 419 18.61 14.87 -20.77
C PRO D 419 19.08 15.96 -21.74
N PHE D 420 18.51 15.86 -22.94
CA PHE D 420 18.42 16.95 -23.90
C PHE D 420 17.16 16.75 -24.75
N ASP D 421 16.70 17.82 -25.39
CA ASP D 421 15.56 17.73 -26.29
C ASP D 421 16.06 17.42 -27.71
N ARG D 422 16.09 16.12 -28.04
CA ARG D 422 16.56 15.58 -29.34
C ARG D 422 15.98 16.25 -30.59
N PRO D 423 14.62 16.34 -30.71
CA PRO D 423 14.07 17.00 -31.89
C PRO D 423 14.56 18.43 -32.09
N THR D 424 14.33 19.29 -31.11
CA THR D 424 14.65 20.71 -31.21
C THR D 424 16.10 20.92 -31.60
N ILE D 425 17.02 20.18 -30.97
CA ILE D 425 18.45 20.27 -31.32
C ILE D 425 18.69 19.69 -32.73
N MET D 426 18.11 18.53 -33.04
CA MET D 426 18.35 17.89 -34.35
C MET D 426 17.82 18.62 -35.60
N ALA D 427 17.28 19.82 -35.45
CA ALA D 427 17.03 20.68 -36.61
C ALA D 427 18.35 21.27 -37.21
N ALA D 428 19.50 20.68 -36.85
CA ALA D 428 20.79 20.91 -37.53
C ALA D 428 21.01 19.87 -38.62
N SER D 438 10.42 15.77 -55.17
CA SER D 438 9.75 16.48 -54.10
C SER D 438 8.30 15.96 -53.91
N ASP D 439 8.18 14.86 -53.17
CA ASP D 439 6.92 14.12 -52.97
C ASP D 439 6.38 14.22 -51.54
N MET D 440 5.06 14.23 -51.41
CA MET D 440 4.40 14.31 -50.12
C MET D 440 4.63 13.08 -49.24
N ARG D 441 4.67 11.90 -49.86
CA ARG D 441 4.95 10.64 -49.17
C ARG D 441 6.35 10.59 -48.53
N THR D 442 7.34 11.20 -49.19
CA THR D 442 8.72 11.15 -48.71
C THR D 442 8.94 12.17 -47.59
N GLU D 443 8.34 13.35 -47.72
CA GLU D 443 8.37 14.40 -46.69
C GLU D 443 7.81 13.90 -45.34
N ILE D 444 6.69 13.16 -45.42
CA ILE D 444 6.08 12.52 -44.26
C ILE D 444 7.02 11.45 -43.72
N ILE D 445 7.62 10.66 -44.62
CA ILE D 445 8.64 9.65 -44.23
C ILE D 445 9.85 10.28 -43.54
N ARG D 446 10.28 11.45 -44.03
CA ARG D 446 11.44 12.24 -43.50
C ARG D 446 11.25 12.55 -42.01
N LEU D 447 10.05 13.03 -41.66
CA LEU D 447 9.68 13.33 -40.28
C LEU D 447 9.55 12.09 -39.35
N MET D 448 9.04 10.96 -39.87
CA MET D 448 8.81 9.78 -39.03
C MET D 448 10.10 9.16 -38.54
N GLU D 449 11.12 9.21 -39.39
CA GLU D 449 12.50 8.82 -39.01
C GLU D 449 13.05 9.82 -37.99
N SER D 450 12.81 11.12 -38.24
CA SER D 450 13.16 12.21 -37.31
C SER D 450 12.56 12.13 -35.92
N ALA D 451 11.57 11.25 -35.75
CA ALA D 451 10.98 11.01 -34.44
C ALA D 451 11.51 9.73 -33.81
N ARG D 452 11.68 9.77 -32.49
CA ARG D 452 12.01 8.59 -31.66
C ARG D 452 11.02 8.48 -30.50
N PRO D 453 10.69 7.26 -30.06
CA PRO D 453 9.71 7.10 -28.99
C PRO D 453 10.08 7.79 -27.68
N GLU D 454 11.25 8.42 -27.64
CA GLU D 454 11.75 9.04 -26.40
C GLU D 454 11.48 10.54 -26.35
N ASP D 455 11.04 11.11 -27.47
CA ASP D 455 10.73 12.55 -27.54
C ASP D 455 9.62 12.91 -26.53
N VAL D 456 9.88 13.92 -25.70
CA VAL D 456 8.84 14.41 -24.76
C VAL D 456 7.91 15.40 -25.46
N SER D 457 6.61 15.17 -25.26
CA SER D 457 5.59 16.14 -25.61
C SER D 457 5.01 16.68 -24.32
N PHE D 458 4.23 17.76 -24.45
CA PHE D 458 3.58 18.44 -23.31
C PHE D 458 4.61 18.87 -22.26
N GLN D 459 5.70 19.48 -22.73
CA GLN D 459 6.76 19.97 -21.85
C GLN D 459 6.17 20.95 -20.85
N GLY D 460 6.37 20.66 -19.57
CA GLY D 460 5.90 21.54 -18.50
C GLY D 460 4.42 21.45 -18.24
N ARG D 461 3.93 20.21 -18.23
CA ARG D 461 2.54 19.91 -17.90
C ARG D 461 2.54 18.73 -16.96
N GLY D 462 1.62 18.75 -16.02
CA GLY D 462 1.57 17.67 -15.04
C GLY D 462 0.18 17.42 -14.53
N VAL D 463 0.08 16.46 -13.63
CA VAL D 463 -1.15 16.18 -12.94
C VAL D 463 -1.30 17.14 -11.76
N PHE D 464 -2.48 17.14 -11.12
CA PHE D 464 -2.74 18.01 -9.98
C PHE D 464 -3.31 17.26 -8.79
N GLU D 465 -3.06 17.77 -7.58
CA GLU D 465 -3.79 17.37 -6.37
C GLU D 465 -5.28 17.70 -6.53
N LEU D 466 -6.14 16.86 -6.00
CA LEU D 466 -7.58 17.13 -6.09
C LEU D 466 -7.95 18.41 -5.35
N SER D 467 -7.22 18.67 -4.25
CA SER D 467 -7.23 19.96 -3.54
C SER D 467 -6.85 21.20 -4.38
N ASP D 468 -6.23 20.99 -5.55
CA ASP D 468 -5.81 22.10 -6.41
C ASP D 468 -6.88 22.44 -7.42
N GLU D 469 -7.88 23.20 -6.98
CA GLU D 469 -9.05 23.51 -7.80
C GLU D 469 -8.71 24.26 -9.10
N LYS D 470 -8.02 25.40 -8.97
CA LYS D 470 -7.40 26.08 -10.14
C LYS D 470 -6.00 25.51 -10.25
N ALA D 471 -5.61 25.12 -11.46
CA ALA D 471 -4.56 24.13 -11.63
C ALA D 471 -3.14 24.70 -11.54
N THR D 472 -2.71 25.05 -10.32
CA THR D 472 -1.50 25.90 -10.14
C THR D 472 -0.16 25.21 -9.95
N SER D 473 -0.14 24.06 -9.27
CA SER D 473 1.14 23.33 -9.09
C SER D 473 1.16 21.92 -9.73
N PRO D 474 1.72 21.82 -10.96
CA PRO D 474 1.82 20.58 -11.73
C PRO D 474 2.67 19.50 -11.07
N ILE D 475 2.48 18.25 -11.49
CA ILE D 475 3.29 17.10 -11.06
C ILE D 475 3.63 16.23 -12.28
N VAL D 476 4.90 16.24 -12.65
CA VAL D 476 5.44 15.43 -13.74
C VAL D 476 5.89 14.07 -13.18
N PRO D 477 5.44 12.95 -13.79
CA PRO D 477 5.93 11.63 -13.35
C PRO D 477 7.26 11.21 -14.00
N SER D 478 7.99 10.31 -13.31
CA SER D 478 9.14 9.59 -13.89
C SER D 478 8.80 8.09 -13.93
N PHE D 479 8.69 7.54 -15.13
CA PHE D 479 8.06 6.22 -15.32
C PHE D 479 8.95 4.99 -14.98
N GLY D 485 4.63 -3.58 -21.55
CA GLY D 485 4.73 -2.25 -22.12
C GLY D 485 3.84 -1.23 -21.41
N SER D 486 3.09 -0.49 -22.22
CA SER D 486 2.22 0.60 -21.76
C SER D 486 1.03 0.77 -22.72
N TYR D 487 0.81 -0.26 -23.54
CA TYR D 487 -0.27 -0.32 -24.51
C TYR D 487 -1.38 -1.20 -23.97
N PHE D 488 -2.60 -0.64 -23.84
CA PHE D 488 -3.77 -1.40 -23.35
C PHE D 488 -4.07 -2.66 -24.20
N PHE D 489 -3.96 -2.54 -25.54
CA PHE D 489 -4.23 -3.64 -26.51
C PHE D 489 -3.00 -4.20 -27.23
N ASN E 21 7.59 -39.58 -27.55
CA ASN E 21 8.92 -39.98 -27.00
C ASN E 21 9.37 -39.06 -25.84
N ALA E 22 8.42 -38.76 -24.95
CA ALA E 22 8.64 -37.90 -23.80
C ALA E 22 9.73 -38.51 -22.89
N THR E 23 9.41 -39.63 -22.24
CA THR E 23 10.36 -40.31 -21.33
C THR E 23 11.46 -41.12 -22.08
N GLU E 24 11.34 -41.22 -23.41
CA GLU E 24 12.31 -41.99 -24.20
C GLU E 24 13.64 -41.28 -24.47
N ILE E 25 13.62 -39.96 -24.58
CA ILE E 25 14.84 -39.12 -24.59
C ILE E 25 15.57 -39.30 -23.25
N ARG E 26 14.80 -39.31 -22.16
CA ARG E 26 15.30 -39.43 -20.79
C ARG E 26 16.01 -40.75 -20.48
N ALA E 27 15.55 -41.84 -21.10
CA ALA E 27 16.15 -43.17 -20.91
C ALA E 27 17.50 -43.32 -21.61
N SER E 28 17.61 -42.73 -22.80
CA SER E 28 18.82 -42.79 -23.61
C SER E 28 19.89 -41.80 -23.14
N VAL E 29 19.46 -40.71 -22.50
CA VAL E 29 20.36 -39.76 -21.82
C VAL E 29 20.98 -40.45 -20.59
N GLY E 30 20.12 -41.11 -19.80
CA GLY E 30 20.53 -41.97 -18.67
C GLY E 30 21.36 -43.17 -19.09
N LYS E 31 21.24 -43.57 -20.36
CA LYS E 31 22.09 -44.59 -20.97
C LYS E 31 23.53 -44.11 -21.05
N MET E 32 23.70 -42.89 -21.58
CA MET E 32 24.99 -42.23 -21.70
C MET E 32 25.62 -41.91 -20.34
N ILE E 33 24.81 -41.43 -19.40
CA ILE E 33 25.28 -41.12 -18.05
C ILE E 33 25.74 -42.39 -17.32
N ASP E 34 24.95 -43.47 -17.42
CA ASP E 34 25.38 -44.79 -16.93
C ASP E 34 26.70 -45.16 -17.61
N GLY E 35 26.75 -44.97 -18.93
CA GLY E 35 27.94 -45.16 -19.75
C GLY E 35 29.19 -44.51 -19.18
N ILE E 36 29.23 -43.17 -19.16
CA ILE E 36 30.35 -42.39 -18.58
C ILE E 36 30.63 -42.86 -17.16
N GLY E 37 29.56 -43.06 -16.39
CA GLY E 37 29.62 -43.50 -14.99
C GLY E 37 30.33 -44.82 -14.79
N ARG E 38 29.86 -45.86 -15.51
CA ARG E 38 30.50 -47.17 -15.55
C ARG E 38 31.97 -47.05 -15.98
N PHE E 39 32.25 -46.20 -16.97
CA PHE E 39 33.61 -45.98 -17.45
C PHE E 39 34.55 -45.38 -16.41
N TYR E 40 34.05 -44.41 -15.64
CA TYR E 40 34.85 -43.80 -14.58
C TYR E 40 35.24 -44.83 -13.50
N ILE E 41 34.25 -45.56 -12.99
CA ILE E 41 34.45 -46.58 -11.94
C ILE E 41 35.52 -47.62 -12.34
N GLN E 42 35.31 -48.25 -13.49
CA GLN E 42 36.23 -49.24 -14.06
C GLN E 42 37.66 -48.69 -14.23
N MET E 43 37.75 -47.40 -14.58
CA MET E 43 39.02 -46.70 -14.77
C MET E 43 39.67 -46.37 -13.42
N CYS E 44 38.87 -46.19 -12.38
CA CYS E 44 39.40 -46.01 -11.02
C CYS E 44 40.06 -47.27 -10.49
N THR E 45 39.35 -48.38 -10.60
CA THR E 45 39.81 -49.73 -10.23
C THR E 45 41.12 -50.11 -10.94
N GLU E 46 41.20 -49.82 -12.23
CA GLU E 46 42.39 -50.07 -13.06
C GLU E 46 43.59 -49.14 -12.73
N LEU E 47 43.32 -47.91 -12.33
CA LEU E 47 44.36 -47.02 -11.78
C LEU E 47 44.55 -47.24 -10.27
N LYS E 48 43.76 -48.17 -9.71
CA LYS E 48 43.69 -48.44 -8.26
C LYS E 48 43.67 -47.14 -7.45
N LEU E 49 42.57 -46.39 -7.57
CA LEU E 49 42.40 -45.11 -6.86
C LEU E 49 41.48 -45.25 -5.67
N SER E 50 41.93 -44.73 -4.53
CA SER E 50 41.13 -44.69 -3.29
C SER E 50 39.89 -43.80 -3.48
N ASP E 51 38.90 -43.98 -2.61
CA ASP E 51 37.61 -43.28 -2.76
C ASP E 51 37.74 -41.75 -2.73
N TYR E 52 38.63 -41.24 -1.86
CA TYR E 52 38.94 -39.80 -1.81
C TYR E 52 39.66 -39.36 -3.10
N GLU E 53 40.68 -40.11 -3.52
CA GLU E 53 41.40 -39.89 -4.77
C GLU E 53 40.44 -39.93 -5.98
N GLY E 54 39.47 -40.84 -5.93
CA GLY E 54 38.53 -41.06 -7.02
C GLY E 54 37.57 -39.92 -7.27
N ARG E 55 37.18 -39.23 -6.20
CA ARG E 55 36.25 -38.07 -6.26
C ARG E 55 36.93 -36.69 -6.48
N LEU E 56 38.25 -36.73 -6.68
CA LEU E 56 39.05 -35.55 -6.98
C LEU E 56 38.82 -35.12 -8.43
N ILE E 57 38.39 -33.88 -8.61
CA ILE E 57 38.04 -33.34 -9.93
C ILE E 57 39.23 -33.36 -10.91
N GLN E 58 40.44 -33.30 -10.36
CA GLN E 58 41.68 -33.31 -11.15
C GLN E 58 41.96 -34.68 -11.71
N ASN E 59 41.58 -35.74 -10.97
CA ASN E 59 41.69 -37.11 -11.49
C ASN E 59 40.59 -37.36 -12.51
N SER E 60 39.40 -36.83 -12.22
CA SER E 60 38.28 -36.80 -13.16
C SER E 60 38.66 -36.18 -14.51
N LEU E 61 39.25 -34.98 -14.47
CA LEU E 61 39.64 -34.26 -15.67
C LEU E 61 40.61 -35.04 -16.54
N THR E 62 41.68 -35.56 -15.92
CA THR E 62 42.68 -36.33 -16.64
C THR E 62 42.04 -37.59 -17.26
N ILE E 63 41.28 -38.35 -16.46
CA ILE E 63 40.55 -39.55 -16.95
C ILE E 63 39.67 -39.19 -18.16
N GLU E 64 38.86 -38.14 -18.01
CA GLU E 64 38.07 -37.60 -19.11
C GLU E 64 38.98 -37.25 -20.32
N ARG E 65 39.99 -36.42 -20.07
CA ARG E 65 40.91 -35.95 -21.12
C ARG E 65 41.59 -37.12 -21.88
N MET E 66 41.73 -38.28 -21.22
CA MET E 66 42.32 -39.50 -21.83
C MET E 66 41.47 -40.18 -22.87
N VAL E 67 40.18 -40.39 -22.59
CA VAL E 67 39.23 -41.00 -23.55
C VAL E 67 39.14 -40.18 -24.84
N LEU E 68 39.18 -38.86 -24.69
CA LEU E 68 38.95 -37.94 -25.80
C LEU E 68 40.15 -37.87 -26.76
N SER E 69 41.36 -37.88 -26.20
CA SER E 69 42.59 -38.04 -26.99
C SER E 69 42.66 -39.42 -27.68
N ALA E 70 42.16 -40.44 -26.98
CA ALA E 70 42.12 -41.83 -27.45
C ALA E 70 41.19 -42.07 -28.67
N PHE E 71 40.10 -41.30 -28.75
CA PHE E 71 39.11 -41.37 -29.86
C PHE E 71 39.31 -40.30 -30.92
N ASP E 72 40.49 -39.70 -30.95
CA ASP E 72 40.78 -38.61 -31.85
C ASP E 72 41.54 -39.12 -33.08
N THR E 92 48.67 -42.49 -24.65
CA THR E 92 48.29 -41.18 -24.13
C THR E 92 48.37 -41.08 -22.60
N GLY E 93 48.26 -39.85 -22.05
CA GLY E 93 48.31 -39.64 -20.61
C GLY E 93 47.83 -38.30 -20.07
N GLY E 94 48.51 -37.84 -19.02
CA GLY E 94 48.14 -36.67 -18.24
C GLY E 94 48.40 -36.93 -16.76
N PRO E 95 48.45 -35.88 -15.92
CA PRO E 95 48.81 -36.11 -14.50
C PRO E 95 47.71 -36.74 -13.64
N ILE E 96 48.10 -37.75 -12.86
CA ILE E 96 47.25 -38.39 -11.83
C ILE E 96 47.80 -38.09 -10.43
N TYR E 97 46.89 -37.88 -9.48
CA TYR E 97 47.25 -37.39 -8.17
C TYR E 97 46.90 -38.39 -7.06
N ARG E 98 47.81 -38.51 -6.09
CA ARG E 98 47.68 -39.44 -4.95
C ARG E 98 48.00 -38.77 -3.61
N ARG E 99 47.26 -39.15 -2.57
CA ARG E 99 47.63 -38.76 -1.19
C ARG E 99 48.49 -39.84 -0.54
N VAL E 100 49.78 -39.53 -0.41
CA VAL E 100 50.79 -40.47 0.09
C VAL E 100 51.72 -39.78 1.08
N ASP E 101 51.85 -40.38 2.26
CA ASP E 101 52.54 -39.80 3.43
C ASP E 101 51.85 -38.52 3.96
N GLY E 102 50.53 -38.45 3.76
CA GLY E 102 49.71 -37.34 4.25
C GLY E 102 49.46 -36.22 3.25
N LYS E 103 50.40 -36.03 2.32
CA LYS E 103 50.35 -34.95 1.32
C LYS E 103 50.12 -35.48 -0.11
N TRP E 104 50.03 -34.56 -1.08
CA TRP E 104 49.70 -34.92 -2.45
C TRP E 104 50.93 -35.04 -3.35
N ARG E 105 50.94 -36.07 -4.20
CA ARG E 105 52.02 -36.25 -5.18
C ARG E 105 51.47 -36.53 -6.57
N ARG E 106 51.84 -35.66 -7.51
CA ARG E 106 51.53 -35.81 -8.92
C ARG E 106 52.40 -36.92 -9.51
N GLU E 107 51.76 -37.83 -10.25
CA GLU E 107 52.47 -38.83 -11.07
C GLU E 107 51.96 -38.83 -12.52
N LEU E 108 52.87 -38.56 -13.45
CA LEU E 108 52.53 -38.44 -14.87
C LEU E 108 52.47 -39.83 -15.52
N ILE E 109 51.27 -40.42 -15.57
CA ILE E 109 51.11 -41.81 -16.03
C ILE E 109 50.79 -41.92 -17.53
N LEU E 110 51.15 -43.06 -18.14
CA LEU E 110 50.93 -43.28 -19.57
C LEU E 110 50.25 -44.63 -19.85
N TYR E 111 49.07 -44.57 -20.46
CA TYR E 111 48.31 -45.76 -20.88
C TYR E 111 48.08 -45.78 -22.40
N ASP E 112 47.85 -46.96 -22.95
CA ASP E 112 47.64 -47.13 -24.38
C ASP E 112 46.28 -46.58 -24.84
N LYS E 113 46.31 -45.74 -25.89
CA LYS E 113 45.09 -45.24 -26.54
C LYS E 113 44.17 -46.39 -26.95
N GLU E 114 44.78 -47.43 -27.51
CA GLU E 114 44.09 -48.63 -28.00
C GLU E 114 43.43 -49.43 -26.88
N GLU E 115 44.03 -49.39 -25.68
CA GLU E 115 43.52 -50.11 -24.50
C GLU E 115 42.37 -49.36 -23.79
N ILE E 116 42.46 -48.03 -23.74
CA ILE E 116 41.41 -47.17 -23.17
C ILE E 116 40.18 -47.16 -24.09
N ARG E 117 40.39 -47.06 -25.41
CA ARG E 117 39.32 -47.20 -26.42
C ARG E 117 38.50 -48.48 -26.24
N ARG E 118 39.18 -49.55 -25.81
CA ARG E 118 38.56 -50.85 -25.52
C ARG E 118 37.72 -50.79 -24.23
N ILE E 119 38.28 -50.15 -23.18
CA ILE E 119 37.61 -50.00 -21.87
C ILE E 119 36.31 -49.19 -22.00
N TRP E 120 36.39 -48.08 -22.73
CA TRP E 120 35.22 -47.26 -23.07
C TRP E 120 34.06 -48.07 -23.70
N ARG E 121 34.40 -48.91 -24.69
CA ARG E 121 33.41 -49.73 -25.39
C ARG E 121 32.61 -50.66 -24.47
N GLN E 122 33.30 -51.45 -23.64
CA GLN E 122 32.61 -52.40 -22.75
C GLN E 122 31.97 -51.74 -21.53
N ALA E 123 32.31 -50.47 -21.30
CA ALA E 123 31.61 -49.64 -20.31
C ALA E 123 30.25 -49.20 -20.86
N ASN E 124 30.16 -49.11 -22.18
CA ASN E 124 28.93 -48.73 -22.89
C ASN E 124 28.27 -49.91 -23.62
N ASN E 125 28.61 -51.13 -23.23
CA ASN E 125 28.03 -52.37 -23.79
C ASN E 125 28.24 -52.53 -25.32
N GLY E 126 29.51 -52.42 -25.75
CA GLY E 126 29.88 -52.65 -27.14
C GLY E 126 30.03 -51.39 -27.96
N ASP E 127 29.02 -50.51 -27.86
CA ASP E 127 28.89 -49.27 -28.65
C ASP E 127 30.14 -48.38 -28.67
N ASP E 128 30.26 -47.57 -29.74
CA ASP E 128 31.11 -46.38 -29.72
C ASP E 128 30.43 -45.33 -28.83
N ALA E 129 29.10 -45.21 -28.97
CA ALA E 129 28.27 -44.25 -28.22
C ALA E 129 28.98 -42.91 -28.01
N THR E 130 29.27 -42.27 -29.14
CA THR E 130 29.99 -40.99 -29.22
C THR E 130 29.30 -39.84 -28.49
N ALA E 131 27.99 -39.98 -28.24
CA ALA E 131 27.20 -39.01 -27.47
C ALA E 131 27.87 -38.75 -26.11
N GLY E 132 28.27 -39.85 -25.46
CA GLY E 132 29.03 -39.82 -24.20
C GLY E 132 30.32 -39.04 -24.33
N LEU E 133 31.01 -39.24 -25.45
CA LEU E 133 32.24 -38.50 -25.72
C LEU E 133 31.99 -36.99 -25.84
N THR E 134 30.91 -36.63 -26.55
CA THR E 134 30.49 -35.24 -26.76
C THR E 134 30.18 -34.55 -25.44
N HIS E 135 29.46 -35.27 -24.58
CA HIS E 135 29.13 -34.81 -23.22
C HIS E 135 30.35 -34.26 -22.46
N MET E 136 31.41 -35.08 -22.38
CA MET E 136 32.65 -34.72 -21.70
C MET E 136 33.37 -33.54 -22.35
N MET E 137 33.27 -33.44 -23.67
CA MET E 137 33.79 -32.30 -24.41
C MET E 137 33.06 -31.05 -24.00
N ILE E 138 31.73 -31.09 -23.95
CA ILE E 138 30.92 -29.94 -23.53
C ILE E 138 31.25 -29.51 -22.09
N TRP E 139 31.35 -30.49 -21.19
CA TRP E 139 31.82 -30.23 -19.83
C TRP E 139 33.18 -29.47 -19.81
N HIS E 140 34.18 -29.98 -20.53
CA HIS E 140 35.46 -29.26 -20.62
C HIS E 140 35.31 -27.84 -21.17
N SER E 141 34.46 -27.67 -22.19
CA SER E 141 34.19 -26.39 -22.84
C SER E 141 33.63 -25.38 -21.85
N ASN E 142 32.66 -25.83 -21.05
CA ASN E 142 32.04 -24.99 -20.02
C ASN E 142 33.03 -24.54 -18.93
N LEU E 143 33.93 -25.46 -18.56
CA LEU E 143 35.03 -25.12 -17.65
C LEU E 143 35.96 -24.08 -18.24
N ASN E 144 36.39 -24.28 -19.48
CA ASN E 144 37.15 -23.29 -20.24
C ASN E 144 36.44 -21.95 -20.26
N ASP E 145 35.16 -21.97 -20.67
CA ASP E 145 34.33 -20.77 -20.81
C ASP E 145 34.31 -19.97 -19.52
N ALA E 146 34.26 -20.67 -18.38
CA ALA E 146 34.34 -20.03 -17.07
C ALA E 146 35.76 -19.55 -16.70
N THR E 147 36.77 -20.26 -17.20
CA THR E 147 38.16 -20.10 -16.78
C THR E 147 38.94 -19.01 -17.54
N TYR E 148 38.70 -18.91 -18.85
CA TYR E 148 39.52 -18.04 -19.70
C TYR E 148 38.74 -16.93 -20.41
N GLN E 149 39.29 -15.72 -20.35
CA GLN E 149 38.81 -14.63 -21.17
C GLN E 149 39.48 -14.74 -22.53
N ARG E 150 38.67 -14.73 -23.59
CA ARG E 150 39.16 -15.03 -24.94
C ARG E 150 39.63 -13.76 -25.71
N THR E 151 40.18 -12.81 -24.96
CA THR E 151 40.50 -11.46 -25.46
C THR E 151 41.56 -11.41 -26.57
N ARG E 152 42.66 -12.13 -26.37
CA ARG E 152 43.67 -12.33 -27.41
C ARG E 152 43.01 -13.00 -28.64
N ALA E 153 42.31 -14.10 -28.39
CA ALA E 153 41.65 -14.89 -29.41
C ALA E 153 40.71 -14.06 -30.28
N LEU E 154 39.97 -13.16 -29.64
CA LEU E 154 39.04 -12.25 -30.29
C LEU E 154 39.73 -11.17 -31.14
N VAL E 155 40.80 -10.56 -30.63
CA VAL E 155 41.47 -9.48 -31.39
C VAL E 155 42.30 -9.97 -32.57
N ARG E 156 42.88 -11.17 -32.44
CA ARG E 156 43.62 -11.83 -33.53
C ARG E 156 42.74 -11.95 -34.78
N THR E 157 41.44 -12.11 -34.52
CA THR E 157 40.41 -12.31 -35.54
C THR E 157 39.83 -10.96 -36.07
N GLY E 158 40.16 -9.84 -35.42
CA GLY E 158 39.58 -8.54 -35.79
C GLY E 158 38.18 -8.33 -35.26
N MET E 159 37.86 -9.07 -34.20
CA MET E 159 36.61 -8.95 -33.48
C MET E 159 36.80 -8.06 -32.27
N ASP E 160 35.69 -7.54 -31.74
CA ASP E 160 35.67 -6.69 -30.57
C ASP E 160 35.96 -7.58 -29.37
N PRO E 161 36.99 -7.25 -28.59
CA PRO E 161 37.34 -8.06 -27.40
C PRO E 161 36.23 -8.08 -26.34
N ARG E 162 35.31 -7.12 -26.47
CA ARG E 162 34.18 -6.95 -25.57
C ARG E 162 33.04 -7.92 -25.91
N MET E 163 33.30 -8.84 -26.83
CA MET E 163 32.29 -9.83 -27.24
C MET E 163 32.39 -11.18 -26.51
N CYS E 164 33.05 -11.21 -25.35
CA CYS E 164 33.28 -12.51 -24.71
C CYS E 164 32.02 -13.26 -24.25
N SER E 165 30.89 -12.57 -24.13
CA SER E 165 29.57 -13.17 -23.83
C SER E 165 29.05 -14.07 -24.96
N LEU E 166 29.31 -13.67 -26.20
CA LEU E 166 28.91 -14.45 -27.39
C LEU E 166 29.82 -15.65 -27.71
N MET E 167 30.72 -16.01 -26.80
CA MET E 167 31.84 -16.93 -27.08
C MET E 167 31.71 -18.36 -26.59
N GLN E 168 30.51 -18.77 -26.18
CA GLN E 168 30.31 -20.11 -25.63
C GLN E 168 30.79 -21.14 -26.65
N GLY E 169 31.55 -22.12 -26.18
CA GLY E 169 32.00 -23.20 -27.06
C GLY E 169 33.08 -22.84 -28.06
N SER E 170 33.87 -21.81 -27.76
CA SER E 170 35.01 -21.38 -28.59
C SER E 170 36.18 -22.37 -28.61
N THR E 171 36.33 -23.13 -27.53
CA THR E 171 37.40 -24.12 -27.39
C THR E 171 36.90 -25.48 -27.82
N LEU E 172 35.63 -25.55 -28.20
CA LEU E 172 35.01 -26.78 -28.64
C LEU E 172 35.48 -27.02 -30.08
N PRO E 173 35.79 -28.27 -30.44
CA PRO E 173 36.20 -28.54 -31.83
C PRO E 173 35.03 -28.62 -32.82
N ARG E 174 35.33 -28.52 -34.11
CA ARG E 174 34.32 -28.78 -35.17
C ARG E 174 33.89 -30.27 -35.16
N ARG E 175 34.81 -31.14 -34.70
CA ARG E 175 34.59 -32.59 -34.50
C ARG E 175 33.58 -32.98 -33.39
N SER E 176 32.97 -31.99 -32.76
CA SER E 176 31.85 -32.20 -31.83
C SER E 176 30.60 -32.52 -32.64
N GLY E 177 29.57 -33.04 -32.00
CA GLY E 177 28.32 -33.43 -32.68
C GLY E 177 27.50 -32.24 -33.18
N ALA E 178 26.23 -32.49 -33.45
CA ALA E 178 25.22 -31.42 -33.56
C ALA E 178 24.87 -30.91 -32.15
N ALA E 179 25.03 -31.80 -31.16
CA ALA E 179 25.06 -31.46 -29.73
C ALA E 179 26.07 -30.34 -29.42
N GLY E 180 27.29 -30.53 -29.94
CA GLY E 180 28.36 -29.52 -29.86
C GLY E 180 28.10 -28.23 -30.59
N ALA E 181 27.34 -28.31 -31.70
CA ALA E 181 26.99 -27.14 -32.51
C ALA E 181 25.94 -26.27 -31.83
N ALA E 182 25.06 -26.91 -31.06
CA ALA E 182 23.94 -26.24 -30.39
C ALA E 182 24.45 -25.38 -29.24
N VAL E 183 25.44 -25.92 -28.53
CA VAL E 183 26.10 -25.30 -27.38
C VAL E 183 26.95 -24.07 -27.78
N LYS E 184 27.37 -24.00 -29.03
CA LYS E 184 28.19 -22.89 -29.49
C LYS E 184 27.41 -21.56 -29.52
N GLY E 185 28.08 -20.48 -29.12
CA GLY E 185 27.52 -19.15 -29.20
C GLY E 185 27.56 -18.57 -30.61
N VAL E 186 26.87 -17.43 -30.78
CA VAL E 186 26.84 -16.69 -32.04
C VAL E 186 28.26 -16.25 -32.44
N GLY E 187 29.00 -15.68 -31.49
CA GLY E 187 30.34 -15.20 -31.76
C GLY E 187 31.36 -16.29 -32.07
N THR E 188 31.21 -17.46 -31.44
CA THR E 188 32.00 -18.65 -31.77
C THR E 188 31.86 -18.98 -33.27
N MET E 189 30.61 -18.98 -33.72
CA MET E 189 30.26 -19.27 -35.10
C MET E 189 30.78 -18.23 -36.10
N VAL E 190 30.71 -16.97 -35.67
CA VAL E 190 31.20 -15.82 -36.43
C VAL E 190 32.73 -15.90 -36.54
N MET E 191 33.38 -16.28 -35.44
CA MET E 191 34.83 -16.46 -35.41
C MET E 191 35.31 -17.52 -36.41
N GLU E 192 34.70 -18.71 -36.35
CA GLU E 192 35.00 -19.82 -37.27
C GLU E 192 34.90 -19.39 -38.73
N LEU E 193 33.87 -18.59 -39.02
CA LEU E 193 33.64 -18.05 -40.36
C LEU E 193 34.65 -16.99 -40.76
N ILE E 194 35.05 -16.14 -39.82
CA ILE E 194 36.05 -15.10 -40.13
C ILE E 194 37.42 -15.75 -40.42
N ARG E 195 37.81 -16.71 -39.58
CA ARG E 195 39.01 -17.52 -39.83
C ARG E 195 39.08 -18.11 -41.24
N MET E 196 37.94 -18.54 -41.78
CA MET E 196 37.89 -19.04 -43.16
C MET E 196 38.16 -17.90 -44.15
N ILE E 197 37.27 -16.90 -44.16
CA ILE E 197 37.39 -15.74 -45.05
C ILE E 197 38.82 -15.21 -45.04
N LYS E 198 39.38 -15.06 -43.83
CA LYS E 198 40.80 -14.73 -43.61
C LYS E 198 41.78 -15.74 -44.25
N ARG E 199 41.63 -17.03 -43.93
CA ARG E 199 42.46 -18.09 -44.55
C ARG E 199 42.44 -18.00 -46.06
N GLY E 200 41.40 -17.36 -46.60
CA GLY E 200 41.24 -17.15 -48.02
C GLY E 200 41.82 -15.85 -48.56
N ILE E 201 42.87 -15.31 -47.95
CA ILE E 201 43.60 -14.16 -48.57
C ILE E 201 45.15 -14.32 -48.59
N ARG E 213 35.77 -25.83 -52.53
CA ARG E 213 35.70 -27.14 -53.15
C ARG E 213 34.61 -27.93 -52.45
N ARG E 214 34.99 -28.60 -51.37
CA ARG E 214 34.11 -29.17 -50.36
C ARG E 214 34.38 -28.40 -49.06
N THR E 215 35.32 -27.45 -49.12
CA THR E 215 35.51 -26.47 -48.05
C THR E 215 34.49 -25.34 -48.22
N ARG E 216 33.98 -25.18 -49.44
CA ARG E 216 32.82 -24.32 -49.69
C ARG E 216 31.55 -24.79 -48.97
N ILE E 217 31.24 -26.09 -49.03
CA ILE E 217 30.06 -26.65 -48.31
C ILE E 217 30.26 -26.55 -46.79
N ALA E 218 31.53 -26.53 -46.36
CA ALA E 218 31.87 -26.31 -44.95
C ALA E 218 31.47 -24.90 -44.47
N TYR E 219 31.91 -23.87 -45.18
CA TYR E 219 31.53 -22.47 -44.96
C TYR E 219 30.02 -22.28 -44.89
N GLU E 220 29.32 -22.80 -45.91
CA GLU E 220 27.85 -22.69 -46.04
C GLU E 220 27.10 -23.40 -44.89
N ARG E 221 27.61 -24.56 -44.48
CA ARG E 221 27.12 -25.31 -43.31
C ARG E 221 27.17 -24.45 -42.04
N MET E 222 28.34 -23.86 -41.78
CA MET E 222 28.55 -22.96 -40.67
C MET E 222 27.65 -21.74 -40.73
N CYS E 223 27.45 -21.20 -41.93
CA CYS E 223 26.53 -20.09 -42.16
C CYS E 223 25.10 -20.46 -41.77
N ASN E 224 24.73 -21.73 -41.97
CA ASN E 224 23.39 -22.21 -41.67
C ASN E 224 23.19 -22.47 -40.16
N ILE E 225 24.17 -23.17 -39.56
CA ILE E 225 24.27 -23.31 -38.10
C ILE E 225 24.02 -21.97 -37.41
N LEU E 226 24.78 -20.95 -37.81
CA LEU E 226 24.67 -19.59 -37.28
C LEU E 226 23.28 -19.00 -37.54
N LYS E 227 22.77 -19.20 -38.76
CA LYS E 227 21.47 -18.68 -39.18
C LYS E 227 20.38 -19.15 -38.21
N GLY E 228 20.42 -20.43 -37.84
CA GLY E 228 19.46 -21.03 -36.90
C GLY E 228 19.56 -20.59 -35.45
N LYS E 229 20.63 -19.91 -35.08
CA LYS E 229 20.76 -19.36 -33.73
C LYS E 229 20.05 -18.03 -33.67
N PHE E 230 19.88 -17.41 -34.83
CA PHE E 230 19.27 -16.10 -34.88
C PHE E 230 17.73 -16.15 -34.78
N GLN E 231 17.22 -15.23 -33.97
CA GLN E 231 15.81 -15.22 -33.59
C GLN E 231 14.99 -14.25 -34.43
N THR E 232 15.63 -13.26 -35.05
CA THR E 232 14.92 -12.26 -35.87
C THR E 232 15.12 -12.53 -37.38
N ALA E 233 14.08 -12.24 -38.18
CA ALA E 233 14.12 -12.49 -39.64
C ALA E 233 15.18 -11.68 -40.39
N ALA E 234 15.44 -10.45 -39.92
CA ALA E 234 16.45 -9.55 -40.49
C ALA E 234 17.88 -10.09 -40.32
N GLN E 235 18.18 -10.57 -39.12
CA GLN E 235 19.46 -11.19 -38.82
C GLN E 235 19.62 -12.45 -39.66
N ARG E 236 18.56 -13.26 -39.71
CA ARG E 236 18.55 -14.47 -40.53
C ARG E 236 18.85 -14.22 -42.00
N THR E 237 18.15 -13.26 -42.61
CA THR E 237 18.36 -12.88 -44.02
C THR E 237 19.81 -12.46 -44.30
N MET E 238 20.39 -11.72 -43.35
CA MET E 238 21.73 -11.20 -43.49
C MET E 238 22.82 -12.26 -43.47
N VAL E 239 22.58 -13.33 -42.70
CA VAL E 239 23.47 -14.50 -42.70
C VAL E 239 23.41 -15.20 -44.06
N ASP E 240 22.21 -15.21 -44.66
CA ASP E 240 22.00 -15.80 -45.99
C ASP E 240 22.68 -15.04 -47.12
N GLN E 241 22.83 -13.73 -46.96
CA GLN E 241 23.63 -12.94 -47.86
C GLN E 241 25.10 -13.31 -47.74
N VAL E 242 25.55 -13.56 -46.51
CA VAL E 242 26.90 -14.05 -46.28
C VAL E 242 27.05 -15.40 -46.98
N ARG E 243 26.12 -16.32 -46.72
CA ARG E 243 26.14 -17.70 -47.27
C ARG E 243 26.19 -17.75 -48.80
N GLU E 244 25.42 -16.88 -49.44
CA GLU E 244 25.30 -16.82 -50.89
C GLU E 244 26.45 -16.08 -51.58
N SER E 245 27.45 -15.66 -50.82
CA SER E 245 28.54 -14.85 -51.37
C SER E 245 29.46 -15.56 -52.38
N ARG E 246 29.46 -15.00 -53.59
CA ARG E 246 30.23 -15.49 -54.72
C ARG E 246 31.75 -15.41 -54.47
N ASN E 247 32.17 -14.43 -53.66
CA ASN E 247 33.60 -14.18 -53.36
C ASN E 247 33.80 -13.68 -51.91
N PRO E 248 33.90 -14.62 -50.93
CA PRO E 248 34.01 -14.24 -49.50
C PRO E 248 35.26 -13.42 -49.15
N GLY E 249 35.08 -12.10 -49.10
CA GLY E 249 36.13 -11.15 -48.72
C GLY E 249 35.69 -10.16 -47.65
N ASN E 250 36.07 -8.89 -47.85
CA ASN E 250 35.96 -7.84 -46.84
C ASN E 250 34.53 -7.53 -46.39
N ALA E 251 33.62 -7.37 -47.36
CA ALA E 251 32.19 -7.12 -47.09
C ALA E 251 31.59 -8.15 -46.14
N GLU E 252 31.92 -9.42 -46.36
CA GLU E 252 31.41 -10.55 -45.56
C GLU E 252 32.04 -10.57 -44.19
N PHE E 253 33.30 -10.13 -44.11
CA PHE E 253 33.93 -9.93 -42.82
C PHE E 253 33.17 -8.84 -42.05
N GLU E 254 32.86 -7.73 -42.73
CA GLU E 254 32.11 -6.61 -42.16
C GLU E 254 30.68 -6.96 -41.77
N ASP E 255 30.05 -7.84 -42.53
CA ASP E 255 28.67 -8.28 -42.26
C ASP E 255 28.58 -9.24 -41.06
N LEU E 256 29.58 -10.12 -40.95
CA LEU E 256 29.72 -11.00 -39.78
C LEU E 256 29.99 -10.24 -38.47
N ILE E 257 30.91 -9.27 -38.53
CA ILE E 257 31.27 -8.39 -37.42
C ILE E 257 30.03 -7.64 -36.90
N PHE E 258 29.26 -7.09 -37.85
CA PHE E 258 27.96 -6.44 -37.62
C PHE E 258 26.96 -7.44 -37.02
N LEU E 259 26.92 -8.66 -37.57
CA LEU E 259 26.01 -9.67 -37.04
C LEU E 259 26.36 -10.07 -35.61
N ALA E 260 27.66 -10.13 -35.30
CA ALA E 260 28.13 -10.45 -33.95
C ALA E 260 27.70 -9.36 -32.99
N ARG E 261 27.93 -8.12 -33.40
CA ARG E 261 27.55 -6.93 -32.61
C ARG E 261 26.04 -6.88 -32.28
N SER E 262 25.21 -7.28 -33.26
CA SER E 262 23.77 -7.34 -33.10
C SER E 262 23.34 -8.46 -32.15
N ALA E 263 24.14 -9.53 -32.10
CA ALA E 263 23.88 -10.63 -31.19
C ALA E 263 24.06 -10.26 -29.70
N LEU E 264 24.70 -9.10 -29.44
CA LEU E 264 24.80 -8.55 -28.10
C LEU E 264 23.48 -8.03 -27.52
N ILE E 265 22.67 -7.41 -28.37
CA ILE E 265 21.36 -6.88 -27.96
C ILE E 265 20.29 -7.89 -28.35
N LEU E 266 20.13 -8.09 -29.67
CA LEU E 266 19.25 -9.08 -30.25
C LEU E 266 19.94 -10.42 -30.23
N ARG E 267 19.83 -11.05 -29.06
CA ARG E 267 20.58 -12.23 -28.66
C ARG E 267 20.25 -13.46 -29.46
N GLY E 268 21.27 -14.25 -29.77
CA GLY E 268 21.06 -15.50 -30.46
C GLY E 268 20.56 -16.57 -29.51
N SER E 269 20.03 -17.64 -30.08
CA SER E 269 19.59 -18.79 -29.30
C SER E 269 20.69 -19.83 -29.20
N VAL E 270 21.03 -20.15 -27.97
CA VAL E 270 22.22 -20.93 -27.68
C VAL E 270 21.86 -21.92 -26.58
N ALA E 271 22.10 -23.20 -26.84
CA ALA E 271 21.80 -24.26 -25.87
C ALA E 271 22.74 -24.19 -24.66
N HIS E 272 22.13 -24.23 -23.48
CA HIS E 272 22.86 -24.42 -22.25
C HIS E 272 22.54 -25.82 -21.74
N LYS E 273 23.55 -26.66 -21.61
CA LYS E 273 23.41 -28.00 -21.06
C LYS E 273 24.26 -28.10 -19.78
N SER E 274 23.70 -28.72 -18.73
CA SER E 274 24.44 -28.97 -17.47
C SER E 274 25.24 -30.28 -17.48
N CYS E 275 26.54 -30.17 -17.76
CA CYS E 275 27.42 -31.32 -17.96
C CYS E 275 28.46 -31.37 -16.87
N LEU E 276 28.37 -32.39 -16.01
CA LEU E 276 29.13 -32.48 -14.77
C LEU E 276 30.37 -33.36 -14.95
N PRO E 277 31.37 -33.26 -14.04
CA PRO E 277 32.54 -34.16 -14.15
C PRO E 277 32.15 -35.64 -14.08
N ALA E 278 32.95 -36.51 -14.72
CA ALA E 278 32.72 -37.97 -14.72
C ALA E 278 32.74 -38.65 -13.33
N CYS E 279 33.54 -38.11 -12.42
CA CYS E 279 33.54 -38.57 -11.04
C CYS E 279 32.16 -38.39 -10.39
N VAL E 280 31.45 -37.32 -10.74
CA VAL E 280 30.12 -37.05 -10.20
C VAL E 280 29.18 -38.18 -10.62
N TYR E 281 29.25 -38.57 -11.91
CA TYR E 281 28.39 -39.65 -12.44
C TYR E 281 28.83 -41.04 -11.94
N GLY E 282 30.14 -41.23 -11.81
CA GLY E 282 30.73 -42.46 -11.30
C GLY E 282 30.41 -42.75 -9.84
N SER E 283 30.30 -41.69 -9.04
CA SER E 283 29.94 -41.79 -7.62
C SER E 283 28.45 -42.09 -7.37
N ALA E 284 27.59 -41.71 -8.30
CA ALA E 284 26.18 -42.10 -8.27
C ALA E 284 25.98 -43.56 -8.75
N VAL E 285 26.76 -43.97 -9.76
CA VAL E 285 26.73 -45.34 -10.29
C VAL E 285 27.45 -46.34 -9.36
N ALA E 286 28.43 -45.86 -8.61
CA ALA E 286 29.05 -46.64 -7.53
C ALA E 286 28.05 -46.86 -6.40
N SER E 287 27.17 -45.87 -6.19
CA SER E 287 26.09 -45.92 -5.19
C SER E 287 24.83 -46.58 -5.75
N GLY E 288 25.00 -47.39 -6.79
CA GLY E 288 23.92 -48.17 -7.41
C GLY E 288 22.73 -47.42 -7.97
N TYR E 289 22.86 -46.12 -8.22
CA TYR E 289 21.78 -45.33 -8.82
C TYR E 289 21.65 -45.59 -10.33
N ASP E 290 20.45 -46.04 -10.72
CA ASP E 290 20.20 -46.56 -12.07
C ASP E 290 19.65 -45.49 -13.02
N PHE E 291 20.55 -44.95 -13.85
CA PHE E 291 20.26 -43.82 -14.74
C PHE E 291 19.37 -44.16 -15.93
N GLU E 292 19.58 -45.34 -16.49
CA GLU E 292 18.73 -45.84 -17.59
C GLU E 292 17.29 -46.11 -17.12
N ARG E 293 17.16 -46.57 -15.87
CA ARG E 293 15.86 -46.74 -15.22
C ARG E 293 15.19 -45.40 -14.97
N GLU E 294 15.80 -44.57 -14.12
CA GLU E 294 15.18 -43.33 -13.63
C GLU E 294 15.05 -42.24 -14.68
N GLY E 295 15.92 -42.26 -15.69
CA GLY E 295 15.97 -41.20 -16.68
C GLY E 295 16.93 -40.09 -16.24
N TYR E 296 17.22 -39.19 -17.18
CA TYR E 296 18.09 -38.05 -16.93
C TYR E 296 17.84 -36.90 -17.91
N SER E 297 17.88 -35.68 -17.39
CA SER E 297 17.80 -34.46 -18.21
C SER E 297 19.06 -33.61 -18.00
N LEU E 298 19.51 -32.96 -19.07
CA LEU E 298 20.63 -32.01 -18.97
C LEU E 298 20.12 -30.60 -18.62
N VAL E 299 18.82 -30.35 -18.85
CA VAL E 299 18.17 -29.04 -18.57
C VAL E 299 17.10 -29.13 -17.47
N GLY E 300 16.90 -30.33 -16.93
CA GLY E 300 15.91 -30.58 -15.89
C GLY E 300 16.45 -30.40 -14.49
N ILE E 301 15.76 -30.97 -13.50
CA ILE E 301 16.17 -30.90 -12.10
C ILE E 301 17.39 -31.78 -11.80
N ASP E 302 17.52 -32.86 -12.58
CA ASP E 302 18.44 -33.97 -12.31
C ASP E 302 19.90 -33.60 -12.01
N PRO E 303 20.52 -32.66 -12.80
CA PRO E 303 21.89 -32.31 -12.46
C PRO E 303 22.01 -31.51 -11.16
N PHE E 304 21.04 -30.66 -10.85
CA PHE E 304 20.98 -30.00 -9.53
C PHE E 304 20.79 -31.02 -8.41
N ARG E 305 19.90 -31.98 -8.67
CA ARG E 305 19.59 -33.08 -7.76
C ARG E 305 20.85 -33.90 -7.49
N LEU E 306 21.54 -34.29 -8.55
CA LEU E 306 22.76 -35.06 -8.46
C LEU E 306 23.86 -34.32 -7.68
N LEU E 307 24.00 -33.02 -7.91
CA LEU E 307 25.01 -32.20 -7.23
C LEU E 307 24.79 -32.06 -5.71
N GLN E 308 23.55 -31.79 -5.29
CA GLN E 308 23.17 -31.71 -3.85
C GLN E 308 23.59 -32.94 -3.05
N ASN E 309 23.45 -34.13 -3.64
CA ASN E 309 23.82 -35.39 -3.01
C ASN E 309 25.30 -35.75 -3.23
N SER E 310 25.98 -35.01 -4.10
CA SER E 310 27.32 -35.39 -4.55
C SER E 310 28.46 -34.90 -3.65
N GLN E 311 29.62 -35.52 -3.82
CA GLN E 311 30.82 -35.24 -3.04
C GLN E 311 32.00 -35.16 -4.00
N VAL E 312 32.58 -33.95 -4.10
CA VAL E 312 33.59 -33.59 -5.10
C VAL E 312 34.69 -32.81 -4.42
N TYR E 313 35.93 -33.30 -4.54
CA TYR E 313 37.11 -32.61 -3.96
C TYR E 313 38.01 -31.96 -5.01
N SER E 314 38.69 -30.89 -4.60
CA SER E 314 39.71 -30.25 -5.45
C SER E 314 40.97 -29.84 -4.72
N LEU E 315 42.09 -30.00 -5.41
CA LEU E 315 43.35 -29.47 -4.94
C LEU E 315 43.27 -27.96 -4.98
N ILE E 316 43.76 -27.34 -3.92
CA ILE E 316 43.67 -25.91 -3.71
C ILE E 316 45.07 -25.42 -3.33
N ARG E 317 45.56 -24.44 -4.08
CA ARG E 317 46.84 -23.77 -3.80
C ARG E 317 46.66 -22.89 -2.56
N PRO E 318 47.72 -22.75 -1.72
CA PRO E 318 47.63 -21.96 -0.47
C PRO E 318 47.13 -20.49 -0.58
N ASN E 319 47.32 -19.84 -1.73
CA ASN E 319 46.75 -18.50 -1.99
C ASN E 319 45.28 -18.51 -2.50
N GLU E 320 44.78 -19.71 -2.83
CA GLU E 320 43.46 -19.89 -3.41
C GLU E 320 42.38 -20.08 -2.34
N ASN E 321 41.30 -19.31 -2.48
CA ASN E 321 40.10 -19.41 -1.65
C ASN E 321 39.27 -20.63 -2.12
N PRO E 322 38.95 -21.56 -1.20
CA PRO E 322 38.13 -22.75 -1.54
C PRO E 322 36.75 -22.41 -2.12
N ALA E 323 36.12 -21.39 -1.55
CA ALA E 323 34.82 -20.89 -2.00
C ALA E 323 34.87 -20.38 -3.44
N HIS E 324 35.99 -19.77 -3.83
CA HIS E 324 36.13 -19.23 -5.18
C HIS E 324 36.34 -20.31 -6.26
N LYS E 325 37.17 -21.30 -5.96
CA LYS E 325 37.36 -22.49 -6.79
C LYS E 325 35.99 -23.12 -7.02
N SER E 326 35.26 -23.35 -5.94
CA SER E 326 33.92 -23.94 -6.00
C SER E 326 32.81 -23.07 -6.64
N GLN E 327 33.04 -21.77 -6.78
CA GLN E 327 32.14 -20.91 -7.57
C GLN E 327 32.35 -21.24 -9.03
N LEU E 328 33.62 -21.29 -9.44
CA LEU E 328 34.06 -21.58 -10.79
C LEU E 328 33.54 -22.93 -11.28
N VAL E 329 33.76 -24.00 -10.51
CA VAL E 329 33.27 -25.33 -10.94
C VAL E 329 31.75 -25.34 -11.06
N TRP E 330 31.07 -24.78 -10.06
CA TRP E 330 29.62 -24.65 -10.07
C TRP E 330 29.08 -24.01 -11.35
N MET E 331 29.61 -22.85 -11.73
CA MET E 331 29.19 -22.15 -12.97
C MET E 331 29.41 -22.99 -14.22
N ALA E 332 30.55 -23.70 -14.26
CA ALA E 332 30.90 -24.56 -15.41
C ALA E 332 29.94 -25.74 -15.46
N CYS E 333 29.61 -26.27 -14.29
CA CYS E 333 28.62 -27.34 -14.13
C CYS E 333 27.26 -26.97 -14.71
N HIS E 334 26.92 -25.69 -14.72
CA HIS E 334 25.62 -25.25 -15.22
C HIS E 334 25.66 -24.35 -16.45
N SER E 335 26.76 -24.41 -17.22
CA SER E 335 26.93 -23.59 -18.45
C SER E 335 26.74 -22.08 -18.22
N ALA E 336 27.17 -21.61 -17.05
CA ALA E 336 26.73 -20.34 -16.49
C ALA E 336 27.77 -19.21 -16.53
N ALA E 337 28.81 -19.37 -17.34
CA ALA E 337 29.87 -18.36 -17.42
C ALA E 337 29.35 -16.95 -17.77
N PHE E 338 28.48 -16.85 -18.78
CA PHE E 338 28.02 -15.53 -19.26
C PHE E 338 26.62 -15.12 -18.74
N GLU E 339 26.09 -15.93 -17.83
CA GLU E 339 24.88 -15.60 -17.10
C GLU E 339 25.10 -14.41 -16.15
N ASP E 340 24.06 -13.58 -16.10
CA ASP E 340 23.85 -12.52 -15.10
C ASP E 340 24.20 -13.06 -13.72
N LEU E 341 25.12 -12.36 -13.06
CA LEU E 341 25.58 -12.75 -11.73
C LEU E 341 24.46 -12.65 -10.70
N ARG E 342 23.60 -11.64 -10.84
CA ARG E 342 22.39 -11.48 -10.01
C ARG E 342 21.53 -12.75 -9.98
N VAL E 343 21.35 -13.35 -11.17
CA VAL E 343 20.57 -14.58 -11.35
C VAL E 343 21.32 -15.81 -10.83
N SER E 344 22.61 -15.91 -11.15
CA SER E 344 23.42 -17.05 -10.69
C SER E 344 23.44 -17.09 -9.16
N SER E 345 23.71 -15.92 -8.55
CA SER E 345 23.72 -15.70 -7.09
C SER E 345 22.43 -16.15 -6.41
N PHE E 346 21.31 -15.77 -7.00
CA PHE E 346 20.00 -16.11 -6.49
C PHE E 346 19.74 -17.61 -6.53
N ILE E 347 20.25 -18.29 -7.56
CA ILE E 347 20.00 -19.72 -7.75
C ILE E 347 20.89 -20.54 -6.82
N ARG E 348 22.13 -20.08 -6.64
CA ARG E 348 23.05 -20.74 -5.73
C ARG E 348 22.80 -20.39 -4.25
N GLY E 349 22.41 -19.15 -3.98
CA GLY E 349 22.20 -18.69 -2.61
C GLY E 349 23.31 -17.76 -2.18
N THR E 350 24.50 -18.33 -2.01
CA THR E 350 25.71 -17.54 -1.74
C THR E 350 26.05 -16.74 -3.00
N LYS E 351 26.74 -15.62 -2.85
CA LYS E 351 27.02 -14.71 -3.98
C LYS E 351 28.03 -15.27 -5.00
N VAL E 352 27.81 -14.92 -6.26
CA VAL E 352 28.63 -15.32 -7.41
C VAL E 352 29.34 -14.05 -7.90
N VAL E 353 30.64 -13.92 -7.58
CA VAL E 353 31.41 -12.70 -7.86
C VAL E 353 32.05 -12.69 -9.26
N PRO E 354 32.37 -11.49 -9.83
CA PRO E 354 33.09 -11.38 -11.11
C PRO E 354 34.46 -12.04 -11.13
N ARG E 355 34.95 -12.40 -12.33
CA ARG E 355 36.21 -13.15 -12.52
C ARG E 355 37.40 -12.42 -11.90
N GLY E 356 37.35 -11.10 -11.91
CA GLY E 356 38.41 -10.26 -11.33
C GLY E 356 38.49 -10.22 -9.81
N LYS E 357 37.47 -10.72 -9.12
CA LYS E 357 37.50 -10.80 -7.66
C LYS E 357 37.72 -12.23 -7.19
N LEU E 358 37.82 -13.17 -8.11
CA LEU E 358 38.08 -14.58 -7.79
C LEU E 358 39.54 -14.83 -7.47
N SER E 359 39.78 -15.79 -6.58
CA SER E 359 41.13 -16.19 -6.21
C SER E 359 41.45 -17.63 -6.62
N THR E 360 41.42 -17.86 -7.94
CA THR E 360 41.76 -19.16 -8.52
C THR E 360 42.45 -18.96 -9.87
N ARG E 361 43.39 -19.85 -10.20
CA ARG E 361 44.08 -19.82 -11.49
C ARG E 361 43.68 -21.02 -12.37
N GLY E 362 42.62 -21.70 -11.95
CA GLY E 362 42.09 -22.83 -12.70
C GLY E 362 42.08 -24.11 -11.88
N VAL E 363 41.36 -25.10 -12.39
CA VAL E 363 41.19 -26.39 -11.72
C VAL E 363 42.40 -27.31 -12.00
N GLN E 364 42.89 -27.30 -13.26
CA GLN E 364 44.09 -28.03 -13.65
C GLN E 364 45.32 -27.44 -12.95
N ILE E 365 46.30 -28.30 -12.66
CA ILE E 365 47.57 -27.85 -12.04
C ILE E 365 48.75 -27.96 -13.01
N ALA E 366 49.45 -26.85 -13.20
CA ALA E 366 50.65 -26.79 -14.03
C ALA E 366 51.71 -27.76 -13.53
N SER E 367 52.48 -28.35 -14.45
CA SER E 367 53.51 -29.34 -14.11
C SER E 367 54.74 -28.77 -13.36
N ASN E 368 54.91 -27.45 -13.37
CA ASN E 368 55.98 -26.78 -12.61
C ASN E 368 55.59 -26.43 -11.17
N GLU E 369 54.31 -26.62 -10.83
CA GLU E 369 53.79 -26.27 -9.50
C GLU E 369 54.22 -27.28 -8.46
N ASN E 370 54.52 -26.78 -7.26
CA ASN E 370 55.02 -27.61 -6.17
C ASN E 370 53.92 -28.22 -5.30
N MET E 371 53.96 -29.55 -5.16
CA MET E 371 52.90 -30.34 -4.53
C MET E 371 53.00 -30.40 -3.01
N GLU E 372 54.14 -29.98 -2.47
CA GLU E 372 54.39 -30.04 -1.03
C GLU E 372 53.48 -29.10 -0.26
N THR E 373 53.40 -27.83 -0.67
CA THR E 373 52.49 -26.84 -0.05
C THR E 373 51.03 -26.94 -0.51
N MET E 374 50.73 -27.98 -1.30
CA MET E 374 49.39 -28.22 -1.85
C MET E 374 48.52 -28.99 -0.86
N GLU E 375 47.32 -28.43 -0.65
CA GLU E 375 46.27 -29.01 0.20
C GLU E 375 45.01 -29.22 -0.66
N SER E 376 43.95 -29.78 -0.06
CA SER E 376 42.70 -30.07 -0.77
C SER E 376 41.50 -29.97 0.14
N SER E 377 40.33 -29.65 -0.44
CA SER E 377 39.05 -29.67 0.28
C SER E 377 37.82 -29.91 -0.61
N THR E 378 36.64 -29.93 0.02
CA THR E 378 35.37 -30.26 -0.63
C THR E 378 34.78 -29.02 -1.29
N LEU E 379 34.43 -29.16 -2.57
CA LEU E 379 33.85 -28.08 -3.35
C LEU E 379 32.35 -27.95 -3.06
N GLU E 380 31.94 -26.72 -2.80
CA GLU E 380 30.55 -26.39 -2.52
C GLU E 380 29.75 -26.32 -3.82
N LEU E 381 29.30 -27.48 -4.28
CA LEU E 381 28.61 -27.55 -5.57
C LEU E 381 27.09 -27.42 -5.47
N ARG E 382 26.60 -27.29 -4.23
CA ARG E 382 25.16 -27.20 -3.95
C ARG E 382 24.62 -25.80 -4.31
N SER E 383 23.30 -25.69 -4.33
CA SER E 383 22.61 -24.40 -4.55
C SER E 383 21.31 -24.32 -3.72
N ARG E 384 20.89 -23.08 -3.43
CA ARG E 384 19.64 -22.83 -2.68
C ARG E 384 18.38 -23.22 -3.48
N TYR E 385 18.31 -22.80 -4.75
CA TYR E 385 17.24 -23.18 -5.66
C TYR E 385 17.78 -23.91 -6.89
N TRP E 386 16.87 -24.39 -7.74
CA TRP E 386 17.20 -24.83 -9.09
C TRP E 386 16.32 -24.11 -10.15
N ALA E 387 16.77 -24.10 -11.40
CA ALA E 387 16.04 -23.43 -12.48
C ALA E 387 16.22 -24.19 -13.79
N ILE E 388 15.28 -24.03 -14.72
CA ILE E 388 15.38 -24.64 -16.05
C ILE E 388 16.43 -23.94 -16.92
N ARG E 389 17.14 -24.69 -17.76
CA ARG E 389 18.13 -24.15 -18.68
C ARG E 389 17.50 -23.92 -20.06
N THR E 390 17.39 -22.66 -20.52
CA THR E 390 16.85 -22.38 -21.87
C THR E 390 17.85 -22.55 -23.00
N ARG E 391 17.29 -22.68 -24.19
CA ARG E 391 18.03 -22.52 -25.43
C ARG E 391 17.89 -21.06 -25.90
N SER E 392 16.83 -20.39 -25.48
CA SER E 392 16.55 -19.04 -26.00
C SER E 392 17.35 -17.92 -25.34
N GLY E 393 17.54 -16.81 -26.07
CA GLY E 393 18.19 -15.60 -25.57
C GLY E 393 17.24 -14.47 -25.23
N GLY E 394 15.96 -14.80 -24.99
CA GLY E 394 14.91 -13.87 -24.51
C GLY E 394 14.55 -12.63 -25.33
N ASN E 395 13.77 -12.81 -26.40
CA ASN E 395 13.35 -11.70 -27.25
C ASN E 395 12.16 -10.96 -26.65
N THR E 396 12.25 -9.62 -26.58
CA THR E 396 11.15 -8.76 -26.12
C THR E 396 10.81 -7.68 -27.17
N SER E 403 0.60 -8.65 -33.51
CA SER E 403 -0.73 -8.02 -33.48
C SER E 403 -0.98 -7.25 -32.17
N GLY E 404 -2.06 -6.46 -32.11
CA GLY E 404 -2.34 -5.53 -31.00
C GLY E 404 -1.66 -4.15 -31.11
N GLN E 405 -2.08 -3.17 -30.28
CA GLN E 405 -1.62 -1.76 -30.44
C GLN E 405 -0.10 -1.52 -30.43
N ILE E 406 0.31 -0.58 -31.28
CA ILE E 406 1.70 -0.37 -31.68
C ILE E 406 2.10 1.08 -31.32
N SER E 407 1.11 1.81 -30.82
CA SER E 407 1.25 3.22 -30.51
C SER E 407 0.25 3.65 -29.42
N ILE E 408 0.40 4.88 -28.97
CA ILE E 408 -0.41 5.48 -27.94
C ILE E 408 -1.12 6.68 -28.52
N GLN E 409 -2.26 7.02 -27.93
CA GLN E 409 -2.94 8.27 -28.30
C GLN E 409 -3.21 9.04 -27.00
N PRO E 410 -2.49 10.17 -26.78
CA PRO E 410 -2.55 10.82 -25.48
C PRO E 410 -3.93 11.42 -25.20
N THR E 411 -4.42 11.09 -24.01
CA THR E 411 -5.65 11.61 -23.43
C THR E 411 -5.29 12.77 -22.50
N PHE E 412 -4.28 12.58 -21.66
CA PHE E 412 -3.95 13.55 -20.65
C PHE E 412 -2.74 14.37 -21.06
N SER E 413 -2.94 15.67 -20.84
CA SER E 413 -1.96 16.76 -20.90
C SER E 413 -0.96 16.68 -19.72
N VAL E 414 0.07 15.87 -19.91
CA VAL E 414 1.03 15.45 -18.90
C VAL E 414 2.33 15.25 -19.67
N GLN E 415 3.43 15.64 -19.04
CA GLN E 415 4.75 15.55 -19.65
C GLN E 415 5.23 14.12 -19.65
N ARG E 416 5.48 13.64 -20.87
CA ARG E 416 5.96 12.27 -21.14
C ARG E 416 6.44 12.05 -22.59
N ASN E 417 7.26 11.02 -22.76
CA ASN E 417 7.50 10.44 -24.06
C ASN E 417 6.16 9.83 -24.53
N LEU E 418 5.99 9.71 -25.85
CA LEU E 418 4.77 9.15 -26.42
C LEU E 418 5.06 7.87 -27.18
N PRO E 419 5.09 6.73 -26.47
CA PRO E 419 5.57 5.45 -27.03
C PRO E 419 4.95 5.07 -28.37
N PHE E 420 5.81 4.58 -29.26
CA PHE E 420 5.42 3.87 -30.48
C PHE E 420 6.45 2.80 -30.80
N ASP E 421 6.00 1.74 -31.45
CA ASP E 421 6.86 0.63 -31.88
C ASP E 421 7.59 0.96 -33.20
N ARG E 422 8.69 1.71 -33.09
CA ARG E 422 9.47 2.21 -34.23
C ARG E 422 9.96 1.16 -35.28
N PRO E 423 10.48 -0.02 -34.83
CA PRO E 423 10.74 -1.07 -35.81
C PRO E 423 9.54 -1.44 -36.66
N THR E 424 8.40 -1.71 -36.03
CA THR E 424 7.24 -2.19 -36.75
C THR E 424 6.63 -1.16 -37.72
N ILE E 425 6.45 0.08 -37.27
CA ILE E 425 5.88 1.12 -38.13
C ILE E 425 6.79 1.39 -39.32
N MET E 426 8.05 1.77 -39.05
CA MET E 426 9.01 2.12 -40.11
C MET E 426 9.40 0.97 -41.06
N ALA E 427 8.91 -0.25 -40.79
CA ALA E 427 9.21 -1.43 -41.61
C ALA E 427 8.63 -1.40 -43.02
N ALA E 428 7.79 -0.39 -43.32
CA ALA E 428 7.21 -0.20 -44.66
C ALA E 428 8.11 0.58 -45.66
N SER E 438 14.14 -2.35 -48.89
CA SER E 438 14.85 -1.86 -47.71
C SER E 438 16.15 -2.63 -47.46
N ASP E 439 17.21 -1.90 -47.10
CA ASP E 439 18.51 -2.47 -46.77
C ASP E 439 18.50 -3.17 -45.40
N MET E 440 19.15 -4.34 -45.33
CA MET E 440 19.04 -5.23 -44.15
C MET E 440 19.74 -4.73 -42.88
N ARG E 441 20.78 -3.93 -43.05
CA ARG E 441 21.53 -3.32 -41.93
C ARG E 441 20.66 -2.39 -41.08
N THR E 442 19.96 -1.48 -41.78
CA THR E 442 19.09 -0.44 -41.19
C THR E 442 17.84 -0.98 -40.47
N GLU E 443 17.29 -2.06 -41.02
CA GLU E 443 16.26 -2.88 -40.36
C GLU E 443 16.78 -3.45 -39.01
N ILE E 444 18.05 -3.89 -38.96
CA ILE E 444 18.68 -4.46 -37.76
C ILE E 444 19.02 -3.38 -36.72
N ILE E 445 19.72 -2.32 -37.16
CA ILE E 445 20.05 -1.16 -36.31
C ILE E 445 18.81 -0.67 -35.55
N ARG E 446 17.69 -0.60 -36.27
CA ARG E 446 16.43 -0.09 -35.73
C ARG E 446 15.85 -0.97 -34.63
N LEU E 447 15.98 -2.29 -34.78
CA LEU E 447 15.52 -3.26 -33.77
C LEU E 447 16.40 -3.23 -32.51
N MET E 448 17.68 -2.91 -32.70
CA MET E 448 18.64 -2.82 -31.61
C MET E 448 18.37 -1.56 -30.78
N GLU E 449 18.06 -0.47 -31.49
CA GLU E 449 17.70 0.83 -30.89
C GLU E 449 16.39 0.74 -30.09
N SER E 450 15.56 -0.20 -30.53
CA SER E 450 14.26 -0.50 -29.94
C SER E 450 14.35 -1.12 -28.55
N ALA E 451 15.44 -1.85 -28.31
CA ALA E 451 15.64 -2.60 -27.09
C ALA E 451 16.35 -1.77 -26.02
N ARG E 452 15.87 -1.92 -24.78
CA ARG E 452 16.41 -1.26 -23.60
C ARG E 452 16.91 -2.35 -22.68
N PRO E 453 17.98 -2.06 -21.89
CA PRO E 453 18.48 -3.04 -20.90
C PRO E 453 17.44 -3.42 -19.84
N GLU E 454 16.40 -2.60 -19.74
CA GLU E 454 15.34 -2.80 -18.75
C GLU E 454 14.28 -3.80 -19.18
N ASP E 455 14.19 -4.06 -20.51
CA ASP E 455 13.20 -5.00 -21.10
C ASP E 455 13.25 -6.36 -20.40
N VAL E 456 12.10 -6.83 -19.94
CA VAL E 456 12.04 -8.12 -19.24
C VAL E 456 11.83 -9.28 -20.20
N SER E 457 12.57 -10.36 -19.96
CA SER E 457 12.40 -11.61 -20.72
C SER E 457 12.00 -12.74 -19.76
N PHE E 458 11.53 -13.85 -20.33
CA PHE E 458 11.13 -15.05 -19.56
C PHE E 458 9.99 -14.78 -18.55
N GLN E 459 9.06 -13.89 -18.93
CA GLN E 459 7.90 -13.56 -18.09
C GLN E 459 7.15 -14.80 -17.61
N GLY E 460 6.81 -14.80 -16.32
CA GLY E 460 6.14 -15.92 -15.67
C GLY E 460 7.05 -17.04 -15.21
N ARG E 461 8.24 -17.17 -15.81
CA ARG E 461 9.18 -18.26 -15.50
C ARG E 461 10.09 -17.87 -14.34
N GLY E 462 10.22 -18.77 -13.36
CA GLY E 462 11.00 -18.51 -12.15
C GLY E 462 11.76 -19.73 -11.66
N VAL E 463 12.42 -19.60 -10.52
CA VAL E 463 13.20 -20.70 -9.91
C VAL E 463 12.33 -21.58 -9.02
N PHE E 464 12.76 -22.83 -8.81
CA PHE E 464 11.98 -23.79 -8.01
C PHE E 464 12.76 -24.28 -6.81
N GLU E 465 12.03 -24.65 -5.77
CA GLU E 465 12.59 -25.31 -4.59
C GLU E 465 13.10 -26.66 -5.03
N LEU E 466 14.25 -27.07 -4.45
CA LEU E 466 14.90 -28.34 -4.81
C LEU E 466 14.06 -29.58 -4.58
N SER E 467 13.16 -29.53 -3.60
CA SER E 467 12.17 -30.57 -3.36
C SER E 467 11.12 -30.62 -4.48
N ASP E 468 10.68 -29.44 -4.93
CA ASP E 468 9.70 -29.29 -6.00
C ASP E 468 10.21 -29.91 -7.31
N GLU E 469 10.02 -31.22 -7.48
CA GLU E 469 10.66 -31.98 -8.56
C GLU E 469 10.12 -31.67 -9.97
N LYS E 470 8.80 -31.63 -10.11
CA LYS E 470 8.16 -31.09 -11.31
C LYS E 470 8.07 -29.57 -11.15
N ALA E 471 7.93 -28.86 -12.27
CA ALA E 471 8.05 -27.39 -12.28
C ALA E 471 6.80 -26.64 -11.77
N THR E 472 6.23 -27.11 -10.65
CA THR E 472 4.89 -26.69 -10.20
C THR E 472 4.82 -25.27 -9.68
N SER E 473 5.69 -24.90 -8.75
CA SER E 473 5.62 -23.57 -8.09
C SER E 473 6.87 -22.68 -8.29
N PRO E 474 6.90 -21.88 -9.38
CA PRO E 474 7.98 -20.91 -9.67
C PRO E 474 8.16 -19.85 -8.60
N ILE E 475 9.37 -19.33 -8.49
CA ILE E 475 9.65 -18.19 -7.63
C ILE E 475 10.26 -17.13 -8.54
N VAL E 476 9.46 -16.09 -8.82
CA VAL E 476 9.95 -15.00 -9.65
C VAL E 476 10.78 -14.05 -8.77
N PRO E 477 12.07 -13.89 -9.08
CA PRO E 477 12.90 -13.02 -8.22
C PRO E 477 12.70 -11.53 -8.52
N SER E 478 12.70 -10.72 -7.46
CA SER E 478 12.59 -9.26 -7.56
C SER E 478 13.99 -8.68 -7.33
N PHE E 479 14.63 -8.21 -8.40
CA PHE E 479 16.06 -7.89 -8.37
C PHE E 479 16.43 -6.47 -7.91
N ASN E 483 22.12 -2.44 -9.10
CA ASN E 483 21.94 -3.57 -10.01
C ASN E 483 23.10 -3.77 -11.00
N GLU E 484 24.05 -2.83 -10.98
CA GLU E 484 25.24 -2.88 -11.85
C GLU E 484 26.24 -3.97 -11.42
N GLY E 485 27.15 -4.33 -12.33
CA GLY E 485 28.13 -5.38 -12.10
C GLY E 485 27.48 -6.75 -12.15
N SER E 486 26.88 -7.05 -13.30
CA SER E 486 26.29 -8.36 -13.57
C SER E 486 27.15 -9.17 -14.54
N TYR E 487 28.21 -8.53 -15.03
CA TYR E 487 29.11 -9.11 -16.01
C TYR E 487 30.29 -9.78 -15.31
N PHE E 488 30.44 -11.08 -15.55
CA PHE E 488 31.50 -11.94 -14.98
C PHE E 488 32.89 -11.60 -15.53
N PHE E 489 32.95 -11.14 -16.77
CA PHE E 489 34.20 -10.59 -17.37
C PHE E 489 34.06 -9.11 -17.69
N ASN F 21 -4.38 -47.23 10.75
CA ASN F 21 -5.70 -47.49 10.09
C ASN F 21 -6.22 -46.23 9.36
N ALA F 22 -5.30 -45.56 8.67
CA ALA F 22 -5.61 -44.34 7.92
C ALA F 22 -6.64 -44.62 6.83
N THR F 23 -6.26 -45.40 5.82
CA THR F 23 -7.16 -45.77 4.70
C THR F 23 -8.20 -46.86 5.10
N GLU F 24 -8.05 -47.44 6.30
CA GLU F 24 -8.95 -48.51 6.76
C GLU F 24 -10.33 -48.05 7.25
N ILE F 25 -10.40 -46.84 7.82
CA ILE F 25 -11.68 -46.17 8.12
C ILE F 25 -12.40 -45.87 6.81
N ARG F 26 -11.63 -45.45 5.79
CA ARG F 26 -12.16 -45.09 4.47
C ARG F 26 -12.79 -46.25 3.70
N ALA F 27 -12.25 -47.45 3.88
CA ALA F 27 -12.76 -48.66 3.19
C ALA F 27 -14.08 -49.14 3.78
N SER F 28 -14.20 -49.04 5.10
CA SER F 28 -15.40 -49.49 5.82
C SER F 28 -16.54 -48.47 5.74
N VAL F 29 -16.18 -47.20 5.54
CA VAL F 29 -17.15 -46.13 5.22
C VAL F 29 -17.74 -46.34 3.82
N GLY F 30 -16.86 -46.61 2.84
CA GLY F 30 -17.26 -47.02 1.49
C GLY F 30 -18.00 -48.35 1.43
N LYS F 31 -17.81 -49.18 2.46
CA LYS F 31 -18.57 -50.42 2.64
C LYS F 31 -20.05 -50.10 2.88
N MET F 32 -20.29 -49.19 3.82
CA MET F 32 -21.63 -48.70 4.15
C MET F 32 -22.31 -47.94 3.00
N ILE F 33 -21.54 -47.11 2.30
CA ILE F 33 -22.05 -46.34 1.17
C ILE F 33 -22.43 -47.26 0.01
N ASP F 34 -21.55 -48.24 -0.30
CA ASP F 34 -21.90 -49.30 -1.24
C ASP F 34 -23.19 -49.99 -0.77
N GLY F 35 -23.23 -50.32 0.53
CA GLY F 35 -24.39 -50.91 1.21
C GLY F 35 -25.70 -50.18 0.92
N ILE F 36 -25.82 -48.94 1.40
CA ILE F 36 -27.00 -48.07 1.13
C ILE F 36 -27.28 -48.01 -0.37
N GLY F 37 -26.21 -47.84 -1.15
CA GLY F 37 -26.27 -47.72 -2.62
C GLY F 37 -26.87 -48.93 -3.30
N ARG F 38 -26.30 -50.10 -3.01
CA ARG F 38 -26.86 -51.38 -3.48
C ARG F 38 -28.33 -51.54 -3.06
N PHE F 39 -28.66 -51.13 -1.83
CA PHE F 39 -30.03 -51.20 -1.31
C PHE F 39 -31.02 -50.32 -2.06
N TYR F 40 -30.61 -49.10 -2.40
CA TYR F 40 -31.47 -48.21 -3.16
C TYR F 40 -31.78 -48.78 -4.55
N ILE F 41 -30.74 -49.19 -5.29
CA ILE F 41 -30.89 -49.77 -6.64
C ILE F 41 -31.88 -50.95 -6.66
N GLN F 42 -31.61 -51.95 -5.82
CA GLN F 42 -32.45 -53.14 -5.68
C GLN F 42 -33.91 -52.79 -5.35
N MET F 43 -34.09 -51.75 -4.54
CA MET F 43 -35.41 -51.26 -4.12
C MET F 43 -36.11 -50.51 -5.26
N CYS F 44 -35.32 -49.92 -6.17
CA CYS F 44 -35.89 -49.26 -7.36
C CYS F 44 -36.46 -50.26 -8.33
N THR F 45 -35.66 -51.30 -8.64
CA THR F 45 -36.04 -52.42 -9.49
C THR F 45 -37.32 -53.13 -8.98
N GLU F 46 -37.39 -53.35 -7.66
CA GLU F 46 -38.55 -53.96 -7.01
C GLU F 46 -39.80 -53.06 -6.97
N LEU F 47 -39.63 -51.74 -6.90
CA LEU F 47 -40.74 -50.79 -7.08
C LEU F 47 -40.92 -50.42 -8.57
N LYS F 48 -40.09 -51.04 -9.42
CA LYS F 48 -40.02 -50.76 -10.87
C LYS F 48 -40.12 -49.25 -11.15
N LEU F 49 -39.07 -48.53 -10.75
CA LEU F 49 -39.01 -47.08 -10.92
C LEU F 49 -38.10 -46.70 -12.07
N SER F 50 -38.60 -45.83 -12.95
CA SER F 50 -37.82 -45.27 -14.06
C SER F 50 -36.64 -44.44 -13.54
N ASP F 51 -35.63 -44.22 -14.40
CA ASP F 51 -34.41 -43.55 -14.00
C ASP F 51 -34.64 -42.12 -13.45
N TYR F 52 -35.56 -41.37 -14.09
CA TYR F 52 -35.98 -40.05 -13.60
C TYR F 52 -36.70 -40.18 -12.25
N GLU F 53 -37.67 -41.10 -12.15
CA GLU F 53 -38.37 -41.41 -10.91
C GLU F 53 -37.39 -41.82 -9.81
N GLY F 54 -36.36 -42.58 -10.19
CA GLY F 54 -35.38 -43.13 -9.25
C GLY F 54 -34.54 -42.09 -8.57
N ARG F 55 -34.20 -41.02 -9.30
CA ARG F 55 -33.36 -39.91 -8.81
C ARG F 55 -34.12 -38.77 -8.10
N LEU F 56 -35.42 -38.95 -7.96
CA LEU F 56 -36.30 -38.01 -7.26
C LEU F 56 -36.08 -38.14 -5.75
N ILE F 57 -35.74 -37.02 -5.10
CA ILE F 57 -35.42 -36.99 -3.68
C ILE F 57 -36.57 -37.48 -2.78
N GLN F 58 -37.80 -37.29 -3.26
CA GLN F 58 -39.02 -37.68 -2.55
C GLN F 58 -39.19 -39.21 -2.54
N ASN F 59 -38.76 -39.87 -3.61
CA ASN F 59 -38.76 -41.32 -3.65
C ASN F 59 -37.65 -41.84 -2.76
N SER F 60 -36.51 -41.14 -2.82
CA SER F 60 -35.37 -41.41 -1.92
C SER F 60 -35.77 -41.35 -0.45
N LEU F 61 -36.47 -40.28 -0.06
CA LEU F 61 -36.90 -40.09 1.32
C LEU F 61 -37.81 -41.20 1.84
N THR F 62 -38.84 -41.55 1.06
CA THR F 62 -39.76 -42.62 1.42
C THR F 62 -39.03 -43.96 1.51
N ILE F 63 -38.25 -44.31 0.49
CA ILE F 63 -37.41 -45.53 0.53
C ILE F 63 -36.53 -45.58 1.79
N GLU F 64 -35.81 -44.48 2.08
CA GLU F 64 -35.03 -44.35 3.31
C GLU F 64 -35.92 -44.54 4.55
N ARG F 65 -37.01 -43.75 4.62
CA ARG F 65 -37.95 -43.78 5.74
C ARG F 65 -38.54 -45.19 6.02
N MET F 66 -38.59 -46.03 4.98
CA MET F 66 -39.11 -47.40 5.06
C MET F 66 -38.17 -48.36 5.80
N VAL F 67 -36.87 -48.37 5.46
CA VAL F 67 -35.88 -49.23 6.15
C VAL F 67 -35.80 -48.94 7.64
N LEU F 68 -35.94 -47.66 8.00
CA LEU F 68 -35.77 -47.21 9.37
C LEU F 68 -36.97 -47.57 10.26
N SER F 69 -38.19 -47.47 9.73
CA SER F 69 -39.40 -48.00 10.37
C SER F 69 -39.36 -49.54 10.50
N ALA F 70 -38.78 -50.18 9.48
CA ALA F 70 -38.64 -51.64 9.42
C ALA F 70 -37.69 -52.23 10.47
N PHE F 71 -36.66 -51.48 10.85
CA PHE F 71 -35.67 -51.90 11.85
C PHE F 71 -35.92 -51.32 13.24
N ASP F 72 -37.14 -50.87 13.48
CA ASP F 72 -37.51 -50.21 14.73
C ASP F 72 -38.20 -51.21 15.69
N THR F 92 -45.16 -51.64 6.46
CA THR F 92 -44.91 -50.20 6.51
C THR F 92 -45.01 -49.55 5.12
N GLY F 93 -44.99 -48.22 5.07
CA GLY F 93 -45.07 -47.50 3.80
C GLY F 93 -44.69 -46.03 3.81
N GLY F 94 -45.42 -45.27 3.00
CA GLY F 94 -45.14 -43.86 2.71
C GLY F 94 -45.42 -43.59 1.23
N PRO F 95 -45.53 -42.30 0.84
CA PRO F 95 -45.90 -42.02 -0.57
C PRO F 95 -44.78 -42.21 -1.60
N ILE F 96 -45.12 -42.89 -2.70
CA ILE F 96 -44.25 -43.03 -3.89
C ILE F 96 -44.84 -42.28 -5.09
N TYR F 97 -43.96 -41.68 -5.87
CA TYR F 97 -44.35 -40.76 -6.93
C TYR F 97 -43.93 -41.24 -8.31
N ARG F 98 -44.85 -41.07 -9.28
CA ARG F 98 -44.67 -41.51 -10.68
C ARG F 98 -45.05 -40.40 -11.68
N ARG F 99 -44.31 -40.30 -12.79
CA ARG F 99 -44.71 -39.45 -13.92
C ARG F 99 -45.53 -40.27 -14.93
N VAL F 100 -46.84 -40.02 -14.95
CA VAL F 100 -47.78 -40.79 -15.77
C VAL F 100 -48.79 -39.85 -16.44
N ASP F 101 -48.89 -39.98 -17.77
CA ASP F 101 -49.63 -39.04 -18.64
C ASP F 101 -49.05 -37.61 -18.64
N GLY F 102 -47.73 -37.52 -18.44
CA GLY F 102 -46.99 -36.26 -18.48
C GLY F 102 -46.80 -35.59 -17.13
N LYS F 103 -47.73 -35.82 -16.20
CA LYS F 103 -47.73 -35.19 -14.86
C LYS F 103 -47.43 -36.20 -13.74
N TRP F 104 -47.40 -35.71 -12.49
CA TRP F 104 -47.03 -36.53 -11.35
C TRP F 104 -48.24 -37.05 -10.58
N ARG F 105 -48.17 -38.32 -10.16
CA ARG F 105 -49.23 -38.91 -9.33
C ARG F 105 -48.64 -39.64 -8.14
N ARG F 106 -49.08 -39.23 -6.95
CA ARG F 106 -48.73 -39.87 -5.69
C ARG F 106 -49.49 -41.18 -5.55
N GLU F 107 -48.78 -42.24 -5.18
CA GLU F 107 -49.40 -43.53 -4.81
C GLU F 107 -48.88 -44.03 -3.47
N LEU F 108 -49.80 -44.20 -2.51
CA LEU F 108 -49.44 -44.56 -1.14
C LEU F 108 -49.27 -46.08 -1.06
N ILE F 109 -48.03 -46.56 -1.19
CA ILE F 109 -47.77 -48.00 -1.29
C ILE F 109 -47.42 -48.63 0.07
N LEU F 110 -47.70 -49.93 0.21
CA LEU F 110 -47.44 -50.66 1.46
C LEU F 110 -46.68 -51.98 1.21
N TYR F 111 -45.49 -52.09 1.82
CA TYR F 111 -44.65 -53.30 1.78
C TYR F 111 -44.39 -53.86 3.18
N ASP F 112 -44.09 -55.15 3.26
CA ASP F 112 -43.83 -55.84 4.53
C ASP F 112 -42.52 -55.39 5.17
N LYS F 113 -42.60 -54.99 6.45
CA LYS F 113 -41.42 -54.68 7.26
C LYS F 113 -40.41 -55.83 7.23
N GLU F 114 -40.94 -57.06 7.36
CA GLU F 114 -40.15 -58.29 7.40
C GLU F 114 -39.45 -58.59 6.05
N GLU F 115 -40.07 -58.15 4.95
CA GLU F 115 -39.53 -58.32 3.60
C GLU F 115 -38.45 -57.29 3.24
N ILE F 116 -38.63 -56.04 3.67
CA ILE F 116 -37.64 -54.97 3.49
C ILE F 116 -36.39 -55.22 4.34
N ARG F 117 -36.60 -55.62 5.59
CA ARG F 117 -35.51 -56.04 6.50
C ARG F 117 -34.60 -57.10 5.85
N ARG F 118 -35.20 -57.97 5.06
CA ARG F 118 -34.51 -59.04 4.33
C ARG F 118 -33.70 -58.45 3.16
N ILE F 119 -34.32 -57.51 2.40
CA ILE F 119 -33.67 -56.84 1.26
C ILE F 119 -32.42 -56.05 1.69
N TRP F 120 -32.56 -55.28 2.77
CA TRP F 120 -31.44 -54.56 3.40
C TRP F 120 -30.23 -55.47 3.71
N ARG F 121 -30.50 -56.62 4.34
CA ARG F 121 -29.44 -57.58 4.69
C ARG F 121 -28.60 -58.05 3.49
N GLN F 122 -29.25 -58.54 2.43
CA GLN F 122 -28.51 -59.04 1.26
C GLN F 122 -27.93 -57.94 0.37
N ALA F 123 -28.35 -56.69 0.61
CA ALA F 123 -27.72 -55.52 0.01
C ALA F 123 -26.39 -55.22 0.70
N ASN F 124 -26.28 -55.61 1.97
CA ASN F 124 -25.08 -55.43 2.78
C ASN F 124 -24.33 -56.75 3.05
N ASN F 125 -24.58 -57.76 2.22
CA ASN F 125 -23.91 -59.07 2.30
C ASN F 125 -24.10 -59.80 3.65
N GLY F 126 -25.36 -59.94 4.07
CA GLY F 126 -25.70 -60.70 5.28
C GLY F 126 -25.92 -59.85 6.51
N ASP F 127 -24.98 -58.93 6.76
CA ASP F 127 -24.93 -58.07 7.95
C ASP F 127 -26.23 -57.34 8.29
N ASP F 128 -26.39 -57.00 9.57
CA ASP F 128 -27.33 -55.95 9.98
C ASP F 128 -26.74 -54.60 9.56
N ALA F 129 -25.42 -54.44 9.74
CA ALA F 129 -24.66 -53.21 9.41
C ALA F 129 -25.48 -51.94 9.71
N THR F 130 -25.77 -51.79 11.00
CA THR F 130 -26.57 -50.68 11.55
C THR F 130 -25.98 -49.30 11.31
N ALA F 131 -24.67 -49.24 11.05
CA ALA F 131 -23.96 -48.01 10.70
C ALA F 131 -24.65 -47.32 9.53
N GLY F 132 -25.00 -48.13 8.51
CA GLY F 132 -25.77 -47.70 7.34
C GLY F 132 -27.11 -47.10 7.71
N LEU F 133 -27.76 -47.71 8.69
CA LEU F 133 -29.05 -47.22 9.18
C LEU F 133 -28.90 -45.86 9.87
N THR F 134 -27.84 -45.72 10.67
CA THR F 134 -27.53 -44.48 11.38
C THR F 134 -27.31 -43.34 10.38
N HIS F 135 -26.56 -43.64 9.33
CA HIS F 135 -26.27 -42.68 8.25
C HIS F 135 -27.53 -41.97 7.73
N MET F 136 -28.53 -42.77 7.34
CA MET F 136 -29.79 -42.26 6.82
C MET F 136 -30.59 -41.46 7.86
N MET F 137 -30.44 -41.85 9.13
CA MET F 137 -31.06 -41.12 10.24
C MET F 137 -30.42 -39.74 10.33
N ILE F 138 -29.09 -39.69 10.27
CA ILE F 138 -28.36 -38.42 10.32
C ILE F 138 -28.75 -37.50 9.15
N TRP F 139 -28.84 -38.08 7.96
CA TRP F 139 -29.32 -37.36 6.78
C TRP F 139 -30.72 -36.75 7.02
N HIS F 140 -31.66 -37.54 7.49
CA HIS F 140 -32.97 -37.01 7.81
C HIS F 140 -32.92 -35.88 8.87
N SER F 141 -32.03 -36.03 9.85
CA SER F 141 -31.89 -35.07 10.95
C SER F 141 -31.42 -33.72 10.42
N ASN F 142 -30.41 -33.75 9.54
CA ASN F 142 -29.86 -32.56 8.89
C ASN F 142 -30.89 -31.83 8.03
N LEU F 143 -31.73 -32.60 7.34
CA LEU F 143 -32.86 -32.03 6.60
C LEU F 143 -33.86 -31.33 7.52
N ASN F 144 -34.29 -32.03 8.57
CA ASN F 144 -35.10 -31.44 9.64
C ASN F 144 -34.46 -30.16 10.18
N ASP F 145 -33.17 -30.26 10.55
CA ASP F 145 -32.44 -29.15 11.16
C ASP F 145 -32.49 -27.92 10.25
N ALA F 146 -32.44 -28.14 8.93
CA ALA F 146 -32.56 -27.08 7.95
C ALA F 146 -34.02 -26.60 7.75
N THR F 147 -34.97 -27.51 7.97
CA THR F 147 -36.37 -27.30 7.61
C THR F 147 -37.20 -26.60 8.71
N TYR F 148 -36.92 -26.95 9.97
CA TYR F 148 -37.80 -26.55 11.07
C TYR F 148 -37.10 -25.73 12.15
N GLN F 149 -37.76 -24.65 12.56
CA GLN F 149 -37.34 -23.89 13.71
C GLN F 149 -37.99 -24.56 14.91
N ARG F 150 -37.17 -24.93 15.89
CA ARG F 150 -37.63 -25.71 17.05
C ARG F 150 -38.17 -24.82 18.22
N THR F 151 -38.78 -23.70 17.87
CA THR F 151 -39.18 -22.66 18.82
C THR F 151 -40.23 -23.11 19.85
N ARG F 152 -41.26 -23.79 19.39
CA ARG F 152 -42.27 -24.41 20.27
C ARG F 152 -41.56 -25.44 21.18
N ALA F 153 -40.76 -26.31 20.56
CA ALA F 153 -40.02 -27.39 21.21
C ALA F 153 -39.11 -26.90 22.34
N LEU F 154 -38.48 -25.74 22.10
CA LEU F 154 -37.60 -25.08 23.07
C LEU F 154 -38.32 -24.43 24.24
N VAL F 155 -39.46 -23.76 23.99
CA VAL F 155 -40.20 -23.09 25.08
C VAL F 155 -41.00 -24.04 25.97
N ARG F 156 -41.48 -25.15 25.39
CA ARG F 156 -42.16 -26.22 26.14
C ARG F 156 -41.26 -26.74 27.27
N THR F 157 -39.96 -26.70 27.01
CA THR F 157 -38.89 -27.18 27.89
C THR F 157 -38.40 -26.10 28.89
N GLY F 158 -38.83 -24.85 28.72
CA GLY F 158 -38.35 -23.74 29.55
C GLY F 158 -36.96 -23.26 29.14
N MET F 159 -36.62 -23.50 27.87
CA MET F 159 -35.38 -23.03 27.26
C MET F 159 -35.63 -21.76 26.47
N ASP F 160 -34.56 -21.03 26.17
CA ASP F 160 -34.63 -19.80 25.42
C ASP F 160 -34.84 -20.16 23.97
N PRO F 161 -35.93 -19.67 23.34
CA PRO F 161 -36.23 -20.01 21.93
C PRO F 161 -35.14 -19.56 20.96
N ARG F 162 -34.30 -18.65 21.44
CA ARG F 162 -33.18 -18.09 20.69
C ARG F 162 -31.96 -19.04 20.66
N MET F 163 -32.15 -20.26 21.17
CA MET F 163 -31.08 -21.26 21.20
C MET F 163 -31.10 -22.25 20.01
N CYS F 164 -31.76 -21.88 18.92
CA CYS F 164 -31.90 -22.86 17.82
C CYS F 164 -30.59 -23.31 17.15
N SER F 165 -29.52 -22.53 17.30
CA SER F 165 -28.17 -22.91 16.81
C SER F 165 -27.61 -24.13 17.53
N LEU F 166 -27.88 -24.21 18.83
CA LEU F 166 -27.40 -25.33 19.65
C LEU F 166 -28.22 -26.65 19.49
N MET F 167 -29.07 -26.73 18.46
CA MET F 167 -30.14 -27.73 18.40
C MET F 167 -29.92 -28.88 17.43
N GLN F 168 -28.69 -29.05 16.95
CA GLN F 168 -28.40 -30.07 15.93
C GLN F 168 -28.78 -31.43 16.47
N GLY F 169 -29.50 -32.19 15.67
CA GLY F 169 -29.86 -33.55 16.07
C GLY F 169 -30.93 -33.65 17.14
N SER F 170 -31.80 -32.64 17.20
CA SER F 170 -32.95 -32.62 18.11
C SER F 170 -34.04 -33.64 17.76
N THR F 171 -34.18 -33.95 16.47
CA THR F 171 -35.17 -34.90 15.95
C THR F 171 -34.57 -36.29 15.87
N LEU F 172 -33.29 -36.40 16.19
CA LEU F 172 -32.59 -37.67 16.18
C LEU F 172 -33.02 -38.44 17.42
N PRO F 173 -33.24 -39.77 17.29
CA PRO F 173 -33.61 -40.56 18.47
C PRO F 173 -32.42 -40.92 19.37
N ARG F 174 -32.70 -41.31 20.62
CA ARG F 174 -31.67 -41.87 21.52
C ARG F 174 -31.15 -43.22 20.99
N ARG F 175 -32.00 -43.90 20.21
CA ARG F 175 -31.70 -45.15 19.50
C ARG F 175 -30.69 -45.01 18.33
N SER F 176 -30.15 -43.80 18.14
CA SER F 176 -29.03 -43.58 17.21
C SER F 176 -27.74 -44.11 17.86
N GLY F 177 -26.69 -44.29 17.07
CA GLY F 177 -25.43 -44.84 17.59
C GLY F 177 -24.66 -43.88 18.49
N ALA F 178 -23.35 -44.11 18.62
CA ALA F 178 -22.44 -43.10 19.15
C ALA F 178 -22.15 -42.09 18.05
N ALA F 179 -22.24 -42.56 16.80
CA ALA F 179 -22.31 -41.70 15.61
C ALA F 179 -23.42 -40.63 15.73
N GLY F 180 -24.62 -41.08 16.10
CA GLY F 180 -25.77 -40.20 16.38
C GLY F 180 -25.59 -39.26 17.57
N ALA F 181 -24.82 -39.68 18.57
CA ALA F 181 -24.52 -38.85 19.75
C ALA F 181 -23.55 -37.71 19.43
N ALA F 182 -22.63 -37.98 18.51
CA ALA F 182 -21.57 -37.04 18.13
C ALA F 182 -22.13 -35.84 17.36
N VAL F 183 -23.09 -36.14 16.49
CA VAL F 183 -23.80 -35.18 15.67
C VAL F 183 -24.72 -34.25 16.51
N LYS F 184 -25.14 -34.70 17.69
CA LYS F 184 -26.05 -33.89 18.51
C LYS F 184 -25.37 -32.63 19.06
N GLY F 185 -26.14 -31.55 19.10
CA GLY F 185 -25.66 -30.27 19.64
C GLY F 185 -25.71 -30.24 21.16
N VAL F 186 -25.14 -29.18 21.74
CA VAL F 186 -25.11 -28.98 23.18
C VAL F 186 -26.55 -28.80 23.69
N GLY F 187 -27.32 -27.97 23.00
CA GLY F 187 -28.71 -27.72 23.37
C GLY F 187 -29.63 -28.92 23.26
N THR F 188 -29.38 -29.79 22.28
CA THR F 188 -30.11 -31.07 22.14
C THR F 188 -29.93 -31.92 23.40
N MET F 189 -28.68 -32.04 23.83
CA MET F 189 -28.28 -32.77 25.02
C MET F 189 -28.86 -32.21 26.31
N VAL F 190 -28.85 -30.88 26.42
CA VAL F 190 -29.44 -30.17 27.56
C VAL F 190 -30.95 -30.43 27.61
N MET F 191 -31.60 -30.39 26.44
CA MET F 191 -33.04 -30.59 26.33
C MET F 191 -33.44 -31.97 26.84
N GLU F 192 -32.73 -33.00 26.36
CA GLU F 192 -32.96 -34.39 26.78
C GLU F 192 -32.86 -34.50 28.31
N LEU F 193 -31.91 -33.76 28.89
CA LEU F 193 -31.67 -33.77 30.32
C LEU F 193 -32.75 -33.03 31.07
N ILE F 194 -33.23 -31.92 30.50
CA ILE F 194 -34.29 -31.15 31.15
C ILE F 194 -35.60 -31.95 31.18
N ARG F 195 -35.93 -32.58 30.04
CA ARG F 195 -37.07 -33.51 29.96
C ARG F 195 -37.11 -34.59 31.05
N MET F 196 -35.94 -35.13 31.40
CA MET F 196 -35.84 -36.09 32.52
C MET F 196 -36.18 -35.41 33.85
N ILE F 197 -35.34 -34.44 34.26
CA ILE F 197 -35.53 -33.66 35.50
C ILE F 197 -36.99 -33.23 35.68
N LYS F 198 -37.58 -32.72 34.59
CA LYS F 198 -39.01 -32.42 34.50
C LYS F 198 -39.90 -33.65 34.69
N ARG F 199 -39.67 -34.73 33.91
CA ARG F 199 -40.40 -35.99 34.08
C ARG F 199 -40.36 -36.49 35.52
N GLY F 200 -39.34 -36.04 36.26
CA GLY F 200 -39.21 -36.34 37.68
C GLY F 200 -39.89 -35.38 38.63
N ILE F 201 -40.98 -34.72 38.24
CA ILE F 201 -41.78 -33.94 39.23
C ILE F 201 -43.30 -34.21 39.18
N ARG F 213 -33.12 -45.65 38.75
CA ARG F 213 -32.92 -47.10 38.81
C ARG F 213 -31.80 -47.50 37.88
N ARG F 214 -32.15 -47.74 36.62
CA ARG F 214 -31.24 -47.84 35.50
C ARG F 214 -31.59 -46.67 34.57
N THR F 215 -32.60 -45.88 34.94
CA THR F 215 -32.86 -44.58 34.32
C THR F 215 -31.90 -43.54 34.90
N ARG F 216 -31.40 -43.80 36.11
CA ARG F 216 -30.30 -43.01 36.68
C ARG F 216 -29.03 -43.10 35.83
N ILE F 217 -28.61 -44.31 35.42
CA ILE F 217 -27.40 -44.46 34.59
C ILE F 217 -27.63 -43.84 33.20
N ALA F 218 -28.90 -43.71 32.79
CA ALA F 218 -29.27 -43.01 31.56
C ALA F 218 -28.98 -41.50 31.64
N TYR F 219 -29.50 -40.85 32.68
CA TYR F 219 -29.22 -39.46 33.00
C TYR F 219 -27.71 -39.18 33.03
N GLU F 220 -26.98 -40.00 33.79
CA GLU F 220 -25.51 -39.88 33.95
C GLU F 220 -24.72 -40.05 32.65
N ARG F 221 -25.16 -40.99 31.81
CA ARG F 221 -24.63 -41.18 30.46
C ARG F 221 -24.75 -39.92 29.60
N MET F 222 -25.95 -39.36 29.56
CA MET F 222 -26.24 -38.12 28.86
C MET F 222 -25.43 -36.93 29.39
N CYS F 223 -25.26 -36.87 30.70
CA CYS F 223 -24.42 -35.86 31.33
C CYS F 223 -22.97 -35.98 30.88
N ASN F 224 -22.52 -37.20 30.60
CA ASN F 224 -21.15 -37.42 30.14
C ASN F 224 -20.96 -37.09 28.65
N ILE F 225 -21.90 -37.56 27.82
CA ILE F 225 -22.02 -37.18 26.40
C ILE F 225 -21.88 -35.65 26.22
N LEU F 226 -22.69 -34.91 26.98
CA LEU F 226 -22.66 -33.45 27.03
C LEU F 226 -21.30 -32.92 27.50
N LYS F 227 -20.79 -33.49 28.58
CA LYS F 227 -19.49 -33.10 29.15
C LYS F 227 -18.39 -33.10 28.07
N GLY F 228 -18.36 -34.16 27.27
CA GLY F 228 -17.37 -34.30 26.20
C GLY F 228 -17.52 -33.35 25.03
N LYS F 229 -18.66 -32.68 24.91
CA LYS F 229 -18.84 -31.67 23.86
C LYS F 229 -18.20 -30.37 24.31
N PHE F 230 -18.06 -30.21 25.61
CA PHE F 230 -17.54 -28.97 26.16
C PHE F 230 -16.01 -28.88 26.08
N GLN F 231 -15.56 -27.69 25.69
CA GLN F 231 -14.17 -27.44 25.34
C GLN F 231 -13.41 -26.81 26.47
N THR F 232 -14.10 -26.16 27.40
CA THR F 232 -13.45 -25.51 28.56
C THR F 232 -13.61 -26.35 29.83
N ALA F 233 -12.60 -26.31 30.71
CA ALA F 233 -12.62 -27.08 31.97
C ALA F 233 -13.71 -26.66 32.94
N ALA F 234 -14.04 -25.36 32.93
CA ALA F 234 -15.10 -24.79 33.79
C ALA F 234 -16.48 -25.32 33.44
N GLN F 235 -16.79 -25.33 32.14
CA GLN F 235 -18.04 -25.88 31.63
C GLN F 235 -18.11 -27.38 31.94
N ARG F 236 -17.00 -28.08 31.72
CA ARG F 236 -16.90 -29.51 32.00
C ARG F 236 -17.20 -29.86 33.46
N THR F 237 -16.59 -29.12 34.39
CA THR F 237 -16.76 -29.35 35.82
C THR F 237 -18.21 -29.14 36.22
N MET F 238 -18.85 -28.16 35.59
CA MET F 238 -20.23 -27.79 35.92
C MET F 238 -21.25 -28.83 35.47
N VAL F 239 -20.95 -29.54 34.38
CA VAL F 239 -21.76 -30.68 33.94
C VAL F 239 -21.62 -31.82 34.94
N ASP F 240 -20.41 -31.99 35.50
CA ASP F 240 -20.14 -33.01 36.54
C ASP F 240 -20.88 -32.77 37.85
N GLN F 241 -21.11 -31.51 38.20
CA GLN F 241 -21.95 -31.18 39.34
C GLN F 241 -23.40 -31.56 39.06
N VAL F 242 -23.84 -31.41 37.81
CA VAL F 242 -25.16 -31.86 37.40
C VAL F 242 -25.18 -33.39 37.54
N ARG F 243 -24.20 -34.07 36.95
CA ARG F 243 -24.12 -35.54 36.94
C ARG F 243 -24.15 -36.17 38.35
N GLU F 244 -23.44 -35.54 39.28
CA GLU F 244 -23.30 -36.02 40.65
C GLU F 244 -24.49 -35.66 41.54
N SER F 245 -25.54 -35.05 40.99
CA SER F 245 -26.66 -34.58 41.81
C SER F 245 -27.54 -35.66 42.46
N ARG F 246 -27.54 -35.59 43.79
CA ARG F 246 -28.25 -36.52 44.66
C ARG F 246 -29.78 -36.45 44.45
N ASN F 247 -30.29 -35.26 44.07
CA ASN F 247 -31.72 -35.03 43.85
C ASN F 247 -31.98 -34.04 42.70
N PRO F 248 -32.02 -34.54 41.43
CA PRO F 248 -32.17 -33.66 40.25
C PRO F 248 -33.49 -32.86 40.20
N GLY F 249 -33.41 -31.61 40.61
CA GLY F 249 -34.53 -30.68 40.62
C GLY F 249 -34.18 -29.35 40.01
N ASN F 250 -34.65 -28.27 40.63
CA ASN F 250 -34.61 -26.91 40.10
C ASN F 250 -33.20 -26.35 39.81
N ALA F 251 -32.30 -26.48 40.78
CA ALA F 251 -30.88 -26.07 40.64
C ALA F 251 -30.22 -26.62 39.38
N GLU F 252 -30.46 -27.92 39.11
CA GLU F 252 -29.90 -28.66 37.97
C GLU F 252 -30.55 -28.19 36.67
N PHE F 253 -31.83 -27.83 36.75
CA PHE F 253 -32.50 -27.21 35.61
C PHE F 253 -31.83 -25.88 35.30
N GLU F 254 -31.60 -25.09 36.36
CA GLU F 254 -30.94 -23.77 36.26
C GLU F 254 -29.48 -23.85 35.78
N ASP F 255 -28.77 -24.90 36.19
CA ASP F 255 -27.38 -25.10 35.77
C ASP F 255 -27.28 -25.51 34.30
N LEU F 256 -28.20 -26.36 33.85
CA LEU F 256 -28.28 -26.76 32.45
C LEU F 256 -28.62 -25.60 31.52
N ILE F 257 -29.63 -24.82 31.89
CA ILE F 257 -30.03 -23.59 31.18
C ILE F 257 -28.85 -22.62 31.02
N PHE F 258 -28.10 -22.41 32.11
CA PHE F 258 -26.84 -21.65 32.15
C PHE F 258 -25.78 -22.29 31.23
N LEU F 259 -25.66 -23.62 31.27
CA LEU F 259 -24.69 -24.30 30.42
C LEU F 259 -25.02 -24.18 28.93
N ALA F 260 -26.31 -24.21 28.60
CA ALA F 260 -26.78 -24.03 27.22
C ALA F 260 -26.47 -22.62 26.74
N ARG F 261 -26.77 -21.64 27.59
CA ARG F 261 -26.48 -20.23 27.32
C ARG F 261 -24.97 -19.97 27.06
N SER F 262 -24.11 -20.60 27.87
CA SER F 262 -22.67 -20.51 27.67
C SER F 262 -22.19 -21.16 26.37
N ALA F 263 -22.90 -22.21 25.94
CA ALA F 263 -22.59 -22.88 24.68
C ALA F 263 -22.78 -21.99 23.43
N LEU F 264 -23.51 -20.88 23.60
CA LEU F 264 -23.69 -19.87 22.55
C LEU F 264 -22.40 -19.10 22.22
N ILE F 265 -21.62 -18.77 23.26
CA ILE F 265 -20.36 -18.05 23.10
C ILE F 265 -19.19 -19.04 23.12
N LEU F 266 -19.02 -19.71 24.27
CA LEU F 266 -18.05 -20.79 24.45
C LEU F 266 -18.67 -22.09 23.94
N ARG F 267 -18.55 -22.20 22.61
CA ARG F 267 -19.22 -23.17 21.80
C ARG F 267 -18.79 -24.59 22.05
N GLY F 268 -19.75 -25.50 22.03
CA GLY F 268 -19.45 -26.91 22.23
C GLY F 268 -18.86 -27.51 20.97
N SER F 269 -18.28 -28.69 21.12
CA SER F 269 -17.77 -29.43 19.98
C SER F 269 -18.80 -30.40 19.48
N VAL F 270 -19.14 -30.26 18.22
CA VAL F 270 -20.28 -30.95 17.62
C VAL F 270 -19.84 -31.43 16.24
N ALA F 271 -19.98 -32.75 16.02
CA ALA F 271 -19.69 -33.40 14.73
C ALA F 271 -20.64 -32.98 13.60
N HIS F 272 -20.03 -32.56 12.49
CA HIS F 272 -20.73 -32.27 11.25
C HIS F 272 -20.31 -33.36 10.27
N LYS F 273 -21.29 -34.14 9.80
CA LYS F 273 -21.04 -35.18 8.81
C LYS F 273 -21.89 -34.89 7.60
N SER F 274 -21.29 -34.96 6.40
CA SER F 274 -22.03 -34.79 5.14
C SER F 274 -22.74 -36.08 4.67
N CYS F 275 -24.03 -36.17 4.97
CA CYS F 275 -24.84 -37.36 4.69
C CYS F 275 -25.90 -37.04 3.64
N LEU F 276 -25.74 -37.65 2.47
CA LEU F 276 -26.52 -37.34 1.28
C LEU F 276 -27.70 -38.33 1.10
N PRO F 277 -28.73 -37.96 0.29
CA PRO F 277 -29.82 -38.91 0.02
C PRO F 277 -29.33 -40.25 -0.58
N ALA F 278 -30.04 -41.35 -0.29
CA ALA F 278 -29.70 -42.68 -0.83
C ALA F 278 -29.71 -42.78 -2.37
N CYS F 279 -30.54 -41.97 -3.03
CA CYS F 279 -30.54 -41.91 -4.47
C CYS F 279 -29.20 -41.44 -5.01
N VAL F 280 -28.55 -40.52 -4.29
CA VAL F 280 -27.23 -40.01 -4.67
C VAL F 280 -26.21 -41.15 -4.69
N TYR F 281 -26.22 -41.99 -3.64
CA TYR F 281 -25.30 -43.15 -3.53
C TYR F 281 -25.65 -44.27 -4.51
N GLY F 282 -26.95 -44.47 -4.72
CA GLY F 282 -27.45 -45.47 -5.65
C GLY F 282 -27.14 -45.17 -7.11
N SER F 283 -27.10 -43.88 -7.44
CA SER F 283 -26.78 -43.43 -8.81
C SER F 283 -25.28 -43.55 -9.14
N ALA F 284 -24.42 -43.46 -8.13
CA ALA F 284 -22.99 -43.71 -8.31
C ALA F 284 -22.70 -45.22 -8.40
N VAL F 285 -23.41 -46.02 -7.61
CA VAL F 285 -23.28 -47.49 -7.62
C VAL F 285 -23.96 -48.10 -8.87
N ALA F 286 -24.99 -47.44 -9.39
CA ALA F 286 -25.58 -47.79 -10.70
C ALA F 286 -24.57 -47.52 -11.81
N SER F 287 -23.77 -46.46 -11.63
CA SER F 287 -22.70 -46.07 -12.55
C SER F 287 -21.37 -46.82 -12.28
N GLY F 288 -21.47 -47.97 -11.62
CA GLY F 288 -20.33 -48.84 -11.34
C GLY F 288 -19.19 -48.27 -10.51
N TYR F 289 -19.42 -47.16 -9.79
CA TYR F 289 -18.40 -46.58 -8.92
C TYR F 289 -18.23 -47.38 -7.62
N ASP F 290 -17.00 -47.87 -7.41
CA ASP F 290 -16.69 -48.81 -6.35
C ASP F 290 -16.19 -48.14 -5.05
N PHE F 291 -17.12 -48.01 -4.11
CA PHE F 291 -16.91 -47.28 -2.84
C PHE F 291 -15.97 -47.98 -1.86
N GLU F 292 -16.09 -49.30 -1.77
CA GLU F 292 -15.19 -50.10 -0.94
C GLU F 292 -13.75 -50.08 -1.46
N ARG F 293 -13.60 -50.03 -2.79
CA ARG F 293 -12.31 -49.85 -3.44
C ARG F 293 -11.73 -48.47 -3.16
N GLU F 294 -12.40 -47.43 -3.66
CA GLU F 294 -11.88 -46.06 -3.64
C GLU F 294 -11.79 -45.42 -2.25
N GLY F 295 -12.64 -45.87 -1.32
CA GLY F 295 -12.76 -45.25 -0.02
C GLY F 295 -13.78 -44.12 -0.03
N TYR F 296 -14.14 -43.66 1.17
CA TYR F 296 -15.08 -42.57 1.36
C TYR F 296 -14.89 -41.87 2.70
N SER F 297 -15.00 -40.54 2.68
CA SER F 297 -15.03 -39.72 3.88
C SER F 297 -16.33 -38.92 3.99
N LEU F 298 -16.83 -38.77 5.21
CA LEU F 298 -18.00 -37.93 5.46
C LEU F 298 -17.59 -36.46 5.68
N VAL F 299 -16.30 -36.24 6.00
CA VAL F 299 -15.75 -34.88 6.23
C VAL F 299 -14.69 -34.47 5.20
N GLY F 300 -14.42 -35.37 4.25
CA GLY F 300 -13.44 -35.15 3.18
C GLY F 300 -14.02 -34.51 1.94
N ILE F 301 -13.30 -34.65 0.83
CA ILE F 301 -13.73 -34.06 -0.46
C ILE F 301 -14.88 -34.86 -1.10
N ASP F 302 -14.93 -36.15 -0.78
CA ASP F 302 -15.79 -37.14 -1.44
C ASP F 302 -17.28 -36.78 -1.59
N PRO F 303 -17.95 -36.25 -0.53
CA PRO F 303 -19.35 -35.89 -0.73
C PRO F 303 -19.54 -34.70 -1.67
N PHE F 304 -18.66 -33.70 -1.60
CA PHE F 304 -18.66 -32.60 -2.57
C PHE F 304 -18.40 -33.10 -3.99
N ARG F 305 -17.44 -34.02 -4.11
CA ARG F 305 -17.07 -34.68 -5.36
C ARG F 305 -18.26 -35.45 -5.93
N LEU F 306 -18.92 -36.23 -5.08
CA LEU F 306 -20.08 -37.00 -5.48
C LEU F 306 -21.24 -36.11 -5.93
N LEU F 307 -21.46 -34.99 -5.24
CA LEU F 307 -22.54 -34.06 -5.59
C LEU F 307 -22.35 -33.34 -6.93
N GLN F 308 -21.13 -32.85 -7.22
CA GLN F 308 -20.79 -32.23 -8.52
C GLN F 308 -21.12 -33.10 -9.72
N ASN F 309 -20.91 -34.41 -9.60
CA ASN F 309 -21.20 -35.38 -10.65
C ASN F 309 -22.63 -35.88 -10.61
N SER F 310 -23.36 -35.58 -9.54
CA SER F 310 -24.67 -36.19 -9.30
C SER F 310 -25.85 -35.48 -9.95
N GLN F 311 -26.97 -36.20 -10.03
CA GLN F 311 -28.19 -35.73 -10.67
C GLN F 311 -29.36 -36.09 -9.74
N VAL F 312 -30.02 -35.06 -9.22
CA VAL F 312 -31.04 -35.19 -8.17
C VAL F 312 -32.21 -34.27 -8.55
N TYR F 313 -33.41 -34.83 -8.60
CA TYR F 313 -34.63 -34.05 -8.92
C TYR F 313 -35.55 -33.89 -7.73
N SER F 314 -36.35 -32.83 -7.75
CA SER F 314 -37.38 -32.62 -6.72
C SER F 314 -38.67 -32.02 -7.24
N LEU F 315 -39.77 -32.51 -6.67
CA LEU F 315 -41.07 -31.93 -6.94
C LEU F 315 -41.08 -30.56 -6.33
N ILE F 316 -41.65 -29.63 -7.07
CA ILE F 316 -41.64 -28.21 -6.72
C ILE F 316 -43.07 -27.70 -6.94
N ARG F 317 -43.62 -27.12 -5.86
CA ARG F 317 -44.93 -26.48 -5.90
C ARG F 317 -44.84 -25.20 -6.75
N PRO F 318 -45.93 -24.82 -7.46
CA PRO F 318 -45.91 -23.63 -8.35
C PRO F 318 -45.52 -22.27 -7.70
N ASN F 319 -45.70 -22.12 -6.38
CA ASN F 319 -45.23 -20.93 -5.63
C ASN F 319 -43.78 -21.04 -5.14
N GLU F 320 -43.19 -22.22 -5.29
CA GLU F 320 -41.83 -22.51 -4.80
C GLU F 320 -40.77 -22.21 -5.85
N ASN F 321 -39.75 -21.45 -5.43
CA ASN F 321 -38.55 -21.18 -6.23
C ASN F 321 -37.65 -22.43 -6.23
N PRO F 322 -37.26 -22.92 -7.42
CA PRO F 322 -36.36 -24.08 -7.54
C PRO F 322 -35.00 -23.88 -6.85
N ALA F 323 -34.46 -22.67 -6.97
CA ALA F 323 -33.19 -22.29 -6.36
C ALA F 323 -33.24 -22.34 -4.84
N HIS F 324 -34.41 -22.04 -4.27
CA HIS F 324 -34.56 -22.05 -2.82
C HIS F 324 -34.69 -23.47 -2.23
N LYS F 325 -35.44 -24.34 -2.91
CA LYS F 325 -35.53 -25.75 -2.56
C LYS F 325 -34.12 -26.31 -2.56
N SER F 326 -33.39 -26.07 -3.64
CA SER F 326 -32.01 -26.57 -3.79
C SER F 326 -30.97 -25.95 -2.83
N GLN F 327 -31.28 -24.80 -2.22
CA GLN F 327 -30.42 -24.25 -1.17
C GLN F 327 -30.58 -25.09 0.06
N LEU F 328 -31.84 -25.38 0.38
CA LEU F 328 -32.24 -26.17 1.55
C LEU F 328 -31.62 -27.56 1.51
N VAL F 329 -31.82 -28.31 0.42
CA VAL F 329 -31.21 -29.64 0.31
C VAL F 329 -29.67 -29.60 0.45
N TRP F 330 -29.06 -28.64 -0.24
CA TRP F 330 -27.61 -28.44 -0.21
C TRP F 330 -27.10 -28.30 1.23
N MET F 331 -27.70 -27.41 2.01
CA MET F 331 -27.31 -27.18 3.42
C MET F 331 -27.46 -28.44 4.26
N ALA F 332 -28.55 -29.19 4.03
CA ALA F 332 -28.84 -30.43 4.74
C ALA F 332 -27.81 -31.50 4.38
N CYS F 333 -27.46 -31.54 3.10
CA CYS F 333 -26.39 -32.41 2.58
C CYS F 333 -25.06 -32.21 3.30
N HIS F 334 -24.80 -31.00 3.81
CA HIS F 334 -23.52 -30.66 4.43
C HIS F 334 -23.59 -30.30 5.91
N SER F 335 -24.70 -30.62 6.58
CA SER F 335 -24.91 -30.36 8.03
C SER F 335 -24.81 -28.86 8.39
N ALA F 336 -25.27 -28.03 7.46
CA ALA F 336 -24.92 -26.61 7.44
C ALA F 336 -26.06 -25.66 7.85
N ALA F 337 -27.08 -26.18 8.51
CA ALA F 337 -28.21 -25.37 8.95
C ALA F 337 -27.79 -24.16 9.81
N PHE F 338 -26.89 -24.36 10.77
CA PHE F 338 -26.52 -23.28 11.72
C PHE F 338 -25.19 -22.57 11.42
N GLU F 339 -24.59 -22.95 10.29
CA GLU F 339 -23.41 -22.32 9.76
C GLU F 339 -23.72 -20.91 9.27
N ASP F 340 -22.78 -20.00 9.58
CA ASP F 340 -22.68 -18.64 9.03
C ASP F 340 -22.99 -18.65 7.54
N LEU F 341 -23.98 -17.84 7.18
CA LEU F 341 -24.42 -17.74 5.80
C LEU F 341 -23.29 -17.21 4.92
N ARG F 342 -22.53 -16.24 5.41
CA ARG F 342 -21.33 -15.72 4.72
C ARG F 342 -20.42 -16.85 4.22
N VAL F 343 -20.18 -17.83 5.09
CA VAL F 343 -19.30 -18.97 4.82
C VAL F 343 -19.98 -19.96 3.87
N SER F 344 -21.26 -20.24 4.08
CA SER F 344 -21.98 -21.20 3.24
C SER F 344 -22.03 -20.68 1.79
N SER F 345 -22.36 -19.38 1.67
CA SER F 345 -22.41 -18.63 0.40
C SER F 345 -21.10 -18.68 -0.37
N PHE F 346 -20.00 -18.49 0.35
CA PHE F 346 -18.66 -18.53 -0.22
C PHE F 346 -18.30 -19.91 -0.75
N ILE F 347 -18.72 -20.96 -0.03
CA ILE F 347 -18.40 -22.34 -0.40
C ILE F 347 -19.26 -22.82 -1.59
N ARG F 348 -20.53 -22.44 -1.59
CA ARG F 348 -21.41 -22.75 -2.70
C ARG F 348 -21.19 -21.86 -3.94
N GLY F 349 -20.92 -20.59 -3.72
CA GLY F 349 -20.73 -19.64 -4.82
C GLY F 349 -21.92 -18.71 -4.88
N THR F 350 -23.06 -19.27 -5.28
CA THR F 350 -24.33 -18.51 -5.26
C THR F 350 -24.71 -18.25 -3.79
N LYS F 351 -25.48 -17.20 -3.53
CA LYS F 351 -25.78 -16.78 -2.15
C LYS F 351 -26.74 -17.75 -1.44
N VAL F 352 -26.54 -17.86 -0.12
CA VAL F 352 -27.31 -18.71 0.79
C VAL F 352 -28.12 -17.78 1.71
N VAL F 353 -29.42 -17.64 1.44
CA VAL F 353 -30.28 -16.67 2.15
C VAL F 353 -30.87 -17.21 3.46
N PRO F 354 -31.29 -16.32 4.41
CA PRO F 354 -31.98 -16.74 5.66
C PRO F 354 -33.31 -17.46 5.40
N ARG F 355 -33.73 -18.30 6.36
CA ARG F 355 -34.94 -19.15 6.23
C ARG F 355 -36.21 -18.35 5.92
N GLY F 356 -36.25 -17.11 6.41
CA GLY F 356 -37.37 -16.19 6.19
C GLY F 356 -37.45 -15.58 4.80
N LYS F 357 -36.40 -15.72 3.98
CA LYS F 357 -36.43 -15.25 2.61
C LYS F 357 -36.60 -16.41 1.62
N LEU F 358 -36.63 -17.65 2.14
CA LEU F 358 -36.78 -18.85 1.30
C LEU F 358 -38.22 -19.06 0.90
N SER F 359 -38.41 -19.63 -0.29
CA SER F 359 -39.74 -19.96 -0.81
C SER F 359 -39.96 -21.46 -0.96
N THR F 360 -39.92 -22.18 0.17
CA THR F 360 -40.15 -23.62 0.21
C THR F 360 -40.82 -23.98 1.54
N ARG F 361 -41.69 -25.00 1.50
CA ARG F 361 -42.35 -25.49 2.71
C ARG F 361 -41.85 -26.90 3.08
N GLY F 362 -40.74 -27.28 2.47
CA GLY F 362 -40.12 -28.57 2.73
C GLY F 362 -40.05 -29.47 1.52
N VAL F 363 -39.26 -30.53 1.65
CA VAL F 363 -39.02 -31.47 0.57
C VAL F 363 -40.16 -32.51 0.46
N GLN F 364 -40.64 -33.00 1.61
CA GLN F 364 -41.77 -33.90 1.67
C GLN F 364 -43.03 -33.17 1.20
N ILE F 365 -43.98 -33.92 0.62
CA ILE F 365 -45.28 -33.36 0.20
C ILE F 365 -46.44 -33.91 1.06
N ALA F 366 -47.21 -33.00 1.65
CA ALA F 366 -48.41 -33.33 2.43
C ALA F 366 -49.41 -34.10 1.58
N SER F 367 -50.11 -35.05 2.20
CA SER F 367 -51.07 -35.92 1.49
C SER F 367 -52.36 -35.20 1.00
N ASN F 368 -52.60 -33.98 1.49
CA ASN F 368 -53.72 -33.15 1.03
C ASN F 368 -53.36 -32.23 -0.16
N GLU F 369 -52.09 -32.22 -0.54
CA GLU F 369 -51.62 -31.36 -1.64
C GLU F 369 -51.98 -31.95 -3.00
N ASN F 370 -52.35 -31.08 -3.93
CA ASN F 370 -52.81 -31.49 -5.25
C ASN F 370 -51.70 -31.64 -6.31
N MET F 371 -51.62 -32.83 -6.90
CA MET F 371 -50.51 -33.25 -7.75
C MET F 371 -50.63 -32.73 -9.19
N GLU F 372 -51.80 -32.24 -9.55
CA GLU F 372 -52.07 -31.79 -10.91
C GLU F 372 -51.24 -30.57 -11.27
N THR F 373 -51.25 -29.54 -10.41
CA THR F 373 -50.42 -28.33 -10.60
C THR F 373 -48.94 -28.50 -10.20
N MET F 374 -48.56 -29.73 -9.83
CA MET F 374 -47.20 -30.06 -9.40
C MET F 374 -46.31 -30.34 -10.60
N GLU F 375 -45.16 -29.67 -10.59
CA GLU F 375 -44.08 -29.82 -11.57
C GLU F 375 -42.79 -30.26 -10.84
N SER F 376 -41.71 -30.48 -11.60
CA SER F 376 -40.42 -30.93 -11.03
C SER F 376 -39.23 -30.43 -11.83
N SER F 377 -38.09 -30.26 -11.15
CA SER F 377 -36.82 -29.90 -11.81
C SER F 377 -35.56 -30.36 -11.05
N THR F 378 -34.40 -30.08 -11.64
CA THR F 378 -33.09 -30.52 -11.13
C THR F 378 -32.58 -29.58 -10.03
N LEU F 379 -32.21 -30.15 -8.89
CA LEU F 379 -31.69 -29.39 -7.76
C LEU F 379 -30.22 -29.07 -7.95
N GLU F 380 -29.90 -27.79 -7.72
CA GLU F 380 -28.54 -27.30 -7.84
C GLU F 380 -27.75 -27.70 -6.60
N LEU F 381 -27.18 -28.90 -6.63
CA LEU F 381 -26.46 -29.40 -5.46
C LEU F 381 -24.96 -29.12 -5.49
N ARG F 382 -24.49 -28.50 -6.58
CA ARG F 382 -23.07 -28.21 -6.78
C ARG F 382 -22.62 -27.03 -5.92
N SER F 383 -21.31 -26.83 -5.85
CA SER F 383 -20.70 -25.68 -5.16
C SER F 383 -19.43 -25.20 -5.88
N ARG F 384 -19.09 -23.92 -5.68
CA ARG F 384 -17.89 -23.33 -6.28
C ARG F 384 -16.59 -23.89 -5.66
N TYR F 385 -16.54 -23.96 -4.33
CA TYR F 385 -15.43 -24.56 -3.60
C TYR F 385 -15.89 -25.72 -2.73
N TRP F 386 -14.93 -26.43 -2.13
CA TRP F 386 -15.19 -27.37 -1.03
C TRP F 386 -14.35 -27.02 0.23
N ALA F 387 -14.77 -27.53 1.39
CA ALA F 387 -14.10 -27.26 2.67
C ALA F 387 -14.25 -28.46 3.60
N ILE F 388 -13.31 -28.60 4.53
CA ILE F 388 -13.35 -29.69 5.52
C ILE F 388 -14.45 -29.41 6.57
N ARG F 389 -15.10 -30.47 7.09
CA ARG F 389 -16.05 -30.23 8.19
C ARG F 389 -15.42 -30.57 9.53
N THR F 390 -15.38 -29.60 10.42
CA THR F 390 -14.87 -29.81 11.79
C THR F 390 -15.83 -30.47 12.74
N ARG F 391 -15.24 -31.02 13.79
CA ARG F 391 -15.96 -31.36 15.01
C ARG F 391 -15.93 -30.18 15.99
N SER F 392 -14.93 -29.29 15.85
CA SER F 392 -14.76 -28.23 16.85
C SER F 392 -15.65 -27.00 16.65
N GLY F 393 -15.86 -26.25 17.73
CA GLY F 393 -16.59 -24.99 17.68
C GLY F 393 -15.74 -23.73 17.80
N GLY F 394 -14.45 -23.88 17.49
CA GLY F 394 -13.47 -22.79 17.40
C GLY F 394 -13.22 -21.92 18.61
N ASN F 395 -12.41 -22.41 19.55
CA ASN F 395 -12.06 -21.66 20.77
C ASN F 395 -10.92 -20.66 20.50
N THR F 396 -11.12 -19.41 20.93
CA THR F 396 -10.09 -18.36 20.84
C THR F 396 -9.81 -17.73 22.20
N SER F 403 0.51 -20.31 27.84
CA SER F 403 1.79 -19.60 28.06
C SER F 403 1.98 -18.38 27.14
N GLY F 404 2.99 -17.54 27.43
CA GLY F 404 3.21 -16.24 26.74
C GLY F 404 2.44 -15.06 27.33
N GLN F 405 2.78 -13.83 26.92
CA GLN F 405 2.23 -12.62 27.59
C GLN F 405 0.70 -12.46 27.65
N ILE F 406 0.23 -11.95 28.77
CA ILE F 406 -1.17 -12.02 29.20
C ILE F 406 -1.68 -10.61 29.41
N SER F 407 -0.76 -9.65 29.24
CA SER F 407 -0.99 -8.23 29.46
C SER F 407 -0.04 -7.38 28.63
N ILE F 408 -0.29 -6.07 28.66
CA ILE F 408 0.47 -5.08 27.93
C ILE F 408 1.09 -4.12 28.92
N GLN F 409 2.21 -3.53 28.54
CA GLN F 409 2.81 -2.44 29.32
C GLN F 409 3.02 -1.22 28.41
N PRO F 410 2.19 -0.20 28.59
CA PRO F 410 2.19 0.89 27.63
C PRO F 410 3.52 1.65 27.60
N THR F 411 3.98 1.86 26.37
CA THR F 411 5.16 2.64 26.07
C THR F 411 4.73 4.03 25.62
N PHE F 412 3.73 4.11 24.75
CA PHE F 412 3.36 5.39 24.17
C PHE F 412 2.18 6.03 24.87
N SER F 413 2.29 7.32 25.13
CA SER F 413 1.19 8.15 25.62
C SER F 413 0.14 8.39 24.50
N VAL F 414 -0.76 7.43 24.35
CA VAL F 414 -1.74 7.35 23.25
C VAL F 414 -3.04 6.82 23.85
N GLN F 415 -4.16 7.38 23.41
CA GLN F 415 -5.48 6.99 23.90
C GLN F 415 -5.88 5.64 23.38
N ARG F 416 -6.09 4.72 24.32
CA ARG F 416 -6.48 3.34 24.04
C ARG F 416 -6.91 2.58 25.30
N ASN F 417 -7.58 1.45 25.06
CA ASN F 417 -7.77 0.41 26.05
C ASN F 417 -6.40 -0.24 26.26
N LEU F 418 -6.17 -0.77 27.46
CA LEU F 418 -4.93 -1.45 27.81
C LEU F 418 -5.19 -2.92 28.05
N PRO F 419 -5.18 -3.74 26.97
CA PRO F 419 -5.57 -5.16 27.02
C PRO F 419 -4.88 -5.95 28.11
N PHE F 420 -5.68 -6.81 28.75
CA PHE F 420 -5.19 -7.87 29.62
C PHE F 420 -6.14 -9.06 29.51
N ASP F 421 -5.60 -10.26 29.72
CA ASP F 421 -6.37 -11.50 29.69
C ASP F 421 -7.12 -11.73 31.04
N ARG F 422 -8.30 -11.12 31.18
CA ARG F 422 -9.08 -11.11 32.43
C ARG F 422 -9.48 -12.49 33.02
N PRO F 423 -9.93 -13.47 32.18
CA PRO F 423 -10.11 -14.83 32.70
C PRO F 423 -8.87 -15.41 33.36
N THR F 424 -7.73 -15.38 32.68
CA THR F 424 -6.50 -15.99 33.19
C THR F 424 -5.95 -15.33 34.47
N ILE F 425 -5.86 -14.01 34.51
CA ILE F 425 -5.34 -13.32 35.70
C ILE F 425 -6.26 -13.57 36.89
N MET F 426 -7.54 -13.22 36.75
CA MET F 426 -8.52 -13.33 37.85
C MET F 426 -8.80 -14.77 38.32
N ALA F 427 -8.22 -15.77 37.64
CA ALA F 427 -8.43 -17.18 37.96
C ALA F 427 -7.83 -17.64 39.30
N ALA F 428 -7.08 -16.75 39.96
CA ALA F 428 -6.51 -17.02 41.29
C ALA F 428 -7.48 -16.75 42.47
N SER F 438 -13.21 -21.09 44.32
CA SER F 438 -13.97 -20.23 43.41
C SER F 438 -15.20 -20.95 42.86
N ASP F 439 -16.32 -20.20 42.79
CA ASP F 439 -17.58 -20.71 42.24
C ASP F 439 -17.54 -20.85 40.71
N MET F 440 -18.09 -21.95 40.20
CA MET F 440 -17.96 -22.33 38.79
C MET F 440 -18.70 -21.44 37.77
N ARG F 441 -19.81 -20.84 38.19
CA ARG F 441 -20.60 -19.91 37.37
C ARG F 441 -19.80 -18.69 36.95
N THR F 442 -19.16 -18.06 37.94
CA THR F 442 -18.37 -16.82 37.80
C THR F 442 -17.10 -16.97 36.94
N GLU F 443 -16.47 -18.13 37.06
CA GLU F 443 -15.40 -18.55 36.16
C GLU F 443 -15.89 -18.62 34.69
N ILE F 444 -17.12 -19.10 34.47
CA ILE F 444 -17.74 -19.22 33.13
C ILE F 444 -18.17 -17.85 32.56
N ILE F 445 -18.95 -17.09 33.34
CA ILE F 445 -19.37 -15.72 32.97
C ILE F 445 -18.16 -14.90 32.47
N ARG F 446 -17.04 -15.03 33.19
CA ARG F 446 -15.83 -14.28 32.89
C ARG F 446 -15.19 -14.65 31.55
N LEU F 447 -15.26 -15.94 31.19
CA LEU F 447 -14.73 -16.43 29.91
C LEU F 447 -15.62 -16.01 28.74
N MET F 448 -16.92 -15.86 29.02
CA MET F 448 -17.90 -15.43 28.03
C MET F 448 -17.75 -13.95 27.71
N GLU F 449 -17.51 -13.16 28.76
CA GLU F 449 -17.25 -11.70 28.69
C GLU F 449 -15.96 -11.41 27.95
N SER F 450 -15.04 -12.38 28.03
CA SER F 450 -13.72 -12.37 27.40
C SER F 450 -13.77 -12.46 25.88
N ALA F 451 -14.82 -13.12 25.37
CA ALA F 451 -14.98 -13.37 23.95
C ALA F 451 -15.75 -12.26 23.25
N ARG F 452 -15.26 -11.91 22.05
CA ARG F 452 -15.88 -10.90 21.19
C ARG F 452 -16.33 -11.59 19.91
N PRO F 453 -17.44 -11.11 19.29
CA PRO F 453 -17.88 -11.67 18.00
C PRO F 453 -16.82 -11.58 16.90
N GLU F 454 -15.85 -10.68 17.09
CA GLU F 454 -14.79 -10.43 16.11
C GLU F 454 -13.65 -11.45 16.18
N ASP F 455 -13.54 -12.17 17.31
CA ASP F 455 -12.47 -13.18 17.52
C ASP F 455 -12.45 -14.17 16.36
N VAL F 456 -11.27 -14.35 15.76
CA VAL F 456 -11.12 -15.29 14.64
C VAL F 456 -10.83 -16.71 15.12
N SER F 457 -11.48 -17.68 14.49
CA SER F 457 -11.21 -19.10 14.73
C SER F 457 -10.74 -19.74 13.43
N PHE F 458 -10.17 -20.95 13.55
CA PHE F 458 -9.70 -21.76 12.40
C PHE F 458 -8.61 -21.06 11.58
N GLN F 459 -7.74 -20.32 12.28
CA GLN F 459 -6.59 -19.63 11.65
C GLN F 459 -5.80 -20.55 10.75
N GLY F 460 -5.49 -20.05 9.55
CA GLY F 460 -4.74 -20.78 8.55
C GLY F 460 -5.57 -21.71 7.69
N ARG F 461 -6.75 -22.11 8.18
CA ARG F 461 -7.61 -23.09 7.48
C ARG F 461 -8.57 -22.35 6.53
N GLY F 462 -8.64 -22.82 5.29
CA GLY F 462 -9.47 -22.21 4.25
C GLY F 462 -10.15 -23.23 3.35
N VAL F 463 -10.84 -22.74 2.32
CA VAL F 463 -11.53 -23.59 1.33
C VAL F 463 -10.61 -23.99 0.17
N PHE F 464 -10.94 -25.10 -0.49
CA PHE F 464 -10.11 -25.65 -1.56
C PHE F 464 -10.88 -25.70 -2.88
N GLU F 465 -10.13 -25.59 -3.97
CA GLU F 465 -10.65 -25.83 -5.31
C GLU F 465 -11.08 -27.29 -5.40
N LEU F 466 -12.17 -27.54 -6.11
CA LEU F 466 -12.75 -28.89 -6.23
C LEU F 466 -11.84 -29.91 -6.92
N SER F 467 -10.96 -29.43 -7.78
CA SER F 467 -9.89 -30.23 -8.39
C SER F 467 -8.82 -30.61 -7.35
N ASP F 468 -8.45 -29.65 -6.50
CA ASP F 468 -7.46 -29.84 -5.43
C ASP F 468 -7.91 -30.93 -4.45
N GLU F 469 -7.64 -32.20 -4.79
CA GLU F 469 -8.21 -33.36 -4.07
C GLU F 469 -7.69 -33.55 -2.65
N LYS F 470 -6.37 -33.47 -2.48
CA LYS F 470 -5.76 -33.37 -1.15
C LYS F 470 -5.78 -31.90 -0.74
N ALA F 471 -5.68 -31.65 0.56
CA ALA F 471 -5.89 -30.30 1.10
C ALA F 471 -4.69 -29.34 0.93
N THR F 472 -4.14 -29.30 -0.28
CA THR F 472 -2.82 -28.65 -0.54
C THR F 472 -2.83 -27.11 -0.48
N SER F 473 -3.75 -26.49 -1.22
CA SER F 473 -3.77 -25.02 -1.32
C SER F 473 -5.08 -24.36 -0.83
N PRO F 474 -5.16 -24.03 0.48
CA PRO F 474 -6.29 -23.33 1.09
C PRO F 474 -6.56 -21.96 0.49
N ILE F 475 -7.81 -21.52 0.56
CA ILE F 475 -8.19 -20.16 0.19
C ILE F 475 -8.86 -19.55 1.42
N VAL F 476 -8.12 -18.66 2.08
CA VAL F 476 -8.67 -17.98 3.24
C VAL F 476 -9.57 -16.84 2.75
N PRO F 477 -10.87 -16.89 3.09
CA PRO F 477 -11.78 -15.82 2.61
C PRO F 477 -11.68 -14.52 3.43
N SER F 478 -11.75 -13.38 2.74
CA SER F 478 -11.75 -12.06 3.38
C SER F 478 -13.18 -11.51 3.37
N PHE F 479 -13.82 -11.52 4.54
CA PHE F 479 -15.28 -11.34 4.61
C PHE F 479 -15.78 -9.91 4.74
N ASP F 480 -16.82 -9.62 3.94
CA ASP F 480 -17.47 -8.31 3.75
C ASP F 480 -17.57 -7.35 4.94
N MET F 481 -17.46 -6.05 4.64
CA MET F 481 -17.70 -4.97 5.61
C MET F 481 -19.16 -5.00 6.11
N SER F 482 -20.12 -5.02 5.18
CA SER F 482 -21.55 -5.23 5.49
C SER F 482 -21.74 -6.71 5.88
N ASN F 483 -21.61 -6.98 7.18
CA ASN F 483 -21.40 -8.36 7.68
C ASN F 483 -22.55 -8.96 8.50
N GLU F 484 -23.56 -8.16 8.80
CA GLU F 484 -24.73 -8.61 9.56
C GLU F 484 -25.67 -9.53 8.75
N GLY F 485 -26.52 -10.28 9.46
CA GLY F 485 -27.43 -11.24 8.84
C GLY F 485 -26.71 -12.49 8.39
N SER F 486 -26.05 -13.14 9.33
CA SER F 486 -25.38 -14.42 9.11
C SER F 486 -26.16 -15.61 9.71
N TYR F 487 -27.25 -15.26 10.39
CA TYR F 487 -28.11 -16.19 11.07
C TYR F 487 -29.27 -16.64 10.15
N PHE F 488 -29.35 -17.95 9.91
CA PHE F 488 -30.36 -18.59 9.03
C PHE F 488 -31.75 -18.57 9.66
N PHE F 489 -31.82 -18.62 10.99
CA PHE F 489 -33.08 -18.43 11.73
C PHE F 489 -33.03 -17.18 12.59
#